data_7ZKP
#
_entry.id   7ZKP
#
_cell.length_a   1.00
_cell.length_b   1.00
_cell.length_c   1.00
_cell.angle_alpha   90.00
_cell.angle_beta   90.00
_cell.angle_gamma   90.00
#
_symmetry.space_group_name_H-M   'P 1'
#
loop_
_entity.id
_entity.type
_entity.pdbx_description
1 polymer 'Subunit NIMM of NADH:Ubiquinone Oxidoreductase (Complex I)'
2 polymer 'NADH-ubiquinone oxidoreductase chain 4L'
3 polymer 'Subunit NUPM of NADH:Ubiquinone Oxidoreductase (Complex I)'
4 polymer 'Subunit NB6M of NADH:Ubiquinone Oxidoreductase (Complex I)'
5 polymer 'NADH-ubiquinone oxidoreductase complex I, 21 kDa subunit-domain-containing protein'
6 polymer 'NADH-ubiquinone oxidoreductase chain 1'
7 polymer 'NADH dehydrogenase subunit 2'
8 polymer 'NADH-ubiquinone oxidoreductase chain 3'
9 polymer 'NADH-ubiquinone oxidoreductase chain 6'
10 polymer 'subunit NI9M of protein NADH:Ubiquinone Oxidoreductase (Complex I)'
11 polymer 'Subunit NEBM of NADH:Ubiquinone Oxidoreductase (Complex I)'
12 polymer 'Subunit NIPM of NADH:Ubiquinone Oxidoreductase (Complex I)'
13 polymer 'assembly factor CIA84'
14 polymer 'CIA30 domain-containing protein'
15 non-polymer CARDIOLIPIN
16 non-polymer 'DIUNDECYL PHOSPHATIDYL CHOLINE'
17 non-polymer 1-PALMITOYL-2-LINOLEOYL-SN-GLYCERO-3-PHOSPHOCHOLINE
18 non-polymer 1,2-Distearoyl-sn-glycerophosphoethanolamine
19 non-polymer Phosphatidylinositol
#
loop_
_entity_poly.entity_id
_entity_poly.type
_entity_poly.pdbx_seq_one_letter_code
_entity_poly.pdbx_strand_id
1 'polypeptide(L)'
;MAIPFEALLPYGIIFGLLTAGGGAMQVLHVYRNGGVRDRFAIDQWDSQMMERDLRLNGGQGRKQVDQATAPEAFKHNHVW
KSERPLI
;
D
2 'polypeptide(L)'
;(FME)FIGTIILVLSFLGFVFNRRNIILAFICLETMLLGINLILLRNSVLFDDISGSLFAIVIIILAGVESAIGLSLLVS
YYRLRGVINSYGI
;
L
3 'polypeptide(L)'
;MPREAAAHWVPFEDKANMPDNVPDVVEVGATSAPLLSASYFIGAKCKPYNDDFMLCREESQGSGAIDCLKEGRRVTRCAV
SVIEDINKSCLDEFRLHWQCLEQNNHQLSGCRKAEALLNKCVFTKLNLEKKIPGLRPDEEPVFLKKDPWIKPAVDDFKSV
RAYAEAKKNGTL
;
U
4 'polypeptide(L)'
;MPSVGQDLPPVGGYEPVQWRRNLPARGFRPLVYLAALCGICGYGFYRALGGIQERRELKREKLWARIYLMPLLQAEEDRQ
TVRRSIAQLEREKEIMKGTGFDVDKSVYNDGKFHAPALMIPPK
;
W
5 'polypeptide(L)'
;MSSSTPLVKTSVNYSYGDYPLIDADPHFKRVVGYMRPSDYGVIGLATAALPAGICFAEWLDPVKGKFARPSVKFLRVATM
LGFAVGFGAAYARSSLRFFGVTENAREYKKDEAQMAARKAAGLEPYGTSSLTPELQEIAAKNSAHSIAGLFIFPWFNFVN
HPYHGREQK
;
X
6 'polypeptide(L)'
;(FME)IINIVEILIFLVCVLFSVAYLTVAERKTLAYMQRRLGPNFVGYYGLLQAFADAVKLLLKEIVLPKESNYIILVIS
PLITLITALIGWVVIPLGPGITLGELNLGILFSLAIGSLGVFGSLLSGWSSNSKYSLLGSIRSTAQLISYELILTSIFII
IIMFVSSLNITTIIETQRVVWYCIPLLPLLLIFFIASVAETARPPFDLTESESELVAGYFTEYSGSPFVFFFLAEYSNII
LISAFNGYLLLGGYLSFNYSYLFNILFNDYSYVSFLFEGLINSSAYAIKLVFLMFSFIWVRAAFPRFTYDNLINFCWIIL
LPLLFGIFLIIPSTLYIFDSFPTLI
;
1
7 'polypeptide(L)'
;(FME)LILAIISLITFVSMSKLSDNRAIIRLINIYLILVLVLDSFLYLLFLNNQTYTVMGELLIFNSFTFYIDMLIYFIM
IVISSLYGYNLYNNNLYKTLFEPKKELIILFLINILGALLIVHSNDFITLFVAIELQSYSIYLITAIYNSSYKASKASML
YFFMGGILSILIAYSINTYYSVLNSYTLHSLDSLIINTLDLNLILIALSLGLLFKIGIAPLHKWLISIYENTPILITIYI
SLIPKISILSYLVLSNISINSLVISILAILTLLVGSVGGLLQIKIKRLLAFSGLTNAGYMMLLLLLNNNEFSYLYYITQY
SISHLAIFMIIIFSIYYINYINNQYNPIIYVNQLKGLIHDNAYLVLSMAIVVFSFIGIPPLLGFFGKLNILMSILNNGYY
FISIVLIVASLISALYYLYLLNVSIQDKNNILINSNETVSSVLSYILSSLIILITFGFIYNSLIIDIFNVYFN
;
2
8 'polypeptide(L)'
;(FME)NTFIIFIILIPIVGFALLAVNILLAVYKPYNEKLGAFECGLTSFNQTRLAFNAAFILVAILFLPFDLEISTLLPY
VMSIYLVSNYGFTIVLLFLLILIIGFVYEINTNALKINKHNKPNTDSLIYKL
;
3
9 'polypeptide(L)'
;(FME)MYLTYYFIEITIFLAILCTIFIISAKNPMVSILYMIALFVIAAMYLYLIGLGIFSLLYIMIYIGAIAVLFLFIIT
LLDINSTELSVKSNIRDLPLVLISLIVLTISGLMIYSNDSILINKLLEAFGNDYNTIITQDWFNIENTTLLTTIGNVLLT
NNAFILLVLAIVLLLGIIGPISITMKHKE
;
6
10 'polypeptide(L)' MINANPGFWNGPFRYLRWSAHNRPHLFFAFAIGIAGPVAALTLTPLRRKYLYPDHSPLPQSYPLPQRAREQLTGFDDE g
11 'polypeptide(L)' MALFTSLVGASGLGFATKFLSNKIRLKPAGYYPLGYVFSGVAWAGLGLVLHNVHQHSLEVLEKKKTALSEQRTE b
12 'polypeptide(L)'
;MTAAGISLTGGRNRCFSEWQSFMHCTAKTDAKSRAQCLPNFEDYMECLHHTKEKARLREIESVLKQKKEGLEAPPVKVIP
VKAIGLVEE
;
9
13 'polypeptide(L)'
;MPKNALLRSARQVAISRVFATSRASHVVSHAPILASVRPRSNPAPYRRNFSSSRALRNDYGLDTAERSLKESLVPFNGAP
VDRKVVRDQLMELISVSPGQVFPISVIPVVKSAYYELFRENERVLSAGDTKTLFGAVAGNNPEDVQDLPFVLAVYHQAEQ
AAETNRDSRDNILLLGKYFLFQDRLDNFWKLLEAQIKTHDDVDAGFVKQLLELISVDPHLTLGNVARVLQLKTDNHVSSS
DELRNALSATLEQLYYKENEGSEFFLSLVENHILDSKDFTPSDSVVAMILNTCVNEGREDLGQSVLRNVVSRVGNLSPGQ
EDPQNCWGFWSSVAMDLHGSKTDVKAFISRLEALPHRTKATWDILIRYAVFKADLAGRNDLLQVRALLAEMQKVGFEPDA
ETYFDAYRSSKSIKPDVVHLFEAELDIEKDTSIFAIEMDKALKNHDTLEALSIFYESFEQGAQWENKRLHMEAMTELLIQ
YAGLNDTSVADILQLVQRIEPICAQGRIPYSAETAIAQNVLQRHSDTANFYTFMNRQYGNTADKVTKQDPQIRPHTYQVI
HDYIYSCESERADLAWEMYGLLHKFYVVPFADYYKAIKFFAQDVKRQDYALLTFQQIRKNHDLHGQPAATSEMVAFLFHE
FAKTKYKRGIKRLHEVVALETSFDVNRDVLNEMMAAYVSVEDLNRVQDCWAQLQQLPPSIGANNRSVDVLLSYFKDNIHY
TERTWQGIPEFGLLPTLENYEQYLINNCRTGNYRRALEITKNMEIDSGLKPTAKIIAAVYNYTFTEQRKLEVEQWAEKAH
PEMWLELKEGDKLKSLCLPANSDNDNVESLLKQASADMDEEMSGGIVKVESV
;
C
14 'polypeptide(L)'
;MSFLTKALGGLKRLRPTETTEQVLVNFTKPNSLETVLTKCDEELGGYSTVNLALERPTTGKPYGRFFGNLSLDLPKDNKM
VTRSGFAMFRTLDQPSSMFKTNAWNWEQYRHLELRVRGDRRKYFVNVQSATPLASDLYQHRLFIQTPGEWETVVIPIDDF
ILTNKGVVQEQMAMDTANVYTVGIGLIDRQYGPYNLDIEYIKAVAHPPLEFKPKKEYEVEKETILLTPGQPMELGKGKVK
ELEENLYFQGAEAAAKEAAAKAWSHPQFEKGGGSGGGSGGSAWSHPQFEK
;
A
#
# COMPACT_ATOMS: atom_id res chain seq x y z
N ALA A 2 41.84 -18.67 -35.05
CA ALA A 2 41.71 -17.58 -36.01
C ALA A 2 40.42 -16.81 -35.78
N ILE A 3 40.42 -15.53 -36.17
CA ILE A 3 39.25 -14.67 -36.01
C ILE A 3 38.25 -14.96 -37.14
N PRO A 4 37.01 -15.29 -36.82
CA PRO A 4 36.00 -15.54 -37.86
C PRO A 4 35.52 -14.24 -38.48
N PHE A 5 35.94 -14.00 -39.73
CA PHE A 5 35.54 -12.77 -40.41
C PHE A 5 34.07 -12.83 -40.84
N GLU A 6 33.58 -14.02 -41.22
CA GLU A 6 32.17 -14.14 -41.60
C GLU A 6 31.25 -13.87 -40.41
N ALA A 7 31.66 -14.27 -39.21
CA ALA A 7 30.85 -14.00 -38.02
C ALA A 7 30.81 -12.50 -37.70
N LEU A 8 31.90 -11.80 -37.96
CA LEU A 8 31.98 -10.36 -37.66
C LEU A 8 31.53 -9.48 -38.82
N LEU A 9 31.22 -10.06 -39.98
CA LEU A 9 30.80 -9.24 -41.12
C LEU A 9 29.53 -8.43 -40.84
N PRO A 10 28.42 -9.01 -40.37
CA PRO A 10 27.24 -8.17 -40.11
C PRO A 10 27.45 -7.17 -38.99
N TYR A 11 28.31 -7.48 -38.00
CA TYR A 11 28.66 -6.50 -37.00
C TYR A 11 29.34 -5.28 -37.65
N GLY A 12 30.26 -5.54 -38.59
CA GLY A 12 30.89 -4.45 -39.30
C GLY A 12 29.90 -3.68 -40.17
N ILE A 13 28.93 -4.39 -40.75
CA ILE A 13 27.90 -3.72 -41.55
C ILE A 13 27.09 -2.76 -40.68
N ILE A 14 26.69 -3.22 -39.50
CA ILE A 14 25.95 -2.36 -38.57
C ILE A 14 26.81 -1.18 -38.15
N PHE A 15 28.08 -1.44 -37.85
CA PHE A 15 29.00 -0.36 -37.46
C PHE A 15 29.09 0.70 -38.54
N GLY A 16 29.32 0.27 -39.79
CA GLY A 16 29.43 1.23 -40.88
C GLY A 16 28.15 1.98 -41.15
N LEU A 17 27.00 1.28 -41.08
CA LEU A 17 25.72 1.95 -41.29
C LEU A 17 25.48 3.01 -40.22
N LEU A 18 25.75 2.68 -38.97
CA LEU A 18 25.56 3.66 -37.90
C LEU A 18 26.50 4.84 -38.07
N THR A 19 27.77 4.58 -38.43
CA THR A 19 28.72 5.67 -38.62
C THR A 19 28.28 6.60 -39.74
N ALA A 20 27.88 6.02 -40.88
CA ALA A 20 27.45 6.83 -42.02
C ALA A 20 26.19 7.62 -41.68
N GLY A 21 25.23 6.98 -41.01
CA GLY A 21 24.02 7.69 -40.63
C GLY A 21 24.29 8.85 -39.69
N GLY A 22 25.16 8.64 -38.71
CA GLY A 22 25.50 9.72 -37.80
C GLY A 22 26.24 10.85 -38.49
N GLY A 23 27.16 10.53 -39.39
CA GLY A 23 27.82 11.58 -40.16
C GLY A 23 26.86 12.37 -41.02
N ALA A 24 25.93 11.67 -41.68
CA ALA A 24 24.92 12.36 -42.48
C ALA A 24 24.04 13.24 -41.62
N MET A 25 23.67 12.77 -40.43
CA MET A 25 22.86 13.57 -39.52
C MET A 25 23.61 14.81 -39.06
N GLN A 26 24.90 14.67 -38.75
CA GLN A 26 25.71 15.83 -38.38
C GLN A 26 25.77 16.84 -39.52
N VAL A 27 25.98 16.36 -40.75
CA VAL A 27 26.05 17.26 -41.90
C VAL A 27 24.72 17.98 -42.09
N LEU A 28 23.62 17.25 -41.99
CA LEU A 28 22.30 17.84 -42.17
C LEU A 28 22.00 18.87 -41.08
N HIS A 29 22.37 18.56 -39.83
CA HIS A 29 22.17 19.51 -38.75
C HIS A 29 22.98 20.78 -38.97
N VAL A 30 24.22 20.63 -39.43
CA VAL A 30 25.05 21.81 -39.71
C VAL A 30 24.43 22.63 -40.84
N TYR A 31 23.96 21.97 -41.89
CA TYR A 31 23.35 22.69 -43.01
C TYR A 31 22.09 23.42 -42.56
N ARG A 32 21.27 22.78 -41.73
CA ARG A 32 20.05 23.42 -41.23
C ARG A 32 20.38 24.61 -40.33
N ASN A 33 21.42 24.49 -39.51
CA ASN A 33 21.81 25.57 -38.63
C ASN A 33 22.60 26.67 -39.33
N GLY A 34 22.93 26.49 -40.60
CA GLY A 34 23.68 27.51 -41.32
C GLY A 34 25.17 27.44 -41.15
N GLY A 35 25.71 26.28 -40.80
CA GLY A 35 27.14 26.13 -40.61
C GLY A 35 27.62 26.13 -39.18
N VAL A 36 26.71 26.07 -38.20
CA VAL A 36 27.07 26.11 -36.79
C VAL A 36 26.54 24.85 -36.11
N ARG A 37 27.00 24.62 -34.89
CA ARG A 37 26.62 23.44 -34.13
C ARG A 37 25.19 23.59 -33.59
N ASP A 38 24.63 22.46 -33.14
CA ASP A 38 23.27 22.44 -32.64
C ASP A 38 23.21 22.93 -31.19
N ARG A 39 21.98 23.22 -30.75
CA ARG A 39 21.71 23.61 -29.38
C ARG A 39 21.00 22.46 -28.68
N PHE A 40 21.50 22.08 -27.51
CA PHE A 40 20.93 21.00 -26.72
C PHE A 40 20.73 21.45 -25.28
N ALA A 41 19.72 20.88 -24.63
CA ALA A 41 19.37 21.20 -23.25
C ALA A 41 19.10 22.70 -23.09
N ILE A 42 18.07 23.17 -23.80
CA ILE A 42 17.68 24.57 -23.79
C ILE A 42 16.54 24.76 -22.81
N ASP A 43 16.70 25.72 -21.90
CA ASP A 43 15.68 26.01 -20.91
C ASP A 43 14.75 27.12 -21.42
N GLN A 44 13.92 27.66 -20.52
CA GLN A 44 13.04 28.75 -20.90
C GLN A 44 13.85 29.99 -21.29
N TRP A 45 14.93 30.27 -20.57
CA TRP A 45 15.77 31.42 -20.89
C TRP A 45 16.37 31.28 -22.29
N ASP A 46 16.86 30.09 -22.64
CA ASP A 46 17.41 29.89 -23.97
C ASP A 46 16.36 30.09 -25.05
N SER A 47 15.16 29.53 -24.85
CA SER A 47 14.09 29.70 -25.83
C SER A 47 13.74 31.16 -26.02
N GLN A 48 13.66 31.91 -24.92
CA GLN A 48 13.40 33.35 -25.03
C GLN A 48 14.53 34.06 -25.76
N MET A 49 15.77 33.66 -25.51
CA MET A 49 16.91 34.28 -26.20
C MET A 49 16.87 34.03 -27.70
N MET A 50 16.57 32.78 -28.11
CA MET A 50 16.46 32.54 -29.55
C MET A 50 15.26 33.27 -30.16
N GLU A 51 14.16 33.40 -29.41
CA GLU A 51 13.04 34.19 -29.92
C GLU A 51 13.44 35.64 -30.15
N ARG A 52 14.15 36.23 -29.17
CA ARG A 52 14.60 37.61 -29.32
C ARG A 52 15.60 37.75 -30.46
N ASP A 53 16.48 36.75 -30.62
CA ASP A 53 17.44 36.79 -31.73
C ASP A 53 16.73 36.71 -33.08
N LEU A 54 15.73 35.85 -33.19
CA LEU A 54 14.95 35.77 -34.42
C LEU A 54 14.25 37.09 -34.71
N ARG A 55 13.72 37.75 -33.68
CA ARG A 55 13.12 39.06 -33.87
C ARG A 55 14.15 40.08 -34.34
N LEU A 56 15.36 40.05 -33.76
CA LEU A 56 16.39 41.02 -34.11
C LEU A 56 16.89 40.84 -35.54
N ASN A 57 17.25 39.61 -35.90
CA ASN A 57 17.98 39.39 -37.15
C ASN A 57 17.09 39.42 -38.38
N GLY A 58 15.78 39.50 -38.22
CA GLY A 58 14.88 39.45 -39.35
C GLY A 58 14.44 38.07 -39.76
N GLY A 59 14.56 37.08 -38.88
CA GLY A 59 14.15 35.73 -39.22
C GLY A 59 15.15 34.93 -40.01
N GLN A 60 16.41 35.36 -40.05
CA GLN A 60 17.46 34.65 -40.79
C GLN A 60 18.09 33.56 -39.93
N GLY A 61 17.26 32.66 -39.40
CA GLY A 61 17.76 31.57 -38.58
C GLY A 61 18.44 32.07 -37.32
N ARG A 62 19.61 31.52 -37.03
CA ARG A 62 20.38 31.86 -35.84
C ARG A 62 21.47 32.89 -36.13
N LYS A 63 21.24 33.76 -37.11
CA LYS A 63 22.22 34.78 -37.43
C LYS A 63 22.33 35.78 -36.28
N GLN A 64 23.57 36.22 -36.02
CA GLN A 64 23.86 37.11 -34.90
C GLN A 64 24.40 38.43 -35.42
N VAL A 65 23.92 39.52 -34.85
CA VAL A 65 24.40 40.87 -35.17
C VAL A 65 24.81 41.56 -33.88
N ASP A 66 25.96 42.24 -33.92
CA ASP A 66 26.50 42.91 -32.75
C ASP A 66 26.32 44.42 -32.80
N GLN A 67 25.46 44.91 -33.69
CA GLN A 67 25.22 46.34 -33.82
C GLN A 67 24.54 46.89 -32.58
N ALA A 68 25.06 48.01 -32.06
CA ALA A 68 24.50 48.62 -30.86
C ALA A 68 23.08 49.12 -31.11
N THR A 69 22.85 49.77 -32.23
CA THR A 69 21.56 50.38 -32.54
C THR A 69 20.77 49.46 -33.46
N ALA A 70 19.65 48.96 -32.98
CA ALA A 70 18.78 48.11 -33.77
C ALA A 70 17.96 48.95 -34.75
N PRO A 71 17.51 48.34 -35.85
CA PRO A 71 16.63 49.07 -36.78
C PRO A 71 15.30 49.37 -36.13
N GLU A 72 14.58 50.32 -36.75
CA GLU A 72 13.28 50.74 -36.22
C GLU A 72 12.26 49.61 -36.25
N ALA A 73 12.51 48.57 -37.04
CA ALA A 73 11.57 47.46 -37.13
C ALA A 73 11.43 46.72 -35.81
N PHE A 74 12.51 46.67 -35.01
CA PHE A 74 12.44 45.96 -33.73
C PHE A 74 11.59 46.69 -32.71
N LYS A 75 11.31 47.98 -32.91
CA LYS A 75 10.49 48.72 -31.96
C LYS A 75 9.02 48.33 -32.04
N HIS A 76 8.60 47.59 -33.07
CA HIS A 76 7.21 47.23 -33.24
C HIS A 76 7.02 45.76 -33.61
N ASN A 77 8.07 44.95 -33.62
CA ASN A 77 7.96 43.56 -34.00
C ASN A 77 7.74 42.63 -32.81
N HIS A 78 7.58 43.18 -31.61
CA HIS A 78 7.31 42.35 -30.45
C HIS A 78 5.98 41.63 -30.60
N VAL A 79 6.00 40.33 -30.32
CA VAL A 79 4.84 39.47 -30.53
C VAL A 79 4.55 38.71 -29.24
N TRP A 80 3.28 38.68 -28.86
CA TRP A 80 2.81 37.88 -27.74
C TRP A 80 2.12 36.62 -28.26
N LYS A 81 2.07 35.60 -27.41
CA LYS A 81 1.50 34.32 -27.77
C LYS A 81 0.06 34.24 -27.26
N SER A 82 -0.86 33.88 -28.16
CA SER A 82 -2.28 33.78 -27.84
C SER A 82 -2.63 32.32 -27.63
N GLU A 83 -2.59 31.88 -26.37
CA GLU A 83 -2.84 30.49 -26.04
C GLU A 83 -4.33 30.15 -26.17
N ARG A 84 -4.62 29.02 -26.80
CA ARG A 84 -5.98 28.52 -26.83
C ARG A 84 -6.44 28.19 -25.41
N PRO A 85 -7.70 28.49 -25.08
CA PRO A 85 -8.19 28.18 -23.73
C PRO A 85 -8.23 26.67 -23.49
N LEU A 86 -7.59 26.23 -22.43
CA LEU A 86 -7.51 24.81 -22.09
C LEU A 86 -8.80 24.41 -21.40
N ILE A 87 -9.62 23.63 -22.10
CA ILE A 87 -10.89 23.17 -21.56
C ILE A 87 -10.69 21.94 -20.68
N PHE B 2 -13.35 19.29 -18.59
CA PHE B 2 -14.32 18.45 -19.27
C PHE B 2 -13.94 16.97 -19.26
N ILE B 3 -12.77 16.65 -19.82
CA ILE B 3 -12.41 15.25 -20.05
C ILE B 3 -12.30 14.48 -18.73
N GLY B 4 -11.65 15.08 -17.73
CA GLY B 4 -11.51 14.39 -16.45
C GLY B 4 -12.86 14.16 -15.78
N THR B 5 -13.70 15.19 -15.76
CA THR B 5 -15.01 15.07 -15.13
C THR B 5 -15.87 14.04 -15.83
N ILE B 6 -15.85 14.01 -17.17
CA ILE B 6 -16.69 13.05 -17.88
C ILE B 6 -16.16 11.63 -17.73
N ILE B 7 -14.84 11.44 -17.73
CA ILE B 7 -14.30 10.12 -17.44
C ILE B 7 -14.72 9.66 -16.05
N LEU B 8 -14.64 10.57 -15.07
CA LEU B 8 -15.06 10.25 -13.71
C LEU B 8 -16.53 9.87 -13.66
N VAL B 9 -17.39 10.62 -14.36
CA VAL B 9 -18.82 10.32 -14.37
C VAL B 9 -19.07 8.95 -14.96
N LEU B 10 -18.50 8.67 -16.13
CA LEU B 10 -18.73 7.41 -16.80
C LEU B 10 -18.22 6.24 -15.96
N SER B 11 -17.04 6.37 -15.38
CA SER B 11 -16.50 5.28 -14.57
C SER B 11 -17.28 5.10 -13.28
N PHE B 12 -17.74 6.21 -12.67
CA PHE B 12 -18.54 6.11 -11.46
C PHE B 12 -19.84 5.38 -11.73
N LEU B 13 -20.51 5.70 -12.84
CA LEU B 13 -21.76 5.02 -13.15
C LEU B 13 -21.53 3.60 -13.63
N GLY B 14 -20.38 3.31 -14.23
CA GLY B 14 -20.03 1.92 -14.52
C GLY B 14 -19.81 1.13 -13.25
N PHE B 15 -19.24 1.76 -12.23
CA PHE B 15 -19.06 1.10 -10.94
C PHE B 15 -20.41 0.84 -10.27
N VAL B 16 -21.28 1.85 -10.25
CA VAL B 16 -22.54 1.74 -9.53
C VAL B 16 -23.40 0.62 -10.09
N PHE B 17 -23.39 0.45 -11.41
CA PHE B 17 -24.29 -0.52 -12.02
C PHE B 17 -23.75 -1.95 -11.87
N ASN B 18 -22.51 -2.19 -12.29
CA ASN B 18 -21.97 -3.54 -12.20
C ASN B 18 -21.87 -4.01 -10.75
N ARG B 19 -20.96 -3.42 -9.97
CA ARG B 19 -20.90 -3.58 -8.52
C ARG B 19 -20.63 -5.04 -8.12
N ARG B 20 -20.56 -5.93 -9.11
CA ARG B 20 -20.34 -7.35 -8.89
C ARG B 20 -19.36 -7.91 -9.91
N ASN B 21 -18.62 -7.01 -10.57
CA ASN B 21 -17.76 -7.33 -11.70
C ASN B 21 -16.33 -6.97 -11.32
N ILE B 22 -15.89 -7.49 -10.18
CA ILE B 22 -14.71 -7.04 -9.42
C ILE B 22 -13.57 -6.58 -10.32
N ILE B 23 -13.29 -7.32 -11.38
CA ILE B 23 -12.29 -6.87 -12.35
C ILE B 23 -12.67 -5.50 -12.90
N LEU B 24 -13.91 -5.37 -13.37
CA LEU B 24 -14.33 -4.12 -13.99
C LEU B 24 -14.54 -3.03 -12.95
N ALA B 25 -14.98 -3.39 -11.75
CA ALA B 25 -15.14 -2.40 -10.69
C ALA B 25 -13.78 -1.81 -10.27
N PHE B 26 -12.76 -2.66 -10.18
CA PHE B 26 -11.44 -2.19 -9.82
C PHE B 26 -10.82 -1.37 -10.96
N ILE B 27 -11.13 -1.75 -12.20
CA ILE B 27 -10.77 -0.93 -13.36
C ILE B 27 -11.44 0.44 -13.26
N CYS B 28 -12.71 0.47 -12.86
CA CYS B 28 -13.42 1.73 -12.72
C CYS B 28 -12.82 2.59 -11.63
N LEU B 29 -12.37 1.97 -10.54
CA LEU B 29 -11.64 2.72 -9.51
C LEU B 29 -10.40 3.37 -10.10
N GLU B 30 -9.62 2.61 -10.88
CA GLU B 30 -8.43 3.16 -11.49
C GLU B 30 -8.77 4.33 -12.42
N THR B 31 -9.82 4.18 -13.23
CA THR B 31 -10.19 5.23 -14.17
C THR B 31 -10.74 6.46 -13.47
N MET B 32 -11.46 6.29 -12.35
CA MET B 32 -11.93 7.44 -11.59
C MET B 32 -10.76 8.21 -10.99
N LEU B 33 -9.75 7.49 -10.48
CA LEU B 33 -8.54 8.16 -10.01
C LEU B 33 -7.85 8.90 -11.14
N LEU B 34 -7.78 8.30 -12.33
CA LEU B 34 -7.20 8.97 -13.48
C LEU B 34 -7.97 10.24 -13.84
N GLY B 35 -9.31 10.17 -13.84
CA GLY B 35 -10.12 11.33 -14.12
C GLY B 35 -9.95 12.46 -13.11
N ILE B 36 -9.81 12.12 -11.83
CA ILE B 36 -9.53 13.13 -10.83
C ILE B 36 -8.15 13.76 -11.02
N ASN B 37 -7.14 12.94 -11.33
CA ASN B 37 -5.81 13.46 -11.57
C ASN B 37 -5.78 14.41 -12.75
N LEU B 38 -6.54 14.11 -13.81
CA LEU B 38 -6.58 15.00 -14.97
C LEU B 38 -7.13 16.37 -14.59
N ILE B 39 -8.23 16.39 -13.83
CA ILE B 39 -8.81 17.67 -13.40
C ILE B 39 -7.82 18.43 -12.53
N LEU B 40 -7.18 17.75 -11.60
CA LEU B 40 -6.23 18.40 -10.71
C LEU B 40 -5.07 19.00 -11.48
N LEU B 41 -4.53 18.26 -12.46
CA LEU B 41 -3.42 18.76 -13.24
C LEU B 41 -3.83 19.95 -14.10
N ARG B 42 -5.03 19.90 -14.68
CA ARG B 42 -5.49 21.03 -15.48
C ARG B 42 -5.63 22.29 -14.63
N ASN B 43 -6.22 22.16 -13.43
CA ASN B 43 -6.35 23.33 -12.57
C ASN B 43 -5.00 23.83 -12.07
N SER B 44 -4.06 22.92 -11.82
CA SER B 44 -2.72 23.34 -11.43
C SER B 44 -2.04 24.12 -12.54
N VAL B 45 -2.21 23.68 -13.80
CA VAL B 45 -1.65 24.41 -14.93
C VAL B 45 -2.30 25.78 -15.06
N LEU B 46 -3.63 25.84 -14.91
CA LEU B 46 -4.33 27.11 -15.05
C LEU B 46 -3.89 28.10 -13.98
N PHE B 47 -3.73 27.64 -12.73
CA PHE B 47 -3.35 28.53 -11.65
C PHE B 47 -1.85 28.75 -11.55
N ASP B 48 -1.05 27.98 -12.29
CA ASP B 48 0.42 28.04 -12.21
C ASP B 48 0.88 27.88 -10.77
N ASP B 49 0.43 26.79 -10.14
CA ASP B 49 0.74 26.52 -8.74
C ASP B 49 1.20 25.08 -8.60
N ILE B 50 2.14 24.86 -7.67
CA ILE B 50 2.81 23.57 -7.59
C ILE B 50 2.04 22.58 -6.71
N SER B 51 1.15 23.07 -5.86
CA SER B 51 0.43 22.19 -4.93
C SER B 51 -0.44 21.19 -5.68
N GLY B 52 -1.06 21.62 -6.79
CA GLY B 52 -1.87 20.71 -7.58
C GLY B 52 -1.07 19.54 -8.12
N SER B 53 0.11 19.83 -8.67
CA SER B 53 0.96 18.78 -9.21
C SER B 53 1.51 17.89 -8.11
N LEU B 54 1.84 18.46 -6.95
CA LEU B 54 2.33 17.66 -5.84
C LEU B 54 1.25 16.69 -5.35
N PHE B 55 0.02 17.19 -5.20
CA PHE B 55 -1.07 16.31 -4.84
C PHE B 55 -1.34 15.29 -5.94
N ALA B 56 -1.09 15.66 -7.20
CA ALA B 56 -1.27 14.70 -8.28
C ALA B 56 -0.28 13.54 -8.16
N ILE B 57 0.99 13.83 -7.90
CA ILE B 57 1.96 12.74 -7.77
C ILE B 57 1.66 11.93 -6.51
N VAL B 58 1.19 12.58 -5.44
CA VAL B 58 0.82 11.85 -4.24
C VAL B 58 -0.34 10.89 -4.54
N ILE B 59 -1.32 11.36 -5.31
CA ILE B 59 -2.43 10.50 -5.71
C ILE B 59 -1.94 9.35 -6.58
N ILE B 60 -0.95 9.61 -7.43
CA ILE B 60 -0.38 8.54 -8.26
C ILE B 60 0.23 7.45 -7.38
N ILE B 61 1.04 7.87 -6.40
CA ILE B 61 1.69 6.89 -5.53
C ILE B 61 0.65 6.12 -4.71
N LEU B 62 -0.32 6.84 -4.16
CA LEU B 62 -1.37 6.18 -3.39
C LEU B 62 -2.19 5.24 -4.25
N ALA B 63 -2.45 5.62 -5.51
CA ALA B 63 -3.17 4.76 -6.43
C ALA B 63 -2.40 3.50 -6.73
N GLY B 64 -1.08 3.62 -6.89
CA GLY B 64 -0.27 2.43 -7.09
C GLY B 64 -0.31 1.49 -5.90
N VAL B 65 -0.16 2.04 -4.69
CA VAL B 65 -0.20 1.20 -3.50
C VAL B 65 -1.58 0.55 -3.35
N GLU B 66 -2.64 1.32 -3.62
CA GLU B 66 -3.99 0.78 -3.55
C GLU B 66 -4.19 -0.33 -4.58
N SER B 67 -3.65 -0.15 -5.78
CA SER B 67 -3.77 -1.17 -6.81
C SER B 67 -3.04 -2.45 -6.41
N ALA B 68 -1.86 -2.31 -5.81
CA ALA B 68 -1.14 -3.48 -5.33
C ALA B 68 -1.93 -4.22 -4.26
N ILE B 69 -2.47 -3.48 -3.29
CA ILE B 69 -3.26 -4.10 -2.23
C ILE B 69 -4.51 -4.77 -2.80
N GLY B 70 -5.19 -4.10 -3.72
CA GLY B 70 -6.39 -4.66 -4.31
C GLY B 70 -6.12 -5.90 -5.13
N LEU B 71 -5.01 -5.91 -5.87
CA LEU B 71 -4.68 -7.11 -6.64
C LEU B 71 -4.27 -8.26 -5.74
N SER B 72 -3.65 -7.97 -4.60
CA SER B 72 -3.44 -9.02 -3.60
C SER B 72 -4.76 -9.54 -3.07
N LEU B 73 -5.74 -8.64 -2.86
CA LEU B 73 -7.06 -9.07 -2.43
C LEU B 73 -7.71 -9.99 -3.47
N LEU B 74 -7.60 -9.62 -4.75
CA LEU B 74 -8.15 -10.47 -5.80
C LEU B 74 -7.43 -11.81 -5.88
N VAL B 75 -6.12 -11.84 -5.67
CA VAL B 75 -5.40 -13.11 -5.63
C VAL B 75 -5.98 -13.99 -4.54
N SER B 76 -6.13 -13.44 -3.34
CA SER B 76 -6.67 -14.23 -2.23
C SER B 76 -8.10 -14.67 -2.51
N TYR B 77 -8.89 -13.80 -3.13
CA TYR B 77 -10.30 -14.08 -3.36
C TYR B 77 -10.48 -15.19 -4.39
N TYR B 78 -9.80 -15.09 -5.54
CA TYR B 78 -9.96 -16.05 -6.61
C TYR B 78 -9.03 -17.25 -6.51
N ARG B 79 -8.17 -17.30 -5.49
CA ARG B 79 -7.29 -18.45 -5.28
C ARG B 79 -6.36 -18.65 -6.47
N LEU B 80 -5.68 -17.57 -6.87
CA LEU B 80 -4.81 -17.62 -8.04
C LEU B 80 -3.62 -18.53 -7.82
N ARG B 81 -3.24 -18.73 -6.55
CA ARG B 81 -2.08 -19.57 -6.24
C ARG B 81 -2.24 -20.98 -6.79
N GLY B 82 -3.47 -21.43 -7.01
CA GLY B 82 -3.71 -22.79 -7.41
C GLY B 82 -3.58 -23.72 -6.22
N VAL B 83 -3.87 -25.00 -6.43
CA VAL B 83 -3.71 -25.94 -5.34
C VAL B 83 -2.81 -27.12 -5.70
N ILE B 84 -3.24 -27.97 -6.63
CA ILE B 84 -2.62 -29.26 -6.97
C ILE B 84 -1.90 -29.92 -5.81
N ASN B 85 -2.32 -29.63 -4.58
CA ASN B 85 -1.71 -30.18 -3.37
C ASN B 85 -2.22 -31.57 -3.03
N SER B 86 -2.87 -32.23 -3.99
CA SER B 86 -3.39 -33.56 -3.74
C SER B 86 -2.26 -34.55 -3.48
N TYR B 87 -2.57 -35.57 -2.67
CA TYR B 87 -1.60 -36.59 -2.29
C TYR B 87 -0.39 -35.97 -1.60
N GLY B 88 -0.67 -35.06 -0.66
CA GLY B 88 0.38 -34.38 0.07
C GLY B 88 -0.02 -34.17 1.51
N ILE B 89 0.96 -33.79 2.32
CA ILE B 89 0.74 -33.55 3.74
C ILE B 89 -0.23 -32.40 3.96
N PRO C 2 5.56 32.53 -14.98
CA PRO C 2 4.54 32.21 -15.98
C PRO C 2 4.91 31.00 -16.83
N ARG C 3 3.90 30.20 -17.17
CA ARG C 3 4.12 28.99 -17.94
C ARG C 3 4.18 29.30 -19.45
N GLU C 4 4.73 28.35 -20.19
CA GLU C 4 4.84 28.48 -21.64
C GLU C 4 3.46 28.26 -22.27
N ALA C 5 3.43 28.33 -23.60
CA ALA C 5 2.18 28.18 -24.34
C ALA C 5 1.71 26.73 -24.31
N ALA C 6 0.66 26.45 -25.08
CA ALA C 6 -0.02 25.17 -25.10
C ALA C 6 -0.05 24.62 -26.51
N ALA C 7 -0.87 23.57 -26.70
CA ALA C 7 -0.96 22.88 -27.99
C ALA C 7 -1.23 23.84 -29.13
N HIS C 8 -2.21 24.73 -28.96
CA HIS C 8 -2.54 25.73 -29.97
C HIS C 8 -2.22 27.12 -29.44
N TRP C 9 -1.37 27.84 -30.17
CA TRP C 9 -1.04 29.21 -29.83
C TRP C 9 -0.53 29.91 -31.09
N VAL C 10 -0.93 31.16 -31.26
CA VAL C 10 -0.54 31.93 -32.43
C VAL C 10 0.05 33.26 -31.99
N PRO C 11 1.07 33.77 -32.66
CA PRO C 11 1.63 35.07 -32.30
C PRO C 11 0.92 36.21 -33.02
N PHE C 12 0.51 37.23 -32.26
CA PHE C 12 -0.20 38.38 -32.82
C PHE C 12 0.69 39.62 -32.68
N GLU C 13 0.84 40.35 -33.78
CA GLU C 13 1.78 41.47 -33.88
C GLU C 13 1.04 42.78 -33.72
N ASP C 14 1.61 43.67 -32.90
CA ASP C 14 1.03 44.98 -32.63
C ASP C 14 1.87 46.05 -33.31
N LYS C 15 1.23 46.89 -34.12
CA LYS C 15 1.88 47.98 -34.82
C LYS C 15 1.48 49.36 -34.30
N ALA C 16 0.87 49.42 -33.12
CA ALA C 16 0.50 50.70 -32.54
C ALA C 16 1.74 51.46 -32.07
N ASN C 17 1.71 52.78 -32.26
CA ASN C 17 2.84 53.63 -31.91
C ASN C 17 2.91 53.86 -30.41
N MET C 18 4.13 54.07 -29.93
CA MET C 18 4.35 54.33 -28.51
C MET C 18 3.72 55.69 -28.16
N PRO C 19 3.13 55.83 -26.97
CA PRO C 19 2.55 57.12 -26.59
C PRO C 19 3.57 58.25 -26.64
N ASP C 20 3.12 59.41 -27.11
CA ASP C 20 4.02 60.54 -27.32
C ASP C 20 4.45 61.20 -26.01
N ASN C 21 3.70 61.02 -24.92
CA ASN C 21 4.07 61.65 -23.66
C ASN C 21 5.40 61.14 -23.15
N VAL C 22 5.64 59.84 -23.24
CA VAL C 22 6.92 59.26 -22.80
C VAL C 22 7.96 59.48 -23.90
N PRO C 23 9.19 59.87 -23.56
CA PRO C 23 10.22 60.03 -24.59
C PRO C 23 10.63 58.69 -25.19
N ASP C 24 11.10 58.76 -26.44
CA ASP C 24 11.57 57.58 -27.15
C ASP C 24 13.08 57.45 -27.02
N VAL C 25 13.55 56.23 -26.76
CA VAL C 25 14.95 55.95 -26.50
C VAL C 25 15.41 54.80 -27.39
N VAL C 26 16.65 54.91 -27.87
CA VAL C 26 17.26 53.82 -28.62
C VAL C 26 17.42 52.61 -27.70
N GLU C 27 17.32 51.42 -28.28
CA GLU C 27 17.30 50.18 -27.52
C GLU C 27 18.32 49.19 -28.09
N VAL C 28 18.71 48.23 -27.24
CA VAL C 28 19.83 47.34 -27.56
C VAL C 28 19.48 46.43 -28.72
N GLY C 29 20.35 46.40 -29.72
CA GLY C 29 20.20 45.53 -30.87
C GLY C 29 21.10 44.31 -30.90
N ALA C 30 21.92 44.10 -29.88
CA ALA C 30 22.82 42.96 -29.88
C ALA C 30 22.05 41.66 -29.65
N THR C 31 22.49 40.61 -30.33
CA THR C 31 21.84 39.31 -30.24
C THR C 31 22.34 38.56 -29.01
N SER C 32 22.00 37.28 -28.91
CA SER C 32 22.27 36.52 -27.69
C SER C 32 23.76 36.41 -27.42
N ALA C 33 24.54 36.07 -28.45
CA ALA C 33 25.98 35.91 -28.24
C ALA C 33 26.68 37.19 -27.82
N PRO C 34 26.47 38.35 -28.47
CA PRO C 34 27.11 39.57 -27.96
C PRO C 34 26.68 39.94 -26.56
N LEU C 35 25.40 39.73 -26.22
CA LEU C 35 24.95 40.03 -24.86
C LEU C 35 25.63 39.12 -23.84
N LEU C 36 25.75 37.83 -24.16
CA LEU C 36 26.46 36.92 -23.27
C LEU C 36 27.92 37.32 -23.14
N SER C 37 28.53 37.78 -24.24
CA SER C 37 29.92 38.21 -24.19
C SER C 37 30.11 39.44 -23.30
N ALA C 38 29.21 40.41 -23.40
CA ALA C 38 29.41 41.71 -22.78
C ALA C 38 28.55 41.92 -21.53
N SER C 39 27.90 40.87 -21.01
CA SER C 39 27.07 41.02 -19.83
C SER C 39 27.86 41.50 -18.63
N TYR C 40 29.07 40.96 -18.44
CA TYR C 40 29.87 41.35 -17.29
C TYR C 40 30.26 42.83 -17.35
N PHE C 41 30.67 43.31 -18.53
CA PHE C 41 31.00 44.71 -18.68
C PHE C 41 29.76 45.60 -18.50
N ILE C 42 28.62 45.17 -19.03
CA ILE C 42 27.39 45.94 -18.87
C ILE C 42 27.03 46.07 -17.40
N GLY C 43 27.10 44.96 -16.67
CA GLY C 43 26.83 45.01 -15.25
C GLY C 43 27.80 45.90 -14.49
N ALA C 44 29.10 45.76 -14.78
CA ALA C 44 30.11 46.55 -14.09
C ALA C 44 29.89 48.04 -14.33
N LYS C 45 29.50 48.42 -15.55
CA LYS C 45 29.32 49.82 -15.86
C LYS C 45 28.01 50.37 -15.30
N CYS C 46 26.93 49.59 -15.34
CA CYS C 46 25.60 50.12 -15.07
C CYS C 46 24.91 49.45 -13.88
N LYS C 47 25.66 48.93 -12.92
CA LYS C 47 25.03 48.39 -11.72
C LYS C 47 24.19 49.39 -10.93
N PRO C 48 24.57 50.67 -10.76
CA PRO C 48 23.69 51.56 -9.97
C PRO C 48 22.35 51.81 -10.64
N TYR C 49 22.34 52.01 -11.96
CA TYR C 49 21.08 52.22 -12.67
C TYR C 49 20.19 50.98 -12.59
N ASN C 50 20.78 49.80 -12.74
CA ASN C 50 20.02 48.56 -12.61
C ASN C 50 19.41 48.43 -11.22
N ASP C 51 20.22 48.71 -10.19
CA ASP C 51 19.74 48.64 -8.82
C ASP C 51 18.59 49.61 -8.59
N ASP C 52 18.71 50.83 -9.12
CA ASP C 52 17.60 51.79 -9.02
C ASP C 52 16.36 51.24 -9.72
N PHE C 53 16.55 50.59 -10.87
CA PHE C 53 15.42 50.05 -11.60
C PHE C 53 14.67 49.00 -10.78
N MET C 54 15.39 48.02 -10.24
CA MET C 54 14.72 47.05 -9.38
C MET C 54 14.08 47.73 -8.18
N LEU C 55 14.85 48.54 -7.43
CA LEU C 55 14.30 49.16 -6.22
C LEU C 55 12.98 49.86 -6.51
N CYS C 56 12.89 50.59 -7.64
CA CYS C 56 11.60 51.13 -8.05
C CYS C 56 10.59 50.01 -8.33
N ARG C 57 11.03 48.91 -8.94
CA ARG C 57 10.08 47.87 -9.29
C ARG C 57 9.41 47.27 -8.06
N GLU C 58 10.18 47.00 -7.00
CA GLU C 58 9.53 46.54 -5.77
C GLU C 58 8.81 47.67 -5.03
N GLU C 59 9.28 48.91 -5.13
CA GLU C 59 8.59 49.98 -4.42
C GLU C 59 7.24 50.32 -5.04
N SER C 60 7.10 50.17 -6.36
CA SER C 60 5.83 50.46 -7.02
C SER C 60 4.77 49.44 -6.64
N GLN C 61 5.17 48.21 -6.31
CA GLN C 61 4.27 47.18 -5.79
C GLN C 61 3.17 46.85 -6.80
N GLY C 62 3.59 46.43 -7.99
CA GLY C 62 2.64 45.98 -9.00
C GLY C 62 2.65 46.80 -10.27
N SER C 63 2.93 48.10 -10.16
CA SER C 63 2.92 49.01 -11.29
C SER C 63 4.33 49.35 -11.76
N GLY C 64 5.26 48.40 -11.63
CA GLY C 64 6.63 48.64 -12.05
C GLY C 64 6.75 48.92 -13.55
N ALA C 65 5.86 48.32 -14.34
CA ALA C 65 5.92 48.51 -15.78
C ALA C 65 5.67 49.97 -16.17
N ILE C 66 4.69 50.61 -15.54
CA ILE C 66 4.29 51.96 -15.94
C ILE C 66 4.87 53.05 -15.04
N ASP C 67 5.28 52.72 -13.82
CA ASP C 67 5.82 53.73 -12.91
C ASP C 67 7.34 53.82 -12.92
N CYS C 68 8.03 52.80 -13.42
CA CYS C 68 9.49 52.77 -13.46
C CYS C 68 10.04 52.92 -14.88
N LEU C 69 9.39 53.73 -15.71
CA LEU C 69 9.84 53.91 -17.09
C LEU C 69 11.17 54.64 -17.17
N LYS C 70 11.36 55.66 -16.34
CA LYS C 70 12.46 56.61 -16.55
C LYS C 70 13.83 55.98 -16.27
N GLU C 71 13.99 55.29 -15.15
CA GLU C 71 15.28 54.65 -14.90
C GLU C 71 15.48 53.45 -15.81
N GLY C 72 14.41 52.83 -16.28
CA GLY C 72 14.56 51.82 -17.33
C GLY C 72 15.12 52.42 -18.61
N ARG C 73 14.68 53.62 -18.96
CA ARG C 73 15.29 54.35 -20.06
C ARG C 73 16.75 54.63 -19.76
N ARG C 74 17.06 54.97 -18.51
CA ARG C 74 18.46 55.18 -18.12
C ARG C 74 19.29 53.92 -18.29
N VAL C 75 18.75 52.78 -17.88
CA VAL C 75 19.46 51.50 -17.98
C VAL C 75 19.69 51.13 -19.44
N THR C 76 18.67 51.27 -20.28
CA THR C 76 18.87 50.93 -21.68
C THR C 76 19.83 51.91 -22.35
N ARG C 77 19.82 53.18 -21.92
CA ARG C 77 20.80 54.14 -22.43
C ARG C 77 22.22 53.76 -22.02
N CYS C 78 22.41 53.34 -20.76
CA CYS C 78 23.72 52.92 -20.31
C CYS C 78 24.20 51.68 -21.07
N ALA C 79 23.29 50.73 -21.31
CA ALA C 79 23.62 49.54 -22.07
C ALA C 79 24.01 49.91 -23.50
N VAL C 80 23.25 50.80 -24.13
CA VAL C 80 23.59 51.24 -25.48
C VAL C 80 24.94 51.95 -25.49
N SER C 81 25.21 52.76 -24.47
CA SER C 81 26.48 53.49 -24.42
C SER C 81 27.65 52.52 -24.30
N VAL C 82 27.55 51.53 -23.42
CA VAL C 82 28.65 50.58 -23.26
C VAL C 82 28.80 49.70 -24.49
N ILE C 83 27.69 49.32 -25.14
CA ILE C 83 27.79 48.52 -26.34
C ILE C 83 28.39 49.32 -27.50
N GLU C 84 28.06 50.61 -27.58
CA GLU C 84 28.71 51.47 -28.56
C GLU C 84 30.20 51.61 -28.28
N ASP C 85 30.57 51.72 -27.00
CA ASP C 85 31.98 51.76 -26.65
C ASP C 85 32.68 50.49 -27.09
N ILE C 86 32.05 49.34 -26.89
CA ILE C 86 32.65 48.07 -27.31
C ILE C 86 32.73 48.00 -28.84
N ASN C 87 31.65 48.37 -29.53
CA ASN C 87 31.57 48.28 -30.98
C ASN C 87 32.41 49.33 -31.69
N LYS C 88 32.94 50.32 -30.97
CA LYS C 88 33.94 51.23 -31.50
C LYS C 88 35.32 51.04 -30.88
N SER C 89 35.47 50.11 -29.94
CA SER C 89 36.70 49.97 -29.17
C SER C 89 37.43 48.66 -29.39
N CYS C 90 36.76 47.52 -29.20
CA CYS C 90 37.43 46.22 -29.21
C CYS C 90 36.77 45.29 -30.20
N LEU C 91 36.61 45.75 -31.45
CA LEU C 91 35.86 45.02 -32.46
C LEU C 91 36.34 43.58 -32.59
N ASP C 92 37.65 43.40 -32.75
CA ASP C 92 38.20 42.07 -33.06
C ASP C 92 37.95 41.10 -31.93
N GLU C 93 38.32 41.48 -30.70
CA GLU C 93 38.17 40.57 -29.57
C GLU C 93 36.72 40.21 -29.32
N PHE C 94 35.83 41.21 -29.44
CA PHE C 94 34.41 40.96 -29.25
C PHE C 94 33.88 39.99 -30.31
N ARG C 95 34.31 40.17 -31.56
CA ARG C 95 33.88 39.25 -32.62
C ARG C 95 34.39 37.84 -32.37
N LEU C 96 35.67 37.70 -32.01
CA LEU C 96 36.19 36.39 -31.60
C LEU C 96 35.33 35.76 -30.53
N HIS C 97 35.03 36.52 -29.47
CA HIS C 97 34.35 35.93 -28.32
C HIS C 97 32.93 35.49 -28.68
N TRP C 98 32.16 36.36 -29.34
CA TRP C 98 30.78 35.98 -29.63
C TRP C 98 30.71 34.88 -30.68
N GLN C 99 31.59 34.91 -31.69
CA GLN C 99 31.61 33.83 -32.68
C GLN C 99 31.96 32.50 -32.02
N CYS C 100 32.95 32.49 -31.12
CA CYS C 100 33.30 31.26 -30.43
C CYS C 100 32.15 30.76 -29.56
N LEU C 101 31.50 31.67 -28.83
CA LEU C 101 30.39 31.26 -27.97
C LEU C 101 29.25 30.68 -28.80
N GLU C 102 28.95 31.29 -29.95
CA GLU C 102 27.94 30.72 -30.84
C GLU C 102 28.37 29.34 -31.34
N GLN C 103 29.65 29.18 -31.65
CA GLN C 103 30.16 27.89 -32.10
C GLN C 103 30.36 26.89 -30.96
N ASN C 104 30.23 27.32 -29.71
CA ASN C 104 30.45 26.43 -28.57
C ASN C 104 29.23 26.36 -27.67
N ASN C 105 28.05 26.19 -28.29
CA ASN C 105 26.75 26.04 -27.62
C ASN C 105 26.57 26.99 -26.45
N HIS C 106 27.07 28.23 -26.59
CA HIS C 106 26.84 29.30 -25.62
C HIS C 106 27.35 28.95 -24.23
N GLN C 107 28.44 28.20 -24.15
CA GLN C 107 29.07 27.84 -22.89
C GLN C 107 30.40 28.57 -22.78
N LEU C 108 30.60 29.28 -21.66
CA LEU C 108 31.79 30.09 -21.46
C LEU C 108 33.06 29.26 -21.28
N SER C 109 32.93 27.95 -21.08
CA SER C 109 34.10 27.13 -20.81
C SER C 109 34.97 26.94 -22.06
N GLY C 110 34.35 26.89 -23.24
CA GLY C 110 35.05 26.61 -24.47
C GLY C 110 35.67 27.80 -25.17
N CYS C 111 35.61 28.99 -24.57
CA CYS C 111 36.13 30.19 -25.21
C CYS C 111 36.95 31.02 -24.21
N ARG C 112 37.85 30.36 -23.48
CA ARG C 112 38.63 31.08 -22.49
C ARG C 112 39.66 32.00 -23.12
N LYS C 113 40.18 31.62 -24.29
CA LYS C 113 41.18 32.46 -24.96
C LYS C 113 40.56 33.77 -25.44
N ALA C 114 39.42 33.68 -26.13
CA ALA C 114 38.75 34.90 -26.58
C ALA C 114 38.25 35.73 -25.41
N GLU C 115 37.78 35.05 -24.35
CA GLU C 115 37.40 35.75 -23.14
C GLU C 115 38.56 36.55 -22.56
N ALA C 116 39.74 35.92 -22.50
CA ALA C 116 40.92 36.61 -21.99
C ALA C 116 41.29 37.80 -22.89
N LEU C 117 41.23 37.61 -24.21
CA LEU C 117 41.57 38.70 -25.11
C LEU C 117 40.64 39.90 -24.91
N LEU C 118 39.33 39.63 -24.86
CA LEU C 118 38.38 40.71 -24.63
C LEU C 118 38.58 41.36 -23.28
N ASN C 119 38.87 40.55 -22.26
CA ASN C 119 39.10 41.09 -20.92
C ASN C 119 40.31 42.01 -20.88
N LYS C 120 41.41 41.61 -21.52
CA LYS C 120 42.57 42.50 -21.55
C LYS C 120 42.28 43.77 -22.34
N CYS C 121 41.58 43.67 -23.46
CA CYS C 121 41.23 44.88 -24.21
C CYS C 121 40.44 45.85 -23.35
N VAL C 122 39.38 45.34 -22.71
CA VAL C 122 38.50 46.19 -21.93
C VAL C 122 39.22 46.77 -20.71
N PHE C 123 40.00 45.94 -20.01
CA PHE C 123 40.71 46.43 -18.83
C PHE C 123 41.82 47.40 -19.23
N THR C 124 42.40 47.25 -20.42
CA THR C 124 43.50 48.10 -20.83
C THR C 124 43.02 49.49 -21.20
N LYS C 125 41.97 49.58 -22.04
CA LYS C 125 41.60 50.92 -22.49
C LYS C 125 40.08 51.13 -22.53
N LEU C 126 39.37 50.53 -21.58
CA LEU C 126 37.98 50.86 -21.30
C LEU C 126 37.71 51.11 -19.81
N ASN C 127 38.68 50.83 -18.94
CA ASN C 127 38.56 51.05 -17.49
C ASN C 127 37.40 50.26 -16.88
N LEU C 128 37.22 49.03 -17.36
CA LEU C 128 36.24 48.11 -16.80
C LEU C 128 36.91 46.77 -16.50
N GLU C 129 36.54 46.16 -15.37
CA GLU C 129 37.12 44.91 -14.93
C GLU C 129 36.03 43.87 -14.72
N LYS C 130 36.36 42.62 -15.05
CA LYS C 130 35.42 41.52 -14.93
C LYS C 130 35.65 40.76 -13.62
N LYS C 131 34.56 40.51 -12.89
CA LYS C 131 34.64 39.78 -11.63
C LYS C 131 33.29 39.16 -11.32
N ILE C 132 33.32 38.10 -10.53
CA ILE C 132 32.12 37.39 -10.10
C ILE C 132 31.91 37.68 -8.61
N PRO C 133 30.78 38.27 -8.22
CA PRO C 133 30.58 38.61 -6.80
C PRO C 133 30.33 37.36 -5.97
N GLY C 134 30.43 37.55 -4.65
CA GLY C 134 30.18 36.47 -3.71
C GLY C 134 31.29 35.47 -3.55
N LEU C 135 32.49 35.79 -4.00
CA LEU C 135 33.63 34.87 -3.93
C LEU C 135 34.57 35.32 -2.81
N ARG C 136 34.86 34.40 -1.90
CA ARG C 136 35.79 34.67 -0.81
C ARG C 136 37.22 34.67 -1.35
N PRO C 137 38.13 35.41 -0.70
CA PRO C 137 39.52 35.45 -1.18
C PRO C 137 40.22 34.10 -1.14
N ASP C 138 39.74 33.16 -0.33
CA ASP C 138 40.40 31.85 -0.24
C ASP C 138 40.35 31.11 -1.57
N GLU C 139 39.20 31.13 -2.23
CA GLU C 139 39.06 30.50 -3.54
C GLU C 139 39.32 31.51 -4.65
N GLU C 140 39.87 31.02 -5.77
CA GLU C 140 40.24 31.85 -6.90
C GLU C 140 39.18 31.76 -8.00
N PRO C 141 38.96 32.84 -8.75
CA PRO C 141 37.83 32.90 -9.67
C PRO C 141 37.91 31.86 -10.77
N VAL C 142 36.74 31.41 -11.22
CA VAL C 142 36.66 30.34 -12.19
C VAL C 142 37.22 30.78 -13.54
N PHE C 143 37.02 32.04 -13.92
CA PHE C 143 37.43 32.51 -15.23
C PHE C 143 38.94 32.73 -15.34
N LEU C 144 39.68 32.66 -14.24
CA LEU C 144 41.13 32.79 -14.25
C LEU C 144 41.84 31.47 -14.02
N LYS C 145 41.13 30.34 -14.16
CA LYS C 145 41.72 29.04 -13.85
C LYS C 145 42.72 28.62 -14.92
N LYS C 146 43.63 27.73 -14.54
CA LYS C 146 44.59 27.13 -15.44
C LYS C 146 44.48 25.61 -15.33
N ASP C 147 44.71 24.92 -16.44
CA ASP C 147 44.57 23.46 -16.53
C ASP C 147 43.15 23.05 -16.12
N PRO C 148 42.14 23.38 -16.93
CA PRO C 148 40.75 23.13 -16.52
C PRO C 148 40.43 21.65 -16.44
N TRP C 149 39.48 21.33 -15.56
CA TRP C 149 38.98 19.97 -15.45
C TRP C 149 38.27 19.54 -16.73
N ILE C 150 37.49 20.45 -17.32
CA ILE C 150 36.69 20.17 -18.51
C ILE C 150 37.33 20.87 -19.70
N LYS C 151 37.52 20.12 -20.79
CA LYS C 151 38.08 20.68 -22.01
C LYS C 151 37.01 20.79 -23.08
N PRO C 152 37.06 21.84 -23.91
CA PRO C 152 36.14 21.92 -25.05
C PRO C 152 36.35 20.77 -26.03
N ALA C 153 35.29 20.43 -26.74
CA ALA C 153 35.37 19.34 -27.72
C ALA C 153 36.41 19.63 -28.79
N VAL C 154 36.33 20.82 -29.40
CA VAL C 154 37.30 21.26 -30.40
C VAL C 154 37.67 22.70 -30.11
N ASP C 155 38.95 22.98 -29.99
CA ASP C 155 39.41 24.36 -29.80
C ASP C 155 39.25 25.13 -31.10
N ASP C 156 38.81 26.39 -30.97
CA ASP C 156 38.61 27.23 -32.15
C ASP C 156 39.96 27.54 -32.80
N PHE C 157 40.01 27.40 -34.12
CA PHE C 157 41.28 27.53 -34.84
C PHE C 157 41.78 28.97 -34.81
N LYS C 158 40.99 29.88 -35.38
CA LYS C 158 41.39 31.27 -35.48
C LYS C 158 41.49 31.95 -34.12
N SER C 159 40.70 31.52 -33.14
CA SER C 159 40.87 32.03 -31.78
C SER C 159 42.23 31.67 -31.21
N VAL C 160 42.65 30.42 -31.39
CA VAL C 160 43.97 30.00 -30.91
C VAL C 160 45.07 30.71 -31.68
N ARG C 161 44.87 30.94 -32.98
CA ARG C 161 45.85 31.68 -33.76
C ARG C 161 45.99 33.11 -33.24
N ALA C 162 44.86 33.76 -32.91
CA ALA C 162 44.92 35.11 -32.35
C ALA C 162 45.61 35.11 -31.00
N TYR C 163 45.33 34.11 -30.17
CA TYR C 163 46.00 34.01 -28.87
C TYR C 163 47.51 33.85 -29.03
N ALA C 164 47.93 32.99 -29.97
CA ALA C 164 49.35 32.80 -30.21
C ALA C 164 50.01 34.06 -30.74
N GLU C 165 49.35 34.77 -31.66
CA GLU C 165 49.89 36.02 -32.17
C GLU C 165 50.02 37.06 -31.06
N ALA C 166 49.02 37.13 -30.19
CA ALA C 166 49.09 38.05 -29.06
C ALA C 166 50.23 37.71 -28.11
N LYS C 167 50.43 36.41 -27.84
CA LYS C 167 51.50 36.05 -26.91
C LYS C 167 52.87 36.22 -27.53
N LYS C 168 52.99 36.14 -28.86
CA LYS C 168 54.21 36.61 -29.50
C LYS C 168 54.39 38.11 -29.31
N ASN C 169 53.30 38.87 -29.44
CA ASN C 169 53.40 40.32 -29.19
C ASN C 169 53.77 40.60 -27.74
N GLY C 170 53.18 39.86 -26.80
CA GLY C 170 53.39 40.09 -25.40
C GLY C 170 52.35 40.93 -24.70
N THR C 171 51.20 41.18 -25.36
CA THR C 171 50.15 41.97 -24.73
C THR C 171 49.60 41.27 -23.50
N LEU C 172 49.44 39.95 -23.56
CA LEU C 172 48.99 39.17 -22.43
C LEU C 172 50.03 39.17 -21.31
N LEU D 31 43.50 -10.71 -3.31
CA LEU D 31 43.32 -9.38 -2.76
C LEU D 31 43.86 -8.31 -3.72
N VAL D 32 44.67 -8.75 -4.68
CA VAL D 32 45.23 -7.82 -5.67
C VAL D 32 44.13 -7.23 -6.53
N TYR D 33 43.19 -8.06 -7.00
CA TYR D 33 42.09 -7.56 -7.82
C TYR D 33 41.19 -6.62 -7.03
N LEU D 34 40.90 -6.97 -5.77
CA LEU D 34 40.08 -6.10 -4.94
C LEU D 34 40.78 -4.77 -4.67
N ALA D 35 42.08 -4.82 -4.39
CA ALA D 35 42.83 -3.58 -4.18
C ALA D 35 42.89 -2.76 -5.46
N ALA D 36 43.08 -3.42 -6.60
CA ALA D 36 43.07 -2.69 -7.88
C ALA D 36 41.69 -2.12 -8.16
N LEU D 37 40.62 -2.87 -7.83
CA LEU D 37 39.28 -2.38 -8.06
C LEU D 37 38.99 -1.12 -7.26
N CYS D 38 39.50 -1.05 -6.02
CA CYS D 38 39.38 0.17 -5.25
C CYS D 38 40.13 1.32 -5.91
N GLY D 39 41.32 1.03 -6.46
CA GLY D 39 42.06 2.06 -7.17
C GLY D 39 41.36 2.51 -8.45
N ILE D 40 40.82 1.55 -9.21
CA ILE D 40 40.08 1.89 -10.42
C ILE D 40 38.86 2.72 -10.08
N CYS D 41 38.10 2.29 -9.07
CA CYS D 41 36.92 3.05 -8.64
C CYS D 41 37.33 4.35 -7.97
N GLY D 42 38.42 4.34 -7.20
CA GLY D 42 38.86 5.57 -6.55
C GLY D 42 39.33 6.62 -7.53
N TYR D 43 40.11 6.21 -8.53
CA TYR D 43 40.53 7.16 -9.57
C TYR D 43 39.35 7.67 -10.37
N GLY D 44 38.39 6.80 -10.67
CA GLY D 44 37.19 7.25 -11.37
C GLY D 44 36.40 8.25 -10.55
N PHE D 45 36.21 7.96 -9.26
CA PHE D 45 35.48 8.89 -8.40
C PHE D 45 36.18 10.23 -8.30
N TYR D 46 37.52 10.22 -8.16
CA TYR D 46 38.24 11.48 -8.04
C TYR D 46 38.05 12.34 -9.29
N ARG D 47 38.14 11.73 -10.46
CA ARG D 47 37.83 12.45 -11.69
C ARG D 47 36.37 12.86 -11.73
N ALA D 48 35.47 11.94 -11.37
CA ALA D 48 34.03 12.23 -11.41
C ALA D 48 33.65 13.29 -10.39
N LEU D 49 34.16 13.18 -9.16
CA LEU D 49 33.84 14.16 -8.14
C LEU D 49 34.32 15.55 -8.55
N GLY D 50 35.54 15.63 -9.07
CA GLY D 50 36.08 16.92 -9.49
C GLY D 50 35.30 17.52 -10.64
N GLY D 51 34.83 16.68 -11.57
CA GLY D 51 34.06 17.19 -12.69
C GLY D 51 32.78 17.88 -12.25
N ILE D 52 32.10 17.34 -11.24
CA ILE D 52 30.88 17.96 -10.73
C ILE D 52 31.19 19.33 -10.13
N GLN D 53 32.26 19.42 -9.34
CA GLN D 53 32.55 20.68 -8.64
C GLN D 53 32.87 21.80 -9.63
N GLU D 54 33.67 21.51 -10.67
CA GLU D 54 33.95 22.54 -11.67
C GLU D 54 32.70 22.90 -12.45
N ARG D 55 31.85 21.92 -12.75
CA ARG D 55 30.58 22.22 -13.41
C ARG D 55 29.72 23.16 -12.58
N ARG D 56 29.80 23.03 -11.25
CA ARG D 56 29.11 23.99 -10.38
C ARG D 56 29.68 25.39 -10.55
N GLU D 57 31.01 25.50 -10.64
CA GLU D 57 31.63 26.80 -10.87
C GLU D 57 31.26 27.34 -12.24
N LEU D 58 31.24 26.49 -13.26
CA LEU D 58 30.79 26.92 -14.58
C LEU D 58 29.33 27.35 -14.55
N LYS D 59 28.49 26.62 -13.81
CA LYS D 59 27.11 27.03 -13.63
C LYS D 59 27.02 28.36 -12.91
N ARG D 60 27.91 28.58 -11.93
CA ARG D 60 27.94 29.86 -11.22
C ARG D 60 28.26 31.01 -12.17
N GLU D 61 29.24 30.80 -13.05
CA GLU D 61 29.58 31.83 -14.04
C GLU D 61 28.42 32.07 -15.00
N LYS D 62 27.77 30.99 -15.44
CA LYS D 62 26.63 31.12 -16.34
C LYS D 62 25.47 31.85 -15.67
N LEU D 63 25.22 31.56 -14.39
CA LEU D 63 24.11 32.19 -13.69
C LEU D 63 24.31 33.69 -13.55
N TRP D 64 25.54 34.11 -13.20
CA TRP D 64 25.79 35.54 -13.01
C TRP D 64 25.73 36.29 -14.35
N ALA D 65 26.03 35.61 -15.45
CA ALA D 65 25.90 36.25 -16.76
C ALA D 65 24.44 36.60 -17.04
N ARG D 66 23.52 35.70 -16.71
CA ARG D 66 22.10 35.98 -16.91
C ARG D 66 21.58 37.01 -15.93
N ILE D 67 22.24 37.13 -14.76
CA ILE D 67 21.80 38.09 -13.75
C ILE D 67 21.97 39.52 -14.26
N TYR D 68 23.12 39.81 -14.87
CA TYR D 68 23.37 41.16 -15.35
C TYR D 68 22.48 41.52 -16.53
N LEU D 69 22.08 40.54 -17.34
CA LEU D 69 21.28 40.82 -18.52
C LEU D 69 19.81 41.06 -18.21
N MET D 70 19.34 40.65 -17.02
CA MET D 70 17.92 40.80 -16.71
C MET D 70 17.45 42.25 -16.72
N PRO D 71 18.12 43.21 -16.08
CA PRO D 71 17.57 44.58 -16.08
C PRO D 71 17.38 45.17 -17.45
N LEU D 72 18.28 44.88 -18.40
CA LEU D 72 18.10 45.41 -19.75
C LEU D 72 17.03 44.65 -20.52
N LEU D 73 16.91 43.33 -20.28
CA LEU D 73 15.88 42.56 -20.96
C LEU D 73 14.50 42.80 -20.34
N GLN D 74 14.44 42.93 -19.01
CA GLN D 74 13.15 43.14 -18.35
C GLN D 74 12.57 44.51 -18.68
N ALA D 75 13.41 45.54 -18.73
CA ALA D 75 12.93 46.87 -19.06
C ALA D 75 12.38 46.92 -20.49
N GLU D 76 13.04 46.23 -21.41
CA GLU D 76 12.56 46.20 -22.79
C GLU D 76 11.17 45.58 -22.88
N GLU D 77 10.94 44.49 -22.15
CA GLU D 77 9.62 43.89 -22.12
C GLU D 77 8.62 44.79 -21.41
N ASP D 78 9.06 45.48 -20.36
CA ASP D 78 8.18 46.38 -19.63
C ASP D 78 7.69 47.52 -20.52
N ARG D 79 8.60 48.10 -21.32
CA ARG D 79 8.21 49.18 -22.21
C ARG D 79 7.22 48.69 -23.26
N GLN D 80 7.44 47.48 -23.80
CA GLN D 80 6.50 46.92 -24.76
C GLN D 80 5.15 46.62 -24.12
N THR D 81 5.16 46.18 -22.86
CA THR D 81 3.91 45.86 -22.17
C THR D 81 3.03 47.10 -22.04
N VAL D 82 3.63 48.25 -21.69
CA VAL D 82 2.86 49.48 -21.57
C VAL D 82 2.27 49.89 -22.91
N ARG D 83 3.06 49.78 -23.98
CA ARG D 83 2.58 50.17 -25.31
C ARG D 83 1.40 49.30 -25.74
N ARG D 84 1.49 47.99 -25.50
CA ARG D 84 0.39 47.10 -25.89
C ARG D 84 -0.84 47.31 -25.01
N SER D 85 -0.62 47.59 -23.72
CA SER D 85 -1.75 47.78 -22.81
C SER D 85 -2.56 49.02 -23.19
N ILE D 86 -1.88 50.13 -23.49
CA ILE D 86 -2.57 51.35 -23.88
C ILE D 86 -3.24 51.17 -25.24
N ALA D 87 -2.59 50.41 -26.14
CA ALA D 87 -3.15 50.20 -27.47
C ALA D 87 -4.49 49.47 -27.39
N GLN D 88 -4.59 48.45 -26.54
CA GLN D 88 -5.85 47.74 -26.38
C GLN D 88 -6.92 48.65 -25.78
N LEU D 89 -6.53 49.49 -24.81
CA LEU D 89 -7.47 50.43 -24.22
C LEU D 89 -7.98 51.42 -25.26
N GLU D 90 -7.08 51.95 -26.09
CA GLU D 90 -7.49 52.86 -27.15
C GLU D 90 -8.36 52.14 -28.18
N ARG D 91 -8.00 50.89 -28.52
CA ARG D 91 -8.79 50.13 -29.48
C ARG D 91 -10.19 49.86 -28.94
N GLU D 92 -10.29 49.46 -27.66
CA GLU D 92 -11.58 49.08 -27.10
C GLU D 92 -12.51 50.28 -26.99
N LYS D 93 -11.99 51.44 -26.58
CA LYS D 93 -12.85 52.60 -26.38
C LYS D 93 -13.40 53.14 -27.70
N GLU D 94 -12.67 52.97 -28.80
CA GLU D 94 -13.16 53.45 -30.09
C GLU D 94 -14.25 52.54 -30.66
N ILE D 95 -14.16 51.23 -30.40
CA ILE D 95 -15.19 50.31 -30.88
C ILE D 95 -16.53 50.61 -30.21
N MET D 96 -16.51 50.90 -28.92
CA MET D 96 -17.72 51.14 -28.14
C MET D 96 -18.18 52.59 -28.18
N LYS D 97 -17.65 53.41 -29.09
CA LYS D 97 -18.03 54.81 -29.15
C LYS D 97 -19.52 54.95 -29.41
N GLY D 98 -20.18 55.79 -28.60
CA GLY D 98 -21.61 55.94 -28.65
C GLY D 98 -22.40 55.05 -27.71
N THR D 99 -21.72 54.36 -26.78
CA THR D 99 -22.36 53.46 -25.85
C THR D 99 -22.00 53.86 -24.43
N GLY D 100 -22.99 53.77 -23.53
CA GLY D 100 -22.79 54.16 -22.16
C GLY D 100 -22.09 53.12 -21.32
N PHE D 101 -20.78 52.99 -21.52
CA PHE D 101 -19.95 52.04 -20.79
C PHE D 101 -18.64 52.71 -20.42
N ASP D 102 -17.99 52.18 -19.39
CA ASP D 102 -16.72 52.70 -18.91
C ASP D 102 -15.60 51.74 -19.31
N VAL D 103 -14.66 52.23 -20.10
CA VAL D 103 -13.54 51.40 -20.57
C VAL D 103 -12.34 51.52 -19.65
N ASP D 104 -12.00 52.74 -19.23
CA ASP D 104 -10.84 52.96 -18.38
C ASP D 104 -11.00 52.37 -16.98
N LYS D 105 -12.21 51.98 -16.60
CA LYS D 105 -12.44 51.38 -15.28
C LYS D 105 -11.96 49.93 -15.30
N SER D 106 -10.92 49.65 -14.51
CA SER D 106 -10.39 48.29 -14.45
C SER D 106 -11.31 47.38 -13.66
N VAL D 107 -11.26 46.09 -13.99
CA VAL D 107 -12.07 45.10 -13.27
C VAL D 107 -11.61 44.94 -11.83
N TYR D 108 -10.35 45.22 -11.54
CA TYR D 108 -9.83 45.11 -10.19
C TYR D 108 -10.17 46.36 -9.38
N ASN D 109 -10.12 46.21 -8.05
CA ASN D 109 -10.46 47.31 -7.16
C ASN D 109 -9.27 48.24 -6.88
N ASP D 110 -8.06 47.70 -6.88
CA ASP D 110 -6.88 48.52 -6.64
C ASP D 110 -6.53 49.34 -7.88
N GLY D 111 -5.78 50.42 -7.65
CA GLY D 111 -5.34 51.30 -8.71
C GLY D 111 -4.05 50.92 -9.37
N LYS D 112 -3.47 49.76 -9.03
CA LYS D 112 -2.22 49.34 -9.61
C LYS D 112 -2.39 48.97 -11.09
N PHE D 113 -1.31 49.08 -11.84
CA PHE D 113 -1.32 48.72 -13.25
C PHE D 113 -1.53 47.22 -13.40
N HIS D 114 -2.37 46.84 -14.38
CA HIS D 114 -2.67 45.44 -14.63
C HIS D 114 -2.62 45.20 -16.13
N ALA D 115 -1.74 44.30 -16.55
CA ALA D 115 -1.65 43.95 -17.96
C ALA D 115 -2.92 43.22 -18.39
N PRO D 116 -3.57 43.64 -19.48
CA PRO D 116 -4.81 42.98 -19.89
C PRO D 116 -4.54 41.58 -20.42
N ALA D 117 -5.41 40.64 -20.04
CA ALA D 117 -5.34 39.25 -20.46
C ALA D 117 -6.61 38.86 -21.20
N LEU D 118 -6.66 37.61 -21.65
CA LEU D 118 -7.83 37.04 -22.31
C LEU D 118 -8.22 37.85 -23.55
N MET D 119 -7.32 37.85 -24.53
CA MET D 119 -7.56 38.58 -25.76
C MET D 119 -8.66 37.92 -26.58
N ILE D 120 -9.44 38.75 -27.27
CA ILE D 120 -10.51 38.24 -28.13
C ILE D 120 -9.91 37.51 -29.33
N PRO D 121 -10.38 36.33 -29.67
CA PRO D 121 -9.80 35.58 -30.80
C PRO D 121 -9.91 36.38 -32.09
N PRO D 122 -8.87 36.33 -32.94
CA PRO D 122 -8.83 37.04 -34.22
C PRO D 122 -9.34 36.20 -35.39
N SER E 4 22.84 34.30 8.75
CA SER E 4 22.17 34.09 10.03
C SER E 4 21.06 35.11 10.24
N THR E 5 20.88 36.00 9.26
CA THR E 5 19.85 37.02 9.34
C THR E 5 18.49 36.40 9.07
N PRO E 6 17.52 36.55 9.99
CA PRO E 6 16.19 35.98 9.75
C PRO E 6 15.50 36.64 8.56
N LEU E 7 14.70 35.86 7.85
CA LEU E 7 13.99 36.35 6.68
C LEU E 7 12.56 36.78 6.98
N VAL E 8 11.97 36.29 8.07
CA VAL E 8 10.60 36.63 8.44
C VAL E 8 10.58 37.06 9.90
N LYS E 9 9.54 37.80 10.25
CA LYS E 9 9.36 38.27 11.61
C LYS E 9 8.87 37.13 12.51
N THR E 10 9.38 37.11 13.74
CA THR E 10 9.01 36.09 14.72
C THR E 10 8.61 36.76 16.02
N SER E 11 7.83 36.03 16.82
CA SER E 11 7.42 36.53 18.13
C SER E 11 8.63 36.70 19.03
N VAL E 12 8.61 37.75 19.84
CA VAL E 12 9.72 38.11 20.71
C VAL E 12 9.31 37.83 22.15
N ASN E 13 10.05 36.94 22.82
CA ASN E 13 9.82 36.61 24.23
C ASN E 13 8.39 36.15 24.47
N TYR E 14 7.86 35.32 23.57
CA TYR E 14 6.53 34.77 23.76
C TYR E 14 6.51 33.81 24.94
N SER E 15 5.45 33.90 25.74
CA SER E 15 5.32 33.10 26.95
C SER E 15 4.45 31.88 26.65
N TYR E 16 5.07 30.71 26.60
CA TYR E 16 4.33 29.47 26.44
C TYR E 16 3.75 28.97 27.75
N GLY E 17 4.16 29.54 28.88
CA GLY E 17 3.64 29.13 30.17
C GLY E 17 3.79 30.22 31.21
N ASP E 18 4.15 29.84 32.44
CA ASP E 18 4.36 30.78 33.52
C ASP E 18 5.83 31.06 33.78
N TYR E 19 6.71 30.67 32.85
CA TYR E 19 8.15 30.82 33.01
C TYR E 19 8.74 31.50 31.78
N PRO E 20 9.88 32.17 31.93
CA PRO E 20 10.47 32.87 30.78
C PRO E 20 10.89 31.90 29.68
N LEU E 21 10.78 32.37 28.44
CA LEU E 21 11.17 31.58 27.28
C LEU E 21 12.68 31.56 27.14
N ILE E 22 13.25 30.38 26.96
CA ILE E 22 14.68 30.21 26.76
C ILE E 22 15.01 29.98 25.29
N ASP E 23 14.27 29.09 24.64
CA ASP E 23 14.52 28.76 23.23
C ASP E 23 13.25 28.15 22.67
N ALA E 24 12.67 28.79 21.65
CA ALA E 24 11.46 28.26 21.03
C ALA E 24 11.75 26.97 20.27
N ASP E 25 12.89 26.89 19.59
CA ASP E 25 13.29 25.72 18.82
C ASP E 25 14.71 25.34 19.20
N PRO E 26 14.91 24.77 20.39
CA PRO E 26 16.26 24.39 20.81
C PRO E 26 16.82 23.25 19.96
N HIS E 27 18.14 23.25 19.82
CA HIS E 27 18.83 22.22 19.07
C HIS E 27 18.84 20.90 19.85
N PHE E 28 19.03 19.80 19.11
CA PHE E 28 19.11 18.49 19.74
C PHE E 28 20.28 18.42 20.71
N LYS E 29 21.47 18.84 20.27
CA LYS E 29 22.62 18.89 21.17
C LYS E 29 22.35 19.84 22.33
N ARG E 30 21.69 20.96 22.05
CA ARG E 30 21.31 21.89 23.10
C ARG E 30 20.39 21.23 24.13
N VAL E 31 19.36 20.52 23.66
CA VAL E 31 18.41 19.90 24.57
C VAL E 31 19.10 18.82 25.41
N VAL E 32 19.95 18.00 24.78
CA VAL E 32 20.63 16.95 25.53
C VAL E 32 21.61 17.55 26.53
N GLY E 33 22.29 18.65 26.16
CA GLY E 33 23.22 19.29 27.07
C GLY E 33 22.56 19.94 28.27
N TYR E 34 21.32 20.42 28.12
CA TYR E 34 20.58 21.03 29.21
C TYR E 34 19.72 20.04 29.97
N MET E 35 20.12 18.77 30.00
CA MET E 35 19.30 17.72 30.59
C MET E 35 19.64 17.53 32.06
N ARG E 36 18.61 17.55 32.91
CA ARG E 36 18.76 17.36 34.34
C ARG E 36 19.12 15.91 34.65
N PRO E 37 19.72 15.66 35.82
CA PRO E 37 19.92 14.26 36.25
C PRO E 37 18.62 13.50 36.42
N SER E 38 17.54 14.19 36.79
CA SER E 38 16.25 13.52 36.92
C SER E 38 15.78 12.95 35.59
N ASP E 39 16.09 13.62 34.48
CA ASP E 39 15.71 13.10 33.17
C ASP E 39 16.47 11.82 32.84
N TYR E 40 17.76 11.75 33.20
CA TYR E 40 18.49 10.50 33.06
C TYR E 40 17.92 9.42 33.96
N GLY E 41 17.47 9.79 35.16
CA GLY E 41 16.77 8.85 36.00
C GLY E 41 15.51 8.31 35.35
N VAL E 42 14.77 9.18 34.67
CA VAL E 42 13.60 8.75 33.90
C VAL E 42 14.00 7.80 32.78
N ILE E 43 15.10 8.10 32.09
CA ILE E 43 15.57 7.24 31.00
C ILE E 43 15.86 5.84 31.53
N GLY E 44 16.62 5.77 32.63
CA GLY E 44 16.90 4.49 33.24
C GLY E 44 15.66 3.80 33.77
N LEU E 45 14.72 4.58 34.28
CA LEU E 45 13.46 4.03 34.78
C LEU E 45 12.72 3.30 33.67
N ALA E 46 12.58 3.94 32.51
CA ALA E 46 11.90 3.28 31.39
C ALA E 46 12.70 2.09 30.87
N THR E 47 14.04 2.25 30.79
CA THR E 47 14.91 1.20 30.28
C THR E 47 14.84 -0.04 31.15
N ALA E 48 14.58 0.11 32.43
CA ALA E 48 14.35 -1.03 33.30
C ALA E 48 12.89 -1.44 33.36
N ALA E 49 11.97 -0.53 33.06
CA ALA E 49 10.55 -0.79 33.23
C ALA E 49 10.00 -1.69 32.13
N LEU E 50 10.39 -1.48 30.87
CA LEU E 50 9.89 -2.42 29.86
C LEU E 50 10.32 -3.86 30.11
N PRO E 51 11.59 -4.18 30.38
CA PRO E 51 11.90 -5.57 30.75
C PRO E 51 11.20 -6.01 32.02
N ALA E 52 11.11 -5.13 33.02
CA ALA E 52 10.37 -5.45 34.23
C ALA E 52 8.89 -5.62 33.94
N GLY E 53 8.34 -4.78 33.06
CA GLY E 53 6.94 -4.94 32.69
C GLY E 53 6.69 -6.26 31.99
N ILE E 54 7.61 -6.68 31.12
CA ILE E 54 7.48 -7.96 30.44
C ILE E 54 7.51 -9.10 31.45
N CYS E 55 8.45 -9.04 32.40
CA CYS E 55 8.52 -10.08 33.42
C CYS E 55 7.27 -10.12 34.29
N PHE E 56 6.75 -8.95 34.65
CA PHE E 56 5.55 -8.89 35.48
C PHE E 56 4.33 -9.42 34.73
N ALA E 57 4.23 -9.09 33.44
CA ALA E 57 3.13 -9.63 32.62
C ALA E 57 3.25 -11.14 32.48
N GLU E 58 4.47 -11.64 32.32
CA GLU E 58 4.68 -13.09 32.26
C GLU E 58 4.26 -13.75 33.57
N TRP E 59 4.58 -13.12 34.70
CA TRP E 59 4.17 -13.67 35.99
C TRP E 59 2.66 -13.65 36.16
N LEU E 60 2.01 -12.57 35.72
CA LEU E 60 0.56 -12.46 35.88
C LEU E 60 -0.16 -13.52 35.06
N ASP E 61 0.27 -13.74 33.83
CA ASP E 61 -0.41 -14.67 32.92
C ASP E 61 0.64 -15.29 32.01
N PRO E 62 1.15 -16.47 32.35
CA PRO E 62 2.14 -17.12 31.49
C PRO E 62 1.59 -17.40 30.11
N VAL E 63 2.45 -17.28 29.11
CA VAL E 63 2.01 -17.45 27.72
C VAL E 63 1.55 -18.88 27.48
N LYS E 64 2.32 -19.86 27.94
CA LYS E 64 2.03 -21.26 27.72
C LYS E 64 1.66 -21.98 29.02
N GLY E 65 0.99 -21.26 29.93
CA GLY E 65 0.53 -21.86 31.16
C GLY E 65 1.58 -21.89 32.25
N LYS E 66 2.75 -22.43 31.94
CA LYS E 66 3.83 -22.50 32.91
C LYS E 66 4.67 -21.23 32.84
N PHE E 67 5.07 -20.74 34.02
CA PHE E 67 5.88 -19.53 34.08
C PHE E 67 7.25 -19.77 33.46
N ALA E 68 7.52 -19.09 32.36
CA ALA E 68 8.81 -19.16 31.69
C ALA E 68 9.30 -17.74 31.43
N ARG E 69 10.43 -17.38 32.01
CA ARG E 69 10.97 -16.05 31.83
C ARG E 69 11.25 -15.81 30.34
N PRO E 70 10.95 -14.62 29.82
CA PRO E 70 11.21 -14.35 28.40
C PRO E 70 12.68 -14.51 28.05
N SER E 71 12.93 -14.93 26.81
CA SER E 71 14.29 -15.14 26.35
C SER E 71 15.05 -13.81 26.30
N VAL E 72 16.38 -13.92 26.23
CA VAL E 72 17.23 -12.74 26.30
C VAL E 72 16.98 -11.81 25.12
N LYS E 73 16.49 -12.34 23.99
CA LYS E 73 16.18 -11.50 22.85
C LYS E 73 15.08 -10.49 23.18
N PHE E 74 14.02 -10.95 23.84
CA PHE E 74 12.93 -10.05 24.21
C PHE E 74 13.38 -9.05 25.26
N LEU E 75 14.22 -9.48 26.21
CA LEU E 75 14.75 -8.56 27.20
C LEU E 75 15.57 -7.46 26.55
N ARG E 76 16.39 -7.83 25.56
CA ARG E 76 17.23 -6.84 24.89
C ARG E 76 16.42 -5.89 24.02
N VAL E 77 15.42 -6.41 23.31
CA VAL E 77 14.53 -5.53 22.54
C VAL E 77 13.79 -4.58 23.47
N ALA E 78 13.31 -5.10 24.60
CA ALA E 78 12.61 -4.26 25.57
C ALA E 78 13.55 -3.22 26.17
N THR E 79 14.81 -3.59 26.42
CA THR E 79 15.77 -2.63 26.92
C THR E 79 16.02 -1.50 25.92
N MET E 80 16.19 -1.84 24.65
CA MET E 80 16.39 -0.81 23.64
C MET E 80 15.19 0.10 23.52
N LEU E 81 13.98 -0.48 23.49
CA LEU E 81 12.77 0.34 23.41
C LEU E 81 12.58 1.17 24.68
N GLY E 82 13.00 0.66 25.83
CA GLY E 82 12.90 1.43 27.05
C GLY E 82 13.84 2.62 27.07
N PHE E 83 15.07 2.41 26.60
CA PHE E 83 15.97 3.54 26.42
C PHE E 83 15.36 4.55 25.46
N ALA E 84 14.70 4.08 24.41
CA ALA E 84 14.07 4.97 23.44
C ALA E 84 12.97 5.82 24.09
N VAL E 85 12.04 5.18 24.79
CA VAL E 85 10.94 5.93 25.38
C VAL E 85 11.43 6.85 26.49
N GLY E 86 12.41 6.40 27.28
CA GLY E 86 12.97 7.27 28.29
C GLY E 86 13.68 8.46 27.71
N PHE E 87 14.43 8.26 26.61
CA PHE E 87 15.09 9.38 25.95
C PHE E 87 14.08 10.36 25.37
N GLY E 88 13.00 9.85 24.80
CA GLY E 88 11.95 10.73 24.31
C GLY E 88 11.30 11.55 25.41
N ALA E 89 11.00 10.91 26.54
CA ALA E 89 10.43 11.63 27.66
C ALA E 89 11.40 12.68 28.21
N ALA E 90 12.68 12.33 28.31
CA ALA E 90 13.67 13.28 28.79
C ALA E 90 13.82 14.46 27.84
N TYR E 91 13.84 14.19 26.53
CA TYR E 91 13.91 15.26 25.55
C TYR E 91 12.70 16.18 25.66
N ALA E 92 11.51 15.60 25.83
CA ALA E 92 10.32 16.42 25.95
C ALA E 92 10.34 17.27 27.22
N ARG E 93 10.79 16.68 28.33
CA ARG E 93 10.89 17.45 29.57
C ARG E 93 11.86 18.61 29.44
N SER E 94 13.03 18.35 28.83
CA SER E 94 13.99 19.42 28.61
C SER E 94 13.44 20.47 27.67
N SER E 95 12.68 20.06 26.66
CA SER E 95 12.08 21.02 25.73
C SER E 95 11.10 21.93 26.45
N LEU E 96 10.14 21.35 27.19
CA LEU E 96 9.22 22.19 27.96
C LEU E 96 9.93 23.03 29.00
N ARG E 97 11.11 22.62 29.46
CA ARG E 97 11.93 23.55 30.23
C ARG E 97 12.39 24.72 29.35
N PHE E 98 12.82 24.43 28.11
CA PHE E 98 13.21 25.49 27.20
C PHE E 98 12.04 26.40 26.84
N PHE E 99 10.85 25.81 26.61
CA PHE E 99 9.67 26.58 26.25
C PHE E 99 9.16 27.47 27.38
N GLY E 100 9.75 27.40 28.57
CA GLY E 100 9.25 28.17 29.69
C GLY E 100 7.91 27.70 30.19
N VAL E 101 7.70 26.38 30.22
CA VAL E 101 6.47 25.80 30.75
C VAL E 101 6.66 25.28 32.17
N THR E 102 7.75 24.56 32.41
CA THR E 102 8.10 24.08 33.74
C THR E 102 9.23 24.93 34.31
N GLU E 103 9.73 24.54 35.48
CA GLU E 103 10.79 25.30 36.14
C GLU E 103 12.08 25.20 35.33
N ASN E 104 12.66 26.36 34.98
CA ASN E 104 13.85 26.39 34.14
C ASN E 104 14.84 27.47 34.59
N ALA E 105 14.91 27.73 35.90
CA ALA E 105 15.79 28.79 36.38
C ALA E 105 17.25 28.47 36.11
N ARG E 106 17.69 27.25 36.46
CA ARG E 106 19.07 26.88 36.22
C ARG E 106 19.38 26.83 34.72
N GLU E 107 18.45 26.32 33.92
CA GLU E 107 18.63 26.34 32.47
C GLU E 107 18.70 27.77 31.95
N TYR E 108 17.87 28.67 32.50
CA TYR E 108 17.91 30.06 32.08
C TYR E 108 19.26 30.69 32.39
N LYS E 109 19.80 30.43 33.59
CA LYS E 109 21.10 30.99 33.95
C LYS E 109 22.21 30.43 33.07
N LYS E 110 22.18 29.12 32.80
CA LYS E 110 23.18 28.51 31.94
C LYS E 110 23.10 29.07 30.52
N ASP E 111 21.87 29.25 30.02
CA ASP E 111 21.67 29.86 28.71
C ASP E 111 22.23 31.28 28.66
N GLU E 112 21.96 32.07 29.70
CA GLU E 112 22.46 33.44 29.75
C GLU E 112 23.98 33.46 29.70
N ALA E 113 24.62 32.67 30.59
CA ALA E 113 26.07 32.60 30.58
C ALA E 113 26.59 32.09 29.24
N GLN E 114 25.85 31.19 28.58
CA GLN E 114 26.35 30.61 27.35
C GLN E 114 26.38 31.63 26.22
N MET E 115 25.28 32.39 26.01
CA MET E 115 25.43 33.34 24.92
C MET E 115 26.27 34.53 25.32
N ALA E 116 26.42 34.81 26.62
CA ALA E 116 27.39 35.82 27.03
C ALA E 116 28.79 35.42 26.61
N ALA E 117 29.16 34.16 26.86
CA ALA E 117 30.47 33.66 26.45
C ALA E 117 30.60 33.65 24.93
N ARG E 118 29.53 33.26 24.23
CA ARG E 118 29.60 33.22 22.77
C ARG E 118 29.77 34.61 22.18
N LYS E 119 29.07 35.60 22.72
CA LYS E 119 29.23 36.97 22.27
C LYS E 119 30.62 37.50 22.59
N ALA E 120 31.16 37.13 23.76
CA ALA E 120 32.52 37.50 24.09
C ALA E 120 33.53 36.90 23.11
N ALA E 121 33.28 35.67 22.68
CA ALA E 121 34.16 35.00 21.72
C ALA E 121 33.98 35.52 20.29
N GLY E 122 32.97 36.34 20.04
CA GLY E 122 32.77 36.91 18.70
C GLY E 122 32.19 35.89 17.74
N LEU E 123 31.18 35.14 18.18
CA LEU E 123 30.48 34.17 17.29
C LEU E 123 29.06 34.67 17.00
N GLU E 124 28.26 33.90 16.26
CA GLU E 124 26.83 34.23 16.01
C GLU E 124 25.99 33.65 17.12
N PRO E 125 24.84 34.25 17.47
CA PRO E 125 24.03 33.80 18.61
C PRO E 125 23.51 32.34 18.58
N TYR E 126 23.11 31.81 17.43
CA TYR E 126 22.48 30.47 17.39
C TYR E 126 23.22 29.59 16.38
N GLY E 127 24.43 30.00 16.01
CA GLY E 127 25.29 29.31 15.05
C GLY E 127 25.37 29.95 13.68
N THR E 128 26.02 29.30 12.71
CA THR E 128 26.08 29.69 11.29
C THR E 128 25.77 28.41 10.57
N SER E 129 25.11 28.42 9.44
CA SER E 129 24.78 27.10 8.86
C SER E 129 25.46 26.77 7.55
N SER E 130 25.31 25.55 7.13
CA SER E 130 25.63 24.97 5.84
C SER E 130 24.43 25.16 4.96
N LEU E 131 23.29 25.58 5.47
CA LEU E 131 22.04 25.65 4.68
C LEU E 131 21.81 27.08 4.25
N THR E 132 21.21 27.26 3.06
CA THR E 132 20.81 28.57 2.59
C THR E 132 19.72 29.13 3.52
N PRO E 133 19.61 30.46 3.60
CA PRO E 133 18.61 31.04 4.51
C PRO E 133 17.19 30.58 4.25
N GLU E 134 16.83 30.33 2.99
CA GLU E 134 15.51 29.77 2.70
C GLU E 134 15.36 28.38 3.31
N LEU E 135 16.41 27.55 3.19
CA LEU E 135 16.38 26.25 3.84
C LEU E 135 16.36 26.38 5.36
N GLN E 136 17.03 27.40 5.90
CA GLN E 136 16.96 27.66 7.33
C GLN E 136 15.53 27.95 7.77
N GLU E 137 14.84 28.81 7.01
CA GLU E 137 13.45 29.13 7.34
C GLU E 137 12.56 27.89 7.22
N ILE E 138 12.77 27.10 6.18
CA ILE E 138 11.98 25.88 6.00
C ILE E 138 12.22 24.91 7.15
N ALA E 139 13.47 24.75 7.57
CA ALA E 139 13.80 23.87 8.69
C ALA E 139 13.15 24.35 9.98
N ALA E 140 13.23 25.66 10.24
CA ALA E 140 12.62 26.19 11.45
C ALA E 140 11.11 26.03 11.43
N LYS E 141 10.49 26.24 10.27
CA LYS E 141 9.04 26.14 10.17
C LYS E 141 8.58 24.69 10.27
N ASN E 142 9.42 23.74 9.84
CA ASN E 142 9.11 22.33 10.00
C ASN E 142 9.28 21.87 11.44
N SER E 143 10.35 22.30 12.10
CA SER E 143 10.69 21.82 13.44
C SER E 143 10.08 22.68 14.54
N ALA E 144 9.29 23.69 14.21
CA ALA E 144 8.71 24.55 15.24
C ALA E 144 7.69 23.78 16.06
N HIS E 145 7.96 23.66 17.36
CA HIS E 145 7.04 23.02 18.30
C HIS E 145 6.73 21.58 17.90
N SER E 146 7.74 20.89 17.36
CA SER E 146 7.53 19.52 16.90
C SER E 146 7.45 18.52 18.06
N ILE E 147 7.74 18.94 19.29
CA ILE E 147 7.65 18.03 20.42
C ILE E 147 6.19 17.74 20.79
N ALA E 148 5.25 18.50 20.26
CA ALA E 148 3.84 18.24 20.52
C ALA E 148 3.38 16.93 19.90
N GLY E 149 4.13 16.39 18.95
CA GLY E 149 3.78 15.12 18.33
C GLY E 149 4.69 13.97 18.74
N LEU E 150 5.21 14.03 19.97
CA LEU E 150 6.07 12.96 20.46
C LEU E 150 5.33 11.63 20.50
N PHE E 151 4.03 11.66 20.78
CA PHE E 151 3.23 10.44 20.76
C PHE E 151 3.21 9.80 19.38
N ILE E 152 3.40 10.58 18.33
CA ILE E 152 3.22 10.08 16.97
C ILE E 152 4.56 9.79 16.31
N PHE E 153 5.40 10.81 16.17
CA PHE E 153 6.64 10.69 15.41
C PHE E 153 7.76 11.42 16.12
N PRO E 154 9.01 11.00 15.90
CA PRO E 154 10.15 11.76 16.42
C PRO E 154 10.67 12.77 15.39
N TRP E 155 11.00 13.95 15.89
CA TRP E 155 11.56 15.00 15.04
C TRP E 155 12.31 15.98 15.93
N PHE E 156 13.56 16.26 15.56
CA PHE E 156 14.42 17.14 16.33
C PHE E 156 15.00 18.20 15.42
N ASN E 157 15.41 19.32 16.04
CA ASN E 157 15.98 20.44 15.30
C ASN E 157 17.49 20.22 15.18
N PHE E 158 17.94 19.86 13.98
CA PHE E 158 19.35 19.67 13.69
C PHE E 158 19.90 20.80 12.82
N VAL E 159 19.17 21.91 12.70
CA VAL E 159 19.56 23.03 11.85
C VAL E 159 19.81 24.24 12.73
N ASN E 160 20.95 24.89 12.53
CA ASN E 160 21.31 26.10 13.28
C ASN E 160 20.62 27.29 12.61
N HIS E 161 19.32 27.42 12.87
CA HIS E 161 18.51 28.50 12.32
C HIS E 161 18.28 29.57 13.38
N PRO E 162 18.11 30.82 12.97
CA PRO E 162 17.96 31.92 13.95
C PRO E 162 16.55 32.10 14.48
N TYR E 163 15.60 31.26 14.09
CA TYR E 163 14.20 31.43 14.47
C TYR E 163 13.93 30.70 15.78
N HIS E 164 14.51 31.23 16.86
CA HIS E 164 14.25 30.73 18.20
C HIS E 164 13.39 31.66 19.05
N GLY E 165 12.85 32.72 18.47
CA GLY E 165 11.91 33.57 19.18
C GLY E 165 12.50 34.48 20.22
N ARG E 166 13.82 34.65 20.25
CA ARG E 166 14.49 35.51 21.21
C ARG E 166 14.83 36.86 20.58
N GLU E 167 15.30 37.77 21.41
CA GLU E 167 15.67 39.11 20.96
C GLU E 167 16.89 39.08 20.06
N ILE F 2 11.72 19.19 -45.57
CA ILE F 2 12.38 18.18 -46.37
C ILE F 2 13.57 17.58 -45.63
N ILE F 3 14.32 18.44 -44.94
CA ILE F 3 15.49 17.99 -44.19
C ILE F 3 15.08 17.02 -43.08
N ASN F 4 14.00 17.36 -42.36
CA ASN F 4 13.52 16.47 -41.30
C ASN F 4 13.07 15.13 -41.87
N ILE F 5 12.36 15.16 -43.00
CA ILE F 5 11.90 13.92 -43.61
C ILE F 5 13.08 13.05 -44.03
N VAL F 6 14.08 13.66 -44.66
CA VAL F 6 15.26 12.90 -45.08
C VAL F 6 15.97 12.31 -43.86
N GLU F 7 16.11 13.10 -42.80
CA GLU F 7 16.81 12.63 -41.60
C GLU F 7 16.08 11.46 -40.97
N ILE F 8 14.76 11.56 -40.82
CA ILE F 8 14.01 10.49 -40.17
C ILE F 8 13.99 9.25 -41.04
N LEU F 9 13.89 9.42 -42.37
CA LEU F 9 13.93 8.27 -43.26
C LEU F 9 15.28 7.56 -43.17
N ILE F 10 16.37 8.32 -43.16
CA ILE F 10 17.70 7.72 -43.08
C ILE F 10 17.86 6.96 -41.77
N PHE F 11 17.43 7.60 -40.66
CA PHE F 11 17.58 6.94 -39.36
C PHE F 11 16.73 5.67 -39.28
N LEU F 12 15.50 5.73 -39.77
CA LEU F 12 14.63 4.55 -39.74
C LEU F 12 15.21 3.43 -40.59
N VAL F 13 15.71 3.76 -41.78
CA VAL F 13 16.31 2.75 -42.64
C VAL F 13 17.52 2.12 -41.96
N CYS F 14 18.38 2.95 -41.36
CA CYS F 14 19.57 2.43 -40.71
C CYS F 14 19.22 1.52 -39.53
N VAL F 15 18.25 1.94 -38.71
CA VAL F 15 17.87 1.15 -37.55
C VAL F 15 17.25 -0.18 -37.99
N LEU F 16 16.35 -0.14 -38.97
CA LEU F 16 15.72 -1.37 -39.45
C LEU F 16 16.76 -2.31 -40.04
N PHE F 17 17.70 -1.79 -40.82
CA PHE F 17 18.74 -2.62 -41.40
C PHE F 17 19.62 -3.24 -40.31
N SER F 18 19.97 -2.46 -39.28
CA SER F 18 20.78 -3.00 -38.21
C SER F 18 20.05 -4.12 -37.47
N VAL F 19 18.78 -3.92 -37.16
CA VAL F 19 18.01 -4.95 -36.46
C VAL F 19 17.89 -6.20 -37.32
N ALA F 20 17.61 -6.02 -38.61
CA ALA F 20 17.48 -7.19 -39.49
C ALA F 20 18.80 -7.93 -39.63
N TYR F 21 19.91 -7.19 -39.74
CA TYR F 21 21.21 -7.82 -39.94
C TYR F 21 21.75 -8.46 -38.67
N LEU F 22 21.31 -8.02 -37.50
CA LEU F 22 21.79 -8.65 -36.27
C LEU F 22 21.30 -10.08 -36.13
N THR F 23 20.16 -10.43 -36.72
CA THR F 23 19.73 -11.83 -36.70
C THR F 23 20.74 -12.70 -37.44
N VAL F 24 21.18 -12.25 -38.62
CA VAL F 24 22.20 -12.97 -39.37
C VAL F 24 23.51 -12.99 -38.61
N ALA F 25 23.84 -11.87 -37.96
CA ALA F 25 25.06 -11.80 -37.16
C ALA F 25 25.04 -12.83 -36.03
N GLU F 26 23.91 -12.93 -35.34
CA GLU F 26 23.80 -13.90 -34.25
C GLU F 26 23.86 -15.32 -34.76
N ARG F 27 23.21 -15.59 -35.89
CA ARG F 27 23.26 -16.94 -36.46
C ARG F 27 24.69 -17.33 -36.82
N LYS F 28 25.42 -16.42 -37.48
CA LYS F 28 26.79 -16.72 -37.87
C LYS F 28 27.72 -16.84 -36.67
N THR F 29 27.50 -15.99 -35.65
CA THR F 29 28.31 -16.08 -34.44
C THR F 29 28.08 -17.41 -33.73
N LEU F 30 26.82 -17.86 -33.65
CA LEU F 30 26.53 -19.17 -33.08
C LEU F 30 27.20 -20.28 -33.90
N ALA F 31 27.11 -20.18 -35.22
CA ALA F 31 27.70 -21.21 -36.08
C ALA F 31 29.21 -21.30 -35.87
N TYR F 32 29.88 -20.15 -35.76
CA TYR F 32 31.33 -20.18 -35.60
C TYR F 32 31.73 -20.60 -34.19
N MET F 33 30.95 -20.21 -33.17
CA MET F 33 31.26 -20.67 -31.81
C MET F 33 31.10 -22.18 -31.69
N GLN F 34 30.05 -22.73 -32.28
CA GLN F 34 29.87 -24.17 -32.31
C GLN F 34 30.36 -24.75 -33.65
N TYR F 44 13.69 -10.60 -41.34
CA TYR F 44 13.84 -10.05 -42.68
C TYR F 44 12.79 -10.62 -43.63
N TYR F 45 12.15 -9.73 -44.40
CA TYR F 45 11.17 -10.07 -45.43
C TYR F 45 9.91 -10.68 -44.83
N GLY F 46 9.85 -10.81 -43.50
CA GLY F 46 8.66 -11.35 -42.88
C GLY F 46 7.62 -10.28 -42.59
N LEU F 47 8.04 -9.02 -42.49
CA LEU F 47 7.11 -7.94 -42.21
C LEU F 47 6.14 -7.71 -43.36
N LEU F 48 6.63 -7.76 -44.60
CA LEU F 48 5.78 -7.47 -45.75
C LEU F 48 4.65 -8.49 -45.88
N GLN F 49 4.96 -9.77 -45.70
CA GLN F 49 3.92 -10.78 -45.80
C GLN F 49 2.97 -10.72 -44.61
N ALA F 50 3.48 -10.38 -43.43
CA ALA F 50 2.63 -10.31 -42.24
C ALA F 50 1.77 -9.06 -42.20
N PHE F 51 2.29 -7.93 -42.69
CA PHE F 51 1.53 -6.70 -42.67
C PHE F 51 0.25 -6.82 -43.49
N ALA F 52 0.34 -7.43 -44.68
CA ALA F 52 -0.86 -7.68 -45.48
C ALA F 52 -1.80 -8.64 -44.76
N ASP F 53 -1.25 -9.68 -44.12
CA ASP F 53 -2.08 -10.61 -43.35
C ASP F 53 -2.74 -9.90 -42.17
N ALA F 54 -2.01 -9.03 -41.47
CA ALA F 54 -2.59 -8.29 -40.37
C ALA F 54 -3.67 -7.32 -40.86
N VAL F 55 -3.43 -6.68 -42.01
CA VAL F 55 -4.43 -5.79 -42.59
C VAL F 55 -5.68 -6.58 -42.96
N LYS F 56 -5.50 -7.81 -43.45
CA LYS F 56 -6.64 -8.64 -43.81
C LYS F 56 -7.52 -8.94 -42.59
N LEU F 57 -6.89 -9.16 -41.43
CA LEU F 57 -7.66 -9.48 -40.22
C LEU F 57 -8.59 -8.33 -39.85
N LEU F 58 -8.12 -7.10 -39.94
CA LEU F 58 -8.95 -5.94 -39.62
C LEU F 58 -10.04 -5.74 -40.67
N ASN F 69 -13.34 -8.81 -28.43
CA ASN F 69 -12.99 -7.85 -29.47
C ASN F 69 -11.72 -8.27 -30.21
N TYR F 70 -11.84 -8.42 -31.53
CA TYR F 70 -10.70 -8.78 -32.37
C TYR F 70 -9.81 -7.58 -32.66
N ILE F 71 -10.33 -6.36 -32.50
CA ILE F 71 -9.65 -5.16 -33.00
C ILE F 71 -8.32 -4.95 -32.28
N ILE F 72 -8.39 -4.78 -30.96
CA ILE F 72 -7.18 -4.45 -30.20
C ILE F 72 -6.21 -5.62 -30.22
N LEU F 73 -6.73 -6.85 -30.16
CA LEU F 73 -5.86 -8.02 -30.21
C LEU F 73 -5.11 -8.10 -31.53
N VAL F 74 -5.77 -7.76 -32.63
CA VAL F 74 -5.09 -7.77 -33.93
C VAL F 74 -4.08 -6.64 -34.02
N ILE F 75 -4.42 -5.46 -33.50
CA ILE F 75 -3.50 -4.33 -33.62
C ILE F 75 -2.34 -4.39 -32.63
N SER F 76 -2.39 -5.29 -31.65
CA SER F 76 -1.34 -5.33 -30.63
C SER F 76 0.06 -5.56 -31.18
N PRO F 77 0.33 -6.53 -32.06
CA PRO F 77 1.74 -6.80 -32.42
C PRO F 77 2.43 -5.65 -33.13
N LEU F 78 1.80 -5.06 -34.15
CA LEU F 78 2.47 -3.99 -34.87
C LEU F 78 2.63 -2.75 -34.02
N ILE F 79 1.69 -2.45 -33.11
CA ILE F 79 1.89 -1.29 -32.25
C ILE F 79 2.98 -1.56 -31.22
N THR F 80 3.16 -2.82 -30.79
CA THR F 80 4.32 -3.13 -29.95
C THR F 80 5.61 -2.89 -30.71
N LEU F 81 5.66 -3.31 -31.98
CA LEU F 81 6.86 -3.04 -32.78
C LEU F 81 7.08 -1.54 -32.97
N ILE F 82 5.99 -0.79 -33.16
CA ILE F 82 6.10 0.66 -33.29
C ILE F 82 6.65 1.28 -32.02
N THR F 83 6.22 0.79 -30.85
CA THR F 83 6.76 1.29 -29.59
C THR F 83 8.26 0.97 -29.49
N ALA F 84 8.64 -0.25 -29.86
CA ALA F 84 10.05 -0.62 -29.83
C ALA F 84 10.88 0.27 -30.75
N LEU F 85 10.32 0.66 -31.90
CA LEU F 85 11.04 1.55 -32.81
C LEU F 85 11.10 2.98 -32.27
N ILE F 86 9.98 3.48 -31.74
CA ILE F 86 9.94 4.82 -31.17
C ILE F 86 10.91 4.94 -30.00
N GLY F 87 11.25 3.83 -29.36
CA GLY F 87 12.31 3.87 -28.36
C GLY F 87 13.61 4.46 -28.88
N TRP F 88 13.81 4.44 -30.19
CA TRP F 88 15.05 4.94 -30.81
C TRP F 88 15.04 6.43 -31.12
N VAL F 89 13.90 7.11 -30.99
CA VAL F 89 13.82 8.49 -31.46
C VAL F 89 14.72 9.42 -30.65
N VAL F 90 15.09 9.03 -29.43
CA VAL F 90 15.85 9.91 -28.54
C VAL F 90 17.33 9.54 -28.47
N ILE F 91 17.74 8.43 -29.06
CA ILE F 91 19.14 8.00 -29.01
C ILE F 91 19.99 8.97 -29.82
N PRO F 92 21.01 9.58 -29.21
CA PRO F 92 21.85 10.53 -29.94
C PRO F 92 23.08 9.87 -30.56
N LEU F 93 23.56 10.50 -31.63
CA LEU F 93 24.78 10.09 -32.31
C LEU F 93 25.83 11.18 -32.27
N GLY F 94 25.69 12.14 -31.35
CA GLY F 94 26.56 13.28 -31.27
C GLY F 94 25.86 14.40 -30.53
N PRO F 95 26.58 15.47 -30.19
CA PRO F 95 25.94 16.60 -29.50
C PRO F 95 24.77 17.15 -30.29
N GLY F 96 23.56 16.96 -29.77
CA GLY F 96 22.36 17.40 -30.45
C GLY F 96 21.95 16.57 -31.64
N ILE F 97 22.71 15.53 -31.98
CA ILE F 97 22.43 14.72 -33.16
C ILE F 97 21.40 13.65 -32.78
N THR F 98 20.13 13.96 -32.93
CA THR F 98 19.06 13.04 -32.59
C THR F 98 17.79 13.47 -33.28
N LEU F 99 16.87 12.51 -33.45
CA LEU F 99 15.57 12.84 -34.01
C LEU F 99 14.77 13.73 -33.07
N GLY F 100 14.78 13.41 -31.77
CA GLY F 100 14.16 14.26 -30.79
C GLY F 100 15.08 14.60 -29.64
N GLU F 101 15.45 15.88 -29.53
CA GLU F 101 16.29 16.34 -28.42
C GLU F 101 15.38 16.65 -27.25
N LEU F 102 15.12 15.64 -26.43
CA LEU F 102 14.19 15.75 -25.32
C LEU F 102 14.94 16.07 -24.04
N ASN F 103 14.48 17.11 -23.33
CA ASN F 103 14.99 17.35 -21.98
C ASN F 103 14.57 16.24 -21.02
N LEU F 104 13.59 15.43 -21.41
CA LEU F 104 13.15 14.27 -20.63
C LEU F 104 13.47 12.98 -21.37
N GLY F 105 14.65 12.90 -21.99
CA GLY F 105 15.02 11.73 -22.75
C GLY F 105 15.16 10.49 -21.87
N ILE F 106 15.69 10.65 -20.66
CA ILE F 106 15.80 9.52 -19.74
C ILE F 106 14.42 9.01 -19.36
N LEU F 107 13.50 9.91 -19.03
CA LEU F 107 12.15 9.49 -18.67
C LEU F 107 11.44 8.85 -19.84
N PHE F 108 11.61 9.39 -21.05
CA PHE F 108 11.01 8.80 -22.24
C PHE F 108 11.57 7.40 -22.49
N SER F 109 12.89 7.24 -22.33
CA SER F 109 13.51 5.93 -22.51
C SER F 109 12.99 4.93 -21.49
N LEU F 110 12.85 5.37 -20.23
CA LEU F 110 12.31 4.48 -19.20
C LEU F 110 10.88 4.09 -19.50
N ALA F 111 10.08 5.05 -19.99
CA ALA F 111 8.68 4.74 -20.32
C ALA F 111 8.59 3.74 -21.46
N ILE F 112 9.43 3.90 -22.49
CA ILE F 112 9.40 2.95 -23.59
C ILE F 112 9.88 1.57 -23.14
N GLY F 113 10.93 1.53 -22.31
CA GLY F 113 11.37 0.25 -21.77
C GLY F 113 10.29 -0.42 -20.93
N SER F 114 9.52 0.36 -20.19
CA SER F 114 8.40 -0.19 -19.44
C SER F 114 7.32 -0.73 -20.36
N LEU F 115 7.02 0.00 -21.44
CA LEU F 115 6.04 -0.47 -22.41
C LEU F 115 6.50 -1.72 -23.15
N GLY F 116 7.80 -1.96 -23.24
CA GLY F 116 8.31 -3.10 -23.96
C GLY F 116 7.96 -4.45 -23.38
N VAL F 117 7.46 -4.49 -22.14
CA VAL F 117 7.10 -5.77 -21.53
C VAL F 117 5.78 -6.31 -22.07
N PHE F 118 4.97 -5.48 -22.73
CA PHE F 118 3.69 -5.94 -23.24
C PHE F 118 3.86 -6.90 -24.41
N GLY F 119 4.99 -6.84 -25.10
CA GLY F 119 5.17 -7.68 -26.27
C GLY F 119 5.12 -9.15 -25.94
N SER F 120 5.85 -9.57 -24.90
CA SER F 120 5.87 -10.97 -24.52
C SER F 120 4.50 -11.44 -24.06
N LEU F 121 3.80 -10.62 -23.29
CA LEU F 121 2.47 -10.99 -22.79
C LEU F 121 1.48 -11.16 -23.93
N LEU F 122 1.42 -10.20 -24.84
CA LEU F 122 0.47 -10.30 -25.95
C LEU F 122 0.85 -11.41 -26.91
N SER F 123 2.15 -11.66 -27.10
CA SER F 123 2.57 -12.81 -27.89
C SER F 123 2.17 -14.12 -27.24
N GLY F 124 2.24 -14.19 -25.92
CA GLY F 124 1.76 -15.38 -25.22
C GLY F 124 0.26 -15.57 -25.41
N TRP F 125 -0.50 -14.48 -25.43
CA TRP F 125 -1.92 -14.60 -25.74
C TRP F 125 -2.18 -14.98 -27.18
N SER F 126 -1.30 -14.61 -28.11
CA SER F 126 -1.63 -14.74 -29.53
C SER F 126 -1.89 -16.19 -29.92
N SER F 127 -1.13 -17.12 -29.36
CA SER F 127 -1.21 -18.53 -29.76
C SER F 127 -2.43 -19.25 -29.19
N ASN F 128 -3.09 -18.70 -28.18
CA ASN F 128 -4.16 -19.36 -27.45
C ASN F 128 -3.70 -20.78 -27.05
N SER F 129 -2.58 -20.79 -26.33
CA SER F 129 -1.96 -22.03 -25.87
C SER F 129 -1.53 -21.84 -24.43
N LYS F 130 -1.85 -22.83 -23.60
CA LYS F 130 -1.53 -22.73 -22.17
C LYS F 130 -0.03 -22.65 -21.94
N TYR F 131 0.74 -23.46 -22.66
CA TYR F 131 2.19 -23.46 -22.48
C TYR F 131 2.79 -22.12 -22.90
N SER F 132 2.30 -21.54 -23.99
CA SER F 132 2.74 -20.21 -24.38
C SER F 132 2.34 -19.17 -23.34
N LEU F 133 1.20 -19.36 -22.69
CA LEU F 133 0.80 -18.42 -21.64
C LEU F 133 1.71 -18.53 -20.41
N LEU F 134 2.10 -19.74 -20.02
CA LEU F 134 3.09 -19.87 -18.96
C LEU F 134 4.41 -19.22 -19.35
N GLY F 135 4.83 -19.42 -20.59
CA GLY F 135 6.04 -18.74 -21.06
C GLY F 135 5.91 -17.24 -20.94
N SER F 136 4.77 -16.69 -21.34
CA SER F 136 4.55 -15.25 -21.26
C SER F 136 4.57 -14.76 -19.81
N ILE F 137 3.94 -15.51 -18.90
CA ILE F 137 3.94 -15.11 -17.49
C ILE F 137 5.35 -15.11 -16.93
N ARG F 138 6.12 -16.18 -17.16
CA ARG F 138 7.47 -16.23 -16.64
C ARG F 138 8.33 -15.13 -17.24
N SER F 139 8.20 -14.91 -18.56
CA SER F 139 8.97 -13.86 -19.21
C SER F 139 8.60 -12.49 -18.64
N THR F 140 7.31 -12.22 -18.45
CA THR F 140 6.88 -10.92 -17.97
C THR F 140 7.40 -10.66 -16.55
N ALA F 141 7.33 -11.68 -15.69
CA ALA F 141 7.84 -11.50 -14.33
C ALA F 141 9.34 -11.24 -14.34
N GLN F 142 10.08 -11.98 -15.16
CA GLN F 142 11.52 -11.74 -15.25
C GLN F 142 11.84 -10.36 -15.79
N LEU F 143 11.10 -9.92 -16.83
CA LEU F 143 11.32 -8.60 -17.40
C LEU F 143 11.05 -7.50 -16.39
N ILE F 144 9.96 -7.57 -15.63
CA ILE F 144 9.70 -6.51 -14.66
C ILE F 144 10.72 -6.57 -13.53
N SER F 145 11.12 -7.77 -13.12
CA SER F 145 12.12 -7.92 -12.07
C SER F 145 13.41 -7.21 -12.45
N TYR F 146 13.86 -7.39 -13.69
CA TYR F 146 15.10 -6.73 -14.09
C TYR F 146 14.88 -5.30 -14.58
N GLU F 147 13.64 -4.92 -14.90
CA GLU F 147 13.33 -3.51 -15.11
C GLU F 147 13.53 -2.71 -13.84
N LEU F 148 13.24 -3.33 -12.69
CA LEU F 148 13.57 -2.68 -11.42
C LEU F 148 15.06 -2.36 -11.35
N ILE F 149 15.91 -3.32 -11.71
CA ILE F 149 17.35 -3.11 -11.68
C ILE F 149 17.76 -2.02 -12.66
N LEU F 150 17.21 -2.06 -13.87
CA LEU F 150 17.57 -1.09 -14.89
C LEU F 150 17.20 0.32 -14.45
N THR F 151 15.99 0.50 -13.91
CA THR F 151 15.56 1.82 -13.45
C THR F 151 16.41 2.29 -12.27
N SER F 152 16.76 1.36 -11.37
CA SER F 152 17.62 1.70 -10.25
C SER F 152 18.97 2.24 -10.74
N ILE F 153 19.57 1.54 -11.70
CA ILE F 153 20.88 1.99 -12.22
C ILE F 153 20.73 3.32 -12.96
N PHE F 154 19.62 3.49 -13.69
CA PHE F 154 19.36 4.77 -14.35
C PHE F 154 19.38 5.90 -13.34
N ILE F 155 18.65 5.76 -12.23
CA ILE F 155 18.57 6.83 -11.25
C ILE F 155 19.90 7.03 -10.54
N ILE F 156 20.63 5.94 -10.28
CA ILE F 156 21.98 6.06 -9.71
C ILE F 156 22.85 6.92 -10.61
N ILE F 157 22.80 6.68 -11.92
CA ILE F 157 23.57 7.48 -12.86
C ILE F 157 23.11 8.94 -12.84
N ILE F 158 21.78 9.15 -12.85
CA ILE F 158 21.26 10.52 -12.88
C ILE F 158 21.68 11.29 -11.62
N MET F 159 21.94 10.60 -10.52
CA MET F 159 22.37 11.30 -9.31
C MET F 159 23.65 12.09 -9.50
N PHE F 160 24.45 11.76 -10.51
CA PHE F 160 25.67 12.52 -10.80
C PHE F 160 25.46 13.67 -11.78
N VAL F 161 24.29 13.75 -12.41
CA VAL F 161 24.04 14.70 -13.49
C VAL F 161 22.95 15.71 -13.13
N SER F 162 21.91 15.26 -12.44
CA SER F 162 20.74 16.09 -12.13
C SER F 162 20.10 16.64 -13.41
N SER F 163 20.02 15.78 -14.42
CA SER F 163 19.39 16.15 -15.67
C SER F 163 18.88 14.90 -16.36
N LEU F 164 17.76 15.04 -17.08
CA LEU F 164 17.16 13.96 -17.82
C LEU F 164 17.45 14.02 -19.32
N ASN F 165 18.37 14.89 -19.72
CA ASN F 165 18.77 15.00 -21.13
C ASN F 165 19.92 14.04 -21.39
N ILE F 166 19.75 13.16 -22.37
CA ILE F 166 20.77 12.15 -22.66
C ILE F 166 22.07 12.81 -23.10
N THR F 167 21.98 13.81 -23.98
CA THR F 167 23.16 14.53 -24.43
C THR F 167 23.87 15.20 -23.26
N THR F 168 23.11 15.67 -22.28
CA THR F 168 23.73 16.30 -21.12
C THR F 168 24.59 15.31 -20.34
N ILE F 169 24.08 14.10 -20.10
CA ILE F 169 24.86 13.08 -19.40
C ILE F 169 26.08 12.68 -20.21
N ILE F 170 25.91 12.52 -21.53
CA ILE F 170 27.03 12.15 -22.38
C ILE F 170 28.09 13.25 -22.36
N GLU F 171 27.67 14.51 -22.23
CA GLU F 171 28.62 15.62 -22.16
C GLU F 171 29.32 15.67 -20.80
N THR F 172 28.61 15.38 -19.72
CA THR F 172 29.28 15.29 -18.43
C THR F 172 30.28 14.15 -18.38
N GLN F 173 30.06 13.10 -19.17
CA GLN F 173 31.01 11.99 -19.19
C GLN F 173 32.32 12.34 -19.89
N ARG F 174 32.53 13.60 -20.28
CA ARG F 174 33.80 13.99 -20.87
C ARG F 174 34.94 13.92 -19.86
N VAL F 175 34.69 14.35 -18.61
CA VAL F 175 35.73 14.31 -17.60
C VAL F 175 36.16 12.87 -17.34
N VAL F 176 35.19 11.97 -17.19
CA VAL F 176 35.48 10.55 -17.02
C VAL F 176 34.20 9.78 -17.33
N TRP F 177 34.36 8.64 -18.00
CA TRP F 177 33.23 7.75 -18.19
C TRP F 177 32.72 7.25 -16.84
N TYR F 178 31.40 7.20 -16.69
CA TYR F 178 30.82 6.76 -15.42
C TYR F 178 31.06 5.28 -15.16
N CYS F 179 31.56 4.55 -16.16
CA CYS F 179 31.97 3.17 -15.92
C CYS F 179 33.11 3.07 -14.92
N ILE F 180 34.09 3.97 -15.03
CA ILE F 180 35.30 3.84 -14.21
C ILE F 180 35.00 3.96 -12.73
N PRO F 181 34.25 4.96 -12.24
CA PRO F 181 33.90 4.96 -10.81
C PRO F 181 32.89 3.90 -10.44
N LEU F 182 32.18 3.31 -11.40
CA LEU F 182 31.08 2.40 -11.14
C LEU F 182 31.21 1.12 -11.98
N LEU F 183 32.40 0.53 -11.97
CA LEU F 183 32.60 -0.73 -12.70
C LEU F 183 31.70 -1.86 -12.20
N PRO F 184 31.52 -2.08 -10.89
CA PRO F 184 30.50 -3.07 -10.48
C PRO F 184 29.11 -2.72 -10.96
N LEU F 185 28.79 -1.43 -11.06
CA LEU F 185 27.52 -1.04 -11.65
C LEU F 185 27.45 -1.43 -13.13
N LEU F 186 28.58 -1.33 -13.83
CA LEU F 186 28.60 -1.79 -15.22
C LEU F 186 28.32 -3.29 -15.30
N LEU F 187 28.95 -4.07 -14.41
CA LEU F 187 28.70 -5.51 -14.41
C LEU F 187 27.24 -5.81 -14.09
N ILE F 188 26.68 -5.11 -13.12
CA ILE F 188 25.27 -5.31 -12.75
C ILE F 188 24.36 -4.97 -13.93
N PHE F 189 24.63 -3.86 -14.61
CA PHE F 189 23.80 -3.47 -15.75
C PHE F 189 23.92 -4.49 -16.87
N PHE F 190 25.12 -4.99 -17.12
CA PHE F 190 25.28 -5.99 -18.18
C PHE F 190 24.51 -7.26 -17.85
N ILE F 191 24.59 -7.74 -16.61
CA ILE F 191 23.84 -8.94 -16.22
C ILE F 191 22.34 -8.69 -16.34
N ALA F 192 21.87 -7.54 -15.83
CA ALA F 192 20.46 -7.21 -15.89
C ALA F 192 19.98 -7.03 -17.31
N SER F 193 20.87 -6.60 -18.22
CA SER F 193 20.50 -6.44 -19.62
C SER F 193 20.38 -7.80 -20.31
N VAL F 194 21.30 -8.70 -20.02
CA VAL F 194 21.20 -10.06 -20.58
C VAL F 194 19.94 -10.74 -20.05
N ALA F 195 19.58 -10.48 -18.79
CA ALA F 195 18.40 -11.12 -18.20
C ALA F 195 17.11 -10.40 -18.57
N GLU F 196 17.17 -9.13 -18.95
CA GLU F 196 15.97 -8.39 -19.31
C GLU F 196 15.28 -9.00 -20.52
N THR F 197 16.03 -9.29 -21.57
CA THR F 197 15.48 -9.79 -22.81
C THR F 197 15.48 -11.31 -22.89
N ALA F 198 15.61 -11.99 -21.75
CA ALA F 198 15.61 -13.46 -21.68
C ALA F 198 16.70 -14.04 -22.57
N ARG F 199 17.82 -13.34 -22.69
CA ARG F 199 18.92 -13.86 -23.48
C ARG F 199 19.70 -14.90 -22.68
N PRO F 200 19.91 -16.10 -23.24
CA PRO F 200 20.67 -17.10 -22.52
C PRO F 200 22.05 -16.58 -22.16
N PRO F 201 22.61 -17.01 -21.02
CA PRO F 201 22.09 -18.04 -20.13
C PRO F 201 21.02 -17.54 -19.17
N PHE F 202 20.63 -16.29 -19.36
CA PHE F 202 19.63 -15.63 -18.53
C PHE F 202 18.24 -15.70 -19.20
N ASP F 203 17.97 -16.80 -19.87
CA ASP F 203 16.66 -17.03 -20.49
C ASP F 203 15.67 -17.61 -19.50
N SER F 222 2.14 -15.19 -37.88
CA SER F 222 2.27 -13.87 -38.50
C SER F 222 2.66 -12.77 -37.52
N PRO F 223 2.06 -12.73 -36.32
CA PRO F 223 2.57 -11.80 -35.29
C PRO F 223 3.98 -12.13 -34.82
N PHE F 224 4.46 -13.34 -35.11
CA PHE F 224 5.76 -13.76 -34.59
C PHE F 224 6.89 -12.91 -35.14
N VAL F 225 6.83 -12.56 -36.43
CA VAL F 225 7.90 -11.74 -37.01
C VAL F 225 7.88 -10.34 -36.41
N PHE F 226 6.69 -9.78 -36.20
CA PHE F 226 6.56 -8.48 -35.54
C PHE F 226 7.20 -8.52 -34.16
N PHE F 227 6.82 -9.50 -33.35
CA PHE F 227 7.36 -9.59 -31.99
C PHE F 227 8.85 -9.90 -32.00
N PHE F 228 9.31 -10.65 -33.01
CA PHE F 228 10.74 -10.99 -33.11
C PHE F 228 11.58 -9.74 -33.37
N LEU F 229 11.18 -8.94 -34.37
CA LEU F 229 11.92 -7.71 -34.63
C LEU F 229 11.76 -6.70 -33.51
N ALA F 230 10.60 -6.66 -32.85
CA ALA F 230 10.45 -5.77 -31.70
C ALA F 230 11.37 -6.18 -30.57
N GLU F 231 11.50 -7.49 -30.33
CA GLU F 231 12.39 -7.98 -29.29
C GLU F 231 13.84 -7.62 -29.59
N TYR F 232 14.27 -7.80 -30.83
CA TYR F 232 15.65 -7.43 -31.15
C TYR F 232 15.87 -5.93 -31.12
N SER F 233 14.85 -5.14 -31.47
CA SER F 233 14.93 -3.70 -31.31
C SER F 233 15.11 -3.32 -29.85
N ASN F 234 14.38 -4.00 -28.96
CA ASN F 234 14.55 -3.75 -27.52
C ASN F 234 15.94 -4.14 -27.05
N ILE F 235 16.49 -5.23 -27.60
CA ILE F 235 17.87 -5.63 -27.26
C ILE F 235 18.84 -4.51 -27.63
N ILE F 236 18.71 -3.97 -28.84
CA ILE F 236 19.61 -2.91 -29.27
C ILE F 236 19.38 -1.65 -28.44
N LEU F 237 18.13 -1.38 -28.06
CA LEU F 237 17.84 -0.22 -27.22
C LEU F 237 18.50 -0.34 -25.86
N ILE F 238 18.49 -1.54 -25.27
CA ILE F 238 19.15 -1.73 -23.98
C ILE F 238 20.66 -1.60 -24.13
N SER F 239 21.21 -2.09 -25.24
CA SER F 239 22.63 -1.90 -25.49
C SER F 239 22.97 -0.41 -25.58
N ALA F 240 22.13 0.36 -26.28
CA ALA F 240 22.34 1.81 -26.37
C ALA F 240 22.21 2.47 -25.01
N PHE F 241 21.25 2.02 -24.20
CA PHE F 241 21.07 2.55 -22.85
C PHE F 241 22.34 2.38 -22.04
N ASN F 242 22.88 1.16 -22.03
CA ASN F 242 24.14 0.91 -21.33
C ASN F 242 25.26 1.77 -21.91
N GLY F 243 25.28 1.92 -23.23
CA GLY F 243 26.34 2.69 -23.86
C GLY F 243 26.37 4.14 -23.43
N TYR F 244 25.21 4.81 -23.43
CA TYR F 244 25.24 6.21 -23.03
C TYR F 244 25.09 6.42 -21.53
N LEU F 245 24.83 5.37 -20.76
CA LEU F 245 24.83 5.52 -19.31
C LEU F 245 26.21 5.31 -18.71
N LEU F 246 26.98 4.37 -19.26
CA LEU F 246 28.22 3.94 -18.64
C LEU F 246 29.44 4.02 -19.55
N LEU F 247 29.29 3.71 -20.83
CA LEU F 247 30.43 3.62 -21.74
C LEU F 247 30.77 4.95 -22.40
N GLY F 248 30.09 6.04 -22.04
CA GLY F 248 30.42 7.35 -22.55
C GLY F 248 29.69 7.76 -23.80
N GLY F 249 28.91 6.87 -24.41
CA GLY F 249 28.20 7.25 -25.62
C GLY F 249 29.14 7.39 -26.79
N TYR F 250 29.04 8.53 -27.48
CA TYR F 250 29.79 8.74 -28.72
C TYR F 250 31.22 9.22 -28.48
N LEU F 251 31.63 9.48 -27.25
CA LEU F 251 32.96 10.01 -27.01
C LEU F 251 34.05 8.99 -27.34
N SER F 252 35.22 9.52 -27.66
CA SER F 252 36.44 8.76 -27.94
C SER F 252 37.62 9.62 -27.49
N PHE F 253 38.80 9.30 -27.99
CA PHE F 253 39.97 10.12 -27.69
C PHE F 253 39.78 11.55 -28.19
N ASN F 254 40.31 12.51 -27.43
CA ASN F 254 40.21 13.90 -27.80
C ASN F 254 40.91 14.16 -29.12
N TYR F 255 40.26 14.92 -30.00
CA TYR F 255 40.77 15.17 -31.35
C TYR F 255 40.93 16.65 -31.64
N SER F 256 41.04 17.49 -30.62
CA SER F 256 41.23 18.92 -30.86
C SER F 256 42.55 19.18 -31.56
N TYR F 257 43.63 18.54 -31.11
CA TYR F 257 44.92 18.71 -31.77
C TYR F 257 44.90 18.15 -33.19
N LEU F 258 44.23 17.00 -33.38
CA LEU F 258 44.15 16.41 -34.71
C LEU F 258 43.41 17.32 -35.67
N PHE F 259 42.30 17.92 -35.22
CA PHE F 259 41.56 18.84 -36.09
C PHE F 259 42.35 20.13 -36.32
N ASN F 260 43.10 20.59 -35.32
CA ASN F 260 43.93 21.77 -35.50
C ASN F 260 45.00 21.53 -36.55
N ILE F 261 45.61 20.34 -36.53
CA ILE F 261 46.63 20.00 -37.53
C ILE F 261 45.99 19.85 -38.90
N LEU F 262 44.88 19.12 -38.98
CA LEU F 262 44.28 18.82 -40.28
C LEU F 262 43.58 20.04 -40.88
N PHE F 263 42.81 20.77 -40.06
CA PHE F 263 41.97 21.84 -40.55
C PHE F 263 42.40 23.18 -39.95
N ASN F 264 42.17 24.25 -40.71
CA ASN F 264 42.47 25.60 -40.27
C ASN F 264 41.23 26.44 -40.02
N ASP F 265 40.05 25.98 -40.44
CA ASP F 265 38.81 26.73 -40.23
C ASP F 265 37.65 25.77 -40.29
N TYR F 266 36.50 26.23 -39.81
CA TYR F 266 35.29 25.41 -39.84
C TYR F 266 34.87 25.13 -41.27
N SER F 267 34.51 23.87 -41.54
CA SER F 267 34.07 23.48 -42.87
C SER F 267 33.18 22.26 -42.74
N TYR F 268 32.39 22.00 -43.80
CA TYR F 268 31.51 20.85 -43.80
C TYR F 268 32.30 19.55 -43.74
N VAL F 269 33.52 19.53 -44.27
CA VAL F 269 34.37 18.35 -44.17
C VAL F 269 34.73 18.08 -42.72
N SER F 270 35.06 19.13 -41.95
CA SER F 270 35.38 18.95 -40.55
C SER F 270 34.17 18.45 -39.75
N PHE F 271 33.00 19.01 -40.03
CA PHE F 271 31.79 18.55 -39.36
C PHE F 271 31.50 17.09 -39.69
N LEU F 272 31.65 16.72 -40.97
CA LEU F 272 31.43 15.33 -41.35
C LEU F 272 32.43 14.42 -40.65
N PHE F 273 33.69 14.83 -40.55
CA PHE F 273 34.70 13.99 -39.91
C PHE F 273 34.41 13.83 -38.42
N GLU F 274 34.03 14.91 -37.74
CA GLU F 274 33.74 14.80 -36.31
C GLU F 274 32.50 13.96 -36.07
N GLY F 275 31.47 14.10 -36.91
CA GLY F 275 30.30 13.24 -36.78
C GLY F 275 30.63 11.79 -37.03
N LEU F 276 31.47 11.52 -38.03
CA LEU F 276 31.90 10.15 -38.29
C LEU F 276 32.65 9.58 -37.11
N ILE F 277 33.53 10.37 -36.49
CA ILE F 277 34.29 9.89 -35.33
C ILE F 277 33.34 9.55 -34.18
N ASN F 278 32.43 10.47 -33.87
CA ASN F 278 31.50 10.25 -32.77
C ASN F 278 30.65 9.01 -33.02
N SER F 279 30.09 8.89 -34.24
CA SER F 279 29.21 7.78 -34.54
C SER F 279 29.97 6.46 -34.60
N SER F 280 31.21 6.47 -35.09
CA SER F 280 32.01 5.25 -35.09
C SER F 280 32.31 4.79 -33.67
N ALA F 281 32.65 5.72 -32.78
CA ALA F 281 32.90 5.33 -31.38
C ALA F 281 31.64 4.76 -30.74
N TYR F 282 30.51 5.43 -30.94
CA TYR F 282 29.27 4.97 -30.33
C TYR F 282 28.86 3.61 -30.89
N ALA F 283 29.02 3.43 -32.21
CA ALA F 283 28.67 2.16 -32.83
C ALA F 283 29.63 1.04 -32.43
N ILE F 284 30.90 1.34 -32.21
CA ILE F 284 31.82 0.30 -31.77
C ILE F 284 31.50 -0.14 -30.35
N LYS F 285 31.11 0.81 -29.49
CA LYS F 285 30.64 0.43 -28.16
C LYS F 285 29.37 -0.42 -28.24
N LEU F 286 28.44 -0.02 -29.11
CA LEU F 286 27.22 -0.80 -29.32
C LEU F 286 27.55 -2.22 -29.78
N VAL F 287 28.48 -2.34 -30.74
CA VAL F 287 28.81 -3.64 -31.30
C VAL F 287 29.52 -4.49 -30.26
N PHE F 288 30.34 -3.88 -29.40
CA PHE F 288 30.96 -4.63 -28.32
C PHE F 288 29.91 -5.19 -27.37
N LEU F 289 28.93 -4.38 -27.00
CA LEU F 289 27.85 -4.89 -26.13
C LEU F 289 27.04 -5.97 -26.84
N MET F 290 26.77 -5.80 -28.13
CA MET F 290 26.06 -6.81 -28.90
C MET F 290 26.82 -8.12 -28.91
N PHE F 291 28.12 -8.07 -29.19
CA PHE F 291 28.95 -9.26 -29.21
C PHE F 291 28.98 -9.91 -27.84
N SER F 292 28.96 -9.11 -26.77
CA SER F 292 28.87 -9.68 -25.43
C SER F 292 27.55 -10.43 -25.24
N PHE F 293 26.45 -9.88 -25.74
CA PHE F 293 25.16 -10.55 -25.61
C PHE F 293 25.14 -11.88 -26.34
N ILE F 294 25.54 -11.89 -27.62
CA ILE F 294 25.56 -13.16 -28.34
C ILE F 294 26.63 -14.10 -27.76
N TRP F 295 27.69 -13.56 -27.15
CA TRP F 295 28.68 -14.43 -26.52
C TRP F 295 28.12 -15.14 -25.31
N VAL F 296 27.42 -14.41 -24.43
CA VAL F 296 26.80 -15.07 -23.29
C VAL F 296 25.69 -16.01 -23.75
N ARG F 297 25.06 -15.73 -24.89
CA ARG F 297 24.15 -16.71 -25.48
C ARG F 297 24.89 -17.97 -25.88
N ALA F 298 26.09 -17.83 -26.43
CA ALA F 298 26.93 -18.94 -26.86
C ALA F 298 28.03 -19.22 -25.85
N ALA F 299 27.69 -19.12 -24.57
CA ALA F 299 28.63 -19.15 -23.45
C ALA F 299 27.97 -19.85 -22.26
N PHE F 300 28.41 -19.50 -21.04
CA PHE F 300 28.13 -20.16 -19.78
C PHE F 300 26.71 -20.76 -19.73
N PRO F 301 26.56 -21.96 -19.18
CA PRO F 301 25.33 -22.73 -19.38
C PRO F 301 24.09 -22.01 -18.87
N ARG F 302 22.96 -22.37 -19.47
CA ARG F 302 21.68 -21.73 -19.15
C ARG F 302 21.31 -21.96 -17.69
N PHE F 303 20.68 -20.95 -17.09
CA PHE F 303 20.23 -21.00 -15.71
C PHE F 303 18.72 -21.17 -15.65
N THR F 304 18.26 -21.79 -14.57
CA THR F 304 16.84 -22.01 -14.37
C THR F 304 16.13 -20.69 -14.04
N TYR F 305 14.82 -20.68 -14.31
CA TYR F 305 14.03 -19.47 -14.15
C TYR F 305 13.96 -19.01 -12.70
N ASP F 306 13.74 -19.94 -11.77
CA ASP F 306 13.66 -19.58 -10.36
C ASP F 306 14.96 -18.95 -9.89
N ASN F 307 16.09 -19.54 -10.29
CA ASN F 307 17.38 -18.93 -9.98
C ASN F 307 17.51 -17.56 -10.63
N LEU F 308 16.94 -17.41 -11.83
CA LEU F 308 17.02 -16.13 -12.53
C LEU F 308 16.38 -15.02 -11.74
N ILE F 309 15.17 -15.25 -11.20
CA ILE F 309 14.53 -14.22 -10.40
C ILE F 309 15.17 -14.08 -9.02
N ASN F 310 15.59 -15.19 -8.40
CA ASN F 310 16.22 -15.09 -7.09
C ASN F 310 17.52 -14.29 -7.15
N PHE F 311 18.28 -14.40 -8.24
CA PHE F 311 19.50 -13.61 -8.37
C PHE F 311 19.20 -12.12 -8.37
N CYS F 312 18.09 -11.70 -8.97
CA CYS F 312 17.72 -10.29 -8.95
C CYS F 312 17.18 -9.86 -7.59
N TRP F 313 16.36 -10.71 -6.95
CA TRP F 313 15.65 -10.29 -5.75
C TRP F 313 16.37 -10.57 -4.45
N ILE F 314 17.51 -11.26 -4.47
CA ILE F 314 18.21 -11.59 -3.23
C ILE F 314 19.61 -11.00 -3.24
N ILE F 315 20.18 -10.83 -4.44
CA ILE F 315 21.56 -10.43 -4.60
C ILE F 315 21.70 -9.04 -5.20
N LEU F 316 20.96 -8.75 -6.27
CA LEU F 316 21.15 -7.50 -6.99
C LEU F 316 20.50 -6.32 -6.26
N LEU F 317 19.23 -6.47 -5.87
CA LEU F 317 18.53 -5.36 -5.24
C LEU F 317 19.14 -4.90 -3.93
N PRO F 318 19.56 -5.77 -3.00
CA PRO F 318 20.26 -5.26 -1.80
C PRO F 318 21.49 -4.43 -2.13
N LEU F 319 22.27 -4.87 -3.11
CA LEU F 319 23.43 -4.09 -3.53
C LEU F 319 23.01 -2.73 -4.07
N LEU F 320 21.91 -2.71 -4.85
CA LEU F 320 21.47 -1.46 -5.45
C LEU F 320 20.94 -0.49 -4.40
N PHE F 321 20.31 -1.01 -3.34
CA PHE F 321 19.90 -0.13 -2.25
C PHE F 321 21.10 0.36 -1.46
N GLY F 322 22.12 -0.48 -1.29
CA GLY F 322 23.37 0.00 -0.71
C GLY F 322 23.99 1.13 -1.52
N ILE F 323 23.93 1.02 -2.85
CA ILE F 323 24.45 2.10 -3.70
C ILE F 323 23.57 3.34 -3.58
N PHE F 324 22.24 3.15 -3.52
CA PHE F 324 21.33 4.24 -3.23
C PHE F 324 21.75 5.00 -1.98
N LEU F 325 22.18 4.28 -0.95
CA LEU F 325 22.59 4.94 0.28
C LEU F 325 23.98 5.58 0.16
N ILE F 326 24.90 4.97 -0.58
CA ILE F 326 26.28 5.45 -0.55
C ILE F 326 26.54 6.59 -1.52
N ILE F 327 25.95 6.58 -2.72
CA ILE F 327 26.27 7.59 -3.73
C ILE F 327 25.91 9.00 -3.26
N PRO F 328 24.68 9.26 -2.80
CA PRO F 328 24.41 10.58 -2.21
C PRO F 328 25.26 10.87 -1.00
N SER F 329 25.57 9.85 -0.19
CA SER F 329 26.46 10.06 0.94
C SER F 329 27.86 10.45 0.48
N THR F 330 28.36 9.79 -0.56
CA THR F 330 29.67 10.15 -1.10
C THR F 330 29.68 11.57 -1.63
N LEU F 331 28.59 11.97 -2.30
CA LEU F 331 28.53 13.34 -2.81
C LEU F 331 28.40 14.36 -1.69
N TYR F 332 27.69 14.02 -0.61
CA TYR F 332 27.55 14.93 0.51
C TYR F 332 28.86 15.06 1.29
N ILE F 333 29.64 14.00 1.37
CA ILE F 333 30.91 14.05 2.10
C ILE F 333 31.85 15.08 1.47
N PHE F 334 31.93 15.06 0.15
CA PHE F 334 32.90 15.90 -0.58
C PHE F 334 32.27 17.14 -1.19
N ASP F 335 31.01 17.44 -0.87
CA ASP F 335 30.31 18.63 -1.34
C ASP F 335 30.34 18.70 -2.88
N SER F 336 29.72 17.69 -3.48
CA SER F 336 29.73 17.55 -4.93
C SER F 336 28.33 17.19 -5.44
N PHE F 337 27.32 17.89 -4.93
CA PHE F 337 25.97 17.70 -5.44
C PHE F 337 25.83 18.39 -6.79
N PRO F 338 25.48 17.67 -7.86
CA PRO F 338 25.45 18.28 -9.19
C PRO F 338 24.40 19.37 -9.30
N THR F 339 24.70 20.36 -10.13
CA THR F 339 23.83 21.49 -10.37
C THR F 339 22.93 21.23 -11.57
N LEU F 340 21.95 22.10 -11.76
CA LEU F 340 21.03 21.99 -12.89
C LEU F 340 21.67 22.49 -14.17
N LEU G 2 5.48 6.21 17.78
CA LEU G 2 4.71 5.25 17.02
C LEU G 2 5.47 4.80 15.77
N ILE G 3 6.15 5.74 15.12
CA ILE G 3 6.98 5.40 13.97
C ILE G 3 8.10 4.45 14.39
N LEU G 4 8.74 4.74 15.51
CA LEU G 4 9.80 3.87 16.02
C LEU G 4 9.26 2.49 16.35
N ALA G 5 8.07 2.44 16.95
CA ALA G 5 7.44 1.15 17.23
C ALA G 5 7.17 0.38 15.95
N ILE G 6 6.68 1.05 14.92
CA ILE G 6 6.38 0.39 13.64
C ILE G 6 7.65 -0.19 13.05
N ILE G 7 8.72 0.62 13.01
CA ILE G 7 9.98 0.17 12.42
C ILE G 7 10.54 -1.01 13.20
N SER G 8 10.56 -0.90 14.53
CA SER G 8 11.09 -1.96 15.37
C SER G 8 10.28 -3.24 15.24
N LEU G 9 8.96 -3.11 15.09
CA LEU G 9 8.13 -4.29 14.91
C LEU G 9 8.40 -4.97 13.58
N ILE G 10 8.53 -4.19 12.51
CA ILE G 10 8.85 -4.83 11.23
C ILE G 10 10.17 -5.58 11.34
N THR G 11 11.19 -4.94 11.92
CA THR G 11 12.50 -5.58 12.06
C THR G 11 12.43 -6.83 12.93
N PHE G 12 11.75 -6.75 14.07
CA PHE G 12 11.74 -7.85 15.04
C PHE G 12 10.86 -8.99 14.57
N VAL G 13 9.66 -8.68 14.07
CA VAL G 13 8.74 -9.70 13.56
C VAL G 13 9.32 -10.39 12.34
N SER G 14 10.14 -9.68 11.56
CA SER G 14 10.79 -10.33 10.41
C SER G 14 11.63 -11.51 10.85
N MET G 15 12.37 -11.35 11.95
CA MET G 15 13.32 -12.36 12.42
C MET G 15 12.80 -13.14 13.61
N SER G 16 11.49 -13.38 13.68
CA SER G 16 10.90 -14.11 14.78
C SER G 16 10.01 -15.24 14.25
N LYS G 17 9.82 -16.25 15.09
CA LYS G 17 8.94 -17.35 14.76
C LYS G 17 7.49 -16.94 14.96
N LEU G 18 6.57 -17.79 14.50
CA LEU G 18 5.15 -17.51 14.66
C LEU G 18 4.72 -17.55 16.12
N SER G 19 5.38 -18.37 16.93
CA SER G 19 5.02 -18.50 18.33
C SER G 19 5.40 -17.28 19.17
N ASP G 20 6.17 -16.35 18.61
CA ASP G 20 6.57 -15.13 19.32
C ASP G 20 5.57 -14.01 19.15
N ASN G 21 4.45 -14.25 18.47
CA ASN G 21 3.49 -13.19 18.20
C ASN G 21 2.86 -12.68 19.50
N ARG G 22 2.48 -13.59 20.39
CA ARG G 22 1.91 -13.17 21.67
C ARG G 22 2.90 -12.35 22.47
N ALA G 23 4.15 -12.79 22.51
CA ALA G 23 5.16 -12.06 23.26
C ALA G 23 5.41 -10.67 22.67
N ILE G 24 5.44 -10.58 21.34
CA ILE G 24 5.65 -9.28 20.69
C ILE G 24 4.48 -8.34 20.99
N ILE G 25 3.25 -8.86 20.94
CA ILE G 25 2.09 -8.03 21.22
C ILE G 25 2.09 -7.59 22.68
N ARG G 26 2.49 -8.47 23.59
CA ARG G 26 2.62 -8.06 24.99
C ARG G 26 3.67 -6.98 25.14
N LEU G 27 4.80 -7.12 24.44
CA LEU G 27 5.85 -6.12 24.52
C LEU G 27 5.34 -4.76 24.08
N ILE G 28 4.57 -4.73 22.99
CA ILE G 28 4.00 -3.46 22.53
C ILE G 28 2.93 -2.97 23.49
N ASN G 29 2.22 -3.89 24.16
CA ASN G 29 1.23 -3.47 25.15
C ASN G 29 1.90 -2.69 26.28
N ILE G 30 2.96 -3.25 26.86
CA ILE G 30 3.69 -2.52 27.90
C ILE G 30 4.39 -1.28 27.31
N TYR G 31 4.82 -1.34 26.05
CA TYR G 31 5.45 -0.18 25.44
C TYR G 31 4.48 0.99 25.37
N LEU G 32 3.24 0.74 24.93
CA LEU G 32 2.23 1.80 24.85
C LEU G 32 1.80 2.25 26.24
N ILE G 33 1.75 1.31 27.19
CA ILE G 33 1.42 1.68 28.57
C ILE G 33 2.45 2.67 29.10
N LEU G 34 3.73 2.39 28.88
CA LEU G 34 4.78 3.30 29.32
C LEU G 34 4.74 4.61 28.54
N VAL G 35 4.37 4.58 27.26
CA VAL G 35 4.24 5.82 26.50
C VAL G 35 3.18 6.71 27.12
N LEU G 36 2.04 6.13 27.51
CA LEU G 36 1.01 6.94 28.16
C LEU G 36 1.44 7.41 29.54
N VAL G 37 1.99 6.53 30.37
CA VAL G 37 2.25 6.90 31.75
C VAL G 37 3.50 7.75 31.91
N LEU G 38 4.38 7.78 30.91
CA LEU G 38 5.67 8.46 31.05
C LEU G 38 5.76 9.74 30.24
N ASP G 39 5.11 9.80 29.07
CA ASP G 39 5.09 11.00 28.24
C ASP G 39 3.80 11.79 28.40
N SER G 40 3.00 11.50 29.44
CA SER G 40 1.72 12.17 29.62
C SER G 40 1.87 13.64 29.99
N PHE G 41 3.06 14.06 30.41
CA PHE G 41 3.28 15.44 30.85
C PHE G 41 3.14 16.45 29.71
N LEU G 42 3.07 16.00 28.46
CA LEU G 42 2.94 16.90 27.32
C LEU G 42 1.64 17.68 27.31
N TYR G 43 0.71 17.40 28.23
CA TYR G 43 -0.52 18.18 28.30
C TYR G 43 -0.29 19.59 28.84
N LEU G 44 0.90 19.88 29.36
CA LEU G 44 1.22 21.23 29.81
C LEU G 44 1.39 22.20 28.65
N LEU G 45 1.50 21.70 27.43
CA LEU G 45 1.67 22.59 26.27
C LEU G 45 0.37 23.29 25.90
N PHE G 46 -0.77 22.88 26.46
CA PHE G 46 -2.07 23.34 26.02
C PHE G 46 -2.87 24.02 27.12
N LEU G 47 -2.19 24.73 28.03
CA LEU G 47 -2.90 25.58 28.96
C LEU G 47 -3.56 26.73 28.22
N ASN G 48 -4.76 27.10 28.67
CA ASN G 48 -5.52 28.21 28.12
C ASN G 48 -5.78 28.04 26.62
N ASN G 49 -5.99 26.80 26.19
CA ASN G 49 -6.34 26.47 24.81
C ASN G 49 -5.28 26.97 23.83
N GLN G 50 -4.01 26.83 24.20
CA GLN G 50 -2.92 27.19 23.31
C GLN G 50 -2.83 26.20 22.16
N THR G 51 -2.63 26.70 20.95
CA THR G 51 -2.62 25.89 19.74
C THR G 51 -1.29 26.06 19.01
N TYR G 52 -0.79 24.96 18.44
CA TYR G 52 0.45 24.95 17.71
C TYR G 52 0.23 24.39 16.31
N THR G 53 1.06 24.85 15.36
CA THR G 53 1.07 24.32 14.00
C THR G 53 2.43 23.68 13.75
N VAL G 54 2.43 22.46 13.21
CA VAL G 54 3.63 21.66 13.10
C VAL G 54 3.78 21.16 11.67
N MET G 55 5.04 21.04 11.24
CA MET G 55 5.41 20.50 9.93
C MET G 55 4.91 21.39 8.80
N GLY G 56 5.23 22.68 8.89
CA GLY G 56 4.87 23.60 7.84
C GLY G 56 3.37 23.75 7.65
N GLU G 57 2.63 23.93 8.75
CA GLU G 57 1.18 24.10 8.74
C GLU G 57 0.45 22.86 8.23
N LEU G 58 1.12 21.70 8.22
CA LEU G 58 0.49 20.47 7.80
C LEU G 58 -0.19 19.73 8.94
N LEU G 59 0.10 20.10 10.19
CA LEU G 59 -0.49 19.46 11.35
C LEU G 59 -0.88 20.50 12.38
N ILE G 60 -1.94 20.20 13.13
CA ILE G 60 -2.41 21.05 14.21
C ILE G 60 -2.28 20.28 15.52
N PHE G 61 -2.05 21.01 16.61
CA PHE G 61 -1.85 20.40 17.92
C PHE G 61 -2.48 21.27 18.98
N ASN G 62 -3.45 20.72 19.70
CA ASN G 62 -4.09 21.40 20.82
C ASN G 62 -4.57 20.34 21.81
N SER G 63 -5.32 20.78 22.83
CA SER G 63 -5.78 19.85 23.86
C SER G 63 -6.74 18.82 23.29
N PHE G 64 -7.58 19.20 22.32
CA PHE G 64 -8.50 18.26 21.70
C PHE G 64 -7.76 17.12 21.02
N THR G 65 -6.76 17.44 20.20
CA THR G 65 -5.99 16.42 19.52
C THR G 65 -5.24 15.55 20.51
N PHE G 66 -4.69 16.17 21.56
CA PHE G 66 -3.96 15.41 22.58
C PHE G 66 -4.88 14.42 23.29
N TYR G 67 -6.10 14.85 23.62
CA TYR G 67 -7.02 13.95 24.31
C TYR G 67 -7.48 12.81 23.41
N ILE G 68 -7.82 13.11 22.16
CA ILE G 68 -8.20 12.04 21.22
C ILE G 68 -7.03 11.09 21.03
N ASP G 69 -5.82 11.63 20.99
CA ASP G 69 -4.61 10.82 20.85
C ASP G 69 -4.45 9.86 22.02
N MET G 70 -4.59 10.36 23.24
CA MET G 70 -4.46 9.50 24.42
C MET G 70 -5.57 8.46 24.46
N LEU G 71 -6.79 8.84 24.09
CA LEU G 71 -7.88 7.88 24.06
C LEU G 71 -7.60 6.77 23.05
N ILE G 72 -7.02 7.12 21.91
CA ILE G 72 -6.69 6.11 20.90
C ILE G 72 -5.62 5.16 21.41
N TYR G 73 -4.59 5.68 22.11
CA TYR G 73 -3.66 4.77 22.77
C TYR G 73 -4.33 3.87 23.82
N PHE G 74 -5.24 4.40 24.61
CA PHE G 74 -5.88 3.55 25.61
C PHE G 74 -6.67 2.42 24.93
N ILE G 75 -7.42 2.77 23.89
CA ILE G 75 -8.20 1.76 23.16
C ILE G 75 -7.27 0.74 22.51
N MET G 76 -6.16 1.21 21.94
CA MET G 76 -5.19 0.31 21.32
C MET G 76 -4.58 -0.63 22.34
N ILE G 77 -4.29 -0.13 23.54
CA ILE G 77 -3.75 -0.98 24.60
C ILE G 77 -4.76 -2.08 24.95
N VAL G 78 -6.03 -1.70 25.11
CA VAL G 78 -7.04 -2.70 25.46
C VAL G 78 -7.17 -3.75 24.36
N ILE G 79 -7.24 -3.30 23.10
CA ILE G 79 -7.46 -4.24 22.00
C ILE G 79 -6.24 -5.14 21.81
N SER G 80 -5.03 -4.59 21.95
CA SER G 80 -3.83 -5.39 21.85
C SER G 80 -3.66 -6.34 23.03
N SER G 81 -4.18 -5.97 24.21
CA SER G 81 -4.23 -6.92 25.31
C SER G 81 -5.16 -8.07 24.98
N LEU G 82 -6.25 -7.78 24.29
CA LEU G 82 -7.14 -8.86 23.84
C LEU G 82 -6.45 -9.83 22.90
N TYR G 83 -5.34 -9.44 22.27
CA TYR G 83 -4.63 -10.32 21.36
C TYR G 83 -3.41 -10.99 21.99
N GLY G 84 -2.68 -10.25 22.82
CA GLY G 84 -1.47 -10.81 23.42
C GLY G 84 -1.78 -11.81 24.52
N TYR G 85 -2.80 -11.53 25.33
CA TYR G 85 -3.14 -12.36 26.47
C TYR G 85 -4.19 -13.39 26.10
N ASN G 86 -4.00 -14.61 26.56
CA ASN G 86 -4.86 -15.73 26.21
C ASN G 86 -6.02 -15.81 27.20
N LEU G 87 -7.24 -15.78 26.67
CA LEU G 87 -8.41 -15.79 27.54
C LEU G 87 -8.48 -17.08 28.35
N TYR G 88 -8.36 -18.22 27.69
CA TYR G 88 -8.37 -19.52 28.32
C TYR G 88 -7.19 -20.33 27.79
N ASN G 89 -6.51 -21.05 28.67
CA ASN G 89 -5.30 -21.78 28.29
C ASN G 89 -5.63 -23.19 27.80
N ASN G 90 -6.37 -23.27 26.70
CA ASN G 90 -6.71 -24.54 26.07
C ASN G 90 -6.70 -24.37 24.56
N ASN G 91 -6.62 -25.50 23.85
CA ASN G 91 -6.38 -25.46 22.41
C ASN G 91 -7.49 -24.77 21.64
N LEU G 92 -8.74 -24.87 22.11
CA LEU G 92 -9.83 -24.23 21.39
C LEU G 92 -9.63 -22.72 21.35
N TYR G 93 -9.42 -22.11 22.52
CA TYR G 93 -9.17 -20.68 22.58
C TYR G 93 -7.85 -20.31 21.91
N LYS G 94 -6.89 -21.23 21.88
CA LYS G 94 -5.71 -21.04 21.04
C LYS G 94 -6.13 -20.79 19.60
N THR G 95 -7.02 -21.64 19.09
CA THR G 95 -7.40 -21.58 17.68
C THR G 95 -8.24 -20.34 17.36
N LEU G 96 -9.24 -20.03 18.21
CA LEU G 96 -10.12 -18.90 17.91
C LEU G 96 -9.38 -17.57 17.87
N PHE G 97 -8.63 -17.26 18.92
CA PHE G 97 -7.95 -15.97 19.01
C PHE G 97 -6.46 -16.21 18.83
N GLU G 98 -6.03 -16.26 17.58
CA GLU G 98 -4.61 -16.40 17.24
C GLU G 98 -4.21 -15.24 16.35
N PRO G 99 -3.35 -14.33 16.81
CA PRO G 99 -2.97 -13.19 16.00
C PRO G 99 -2.14 -13.59 14.79
N LYS G 100 -2.30 -12.84 13.72
CA LYS G 100 -1.47 -13.06 12.54
C LYS G 100 -0.10 -12.42 12.74
N LYS G 101 0.84 -12.79 11.88
CA LYS G 101 2.21 -12.30 12.03
C LYS G 101 2.30 -10.80 11.83
N GLU G 102 1.47 -10.23 10.96
CA GLU G 102 1.53 -8.81 10.63
C GLU G 102 0.42 -8.00 11.28
N LEU G 103 -0.41 -8.62 12.13
CA LEU G 103 -1.58 -7.93 12.63
C LEU G 103 -1.22 -6.73 13.49
N ILE G 104 -0.20 -6.87 14.34
CA ILE G 104 0.18 -5.78 15.23
C ILE G 104 0.76 -4.61 14.44
N ILE G 105 1.54 -4.91 13.39
CA ILE G 105 2.09 -3.85 12.55
C ILE G 105 0.97 -3.09 11.84
N LEU G 106 0.00 -3.83 11.29
CA LEU G 106 -1.14 -3.19 10.65
C LEU G 106 -1.93 -2.36 11.64
N PHE G 107 -2.10 -2.87 12.87
CA PHE G 107 -2.80 -2.12 13.90
C PHE G 107 -2.09 -0.80 14.19
N LEU G 108 -0.78 -0.82 14.35
CA LEU G 108 -0.06 0.41 14.63
C LEU G 108 -0.08 1.36 13.45
N ILE G 109 -0.01 0.85 12.23
CA ILE G 109 -0.08 1.74 11.07
C ILE G 109 -1.46 2.37 10.96
N ASN G 110 -2.52 1.62 11.30
CA ASN G 110 -3.86 2.19 11.30
C ASN G 110 -4.03 3.24 12.39
N ILE G 111 -3.43 3.00 13.57
CA ILE G 111 -3.42 4.01 14.62
C ILE G 111 -2.70 5.27 14.13
N LEU G 112 -1.58 5.11 13.43
CA LEU G 112 -0.87 6.25 12.89
C LEU G 112 -1.73 7.02 11.90
N GLY G 113 -2.43 6.30 11.02
CA GLY G 113 -3.32 6.97 10.08
C GLY G 113 -4.45 7.70 10.78
N ALA G 114 -5.03 7.10 11.81
CA ALA G 114 -6.09 7.77 12.56
C ALA G 114 -5.57 9.04 13.24
N LEU G 115 -4.40 8.97 13.86
CA LEU G 115 -3.84 10.15 14.52
C LEU G 115 -3.53 11.24 13.51
N LEU G 116 -2.97 10.88 12.35
CA LEU G 116 -2.72 11.88 11.33
C LEU G 116 -4.01 12.47 10.78
N ILE G 117 -5.09 11.69 10.77
CA ILE G 117 -6.39 12.24 10.43
C ILE G 117 -6.82 13.29 11.46
N VAL G 118 -6.63 12.96 12.74
CA VAL G 118 -7.06 13.87 13.80
C VAL G 118 -6.23 15.14 13.79
N HIS G 119 -4.93 15.02 13.55
CA HIS G 119 -4.01 16.15 13.61
C HIS G 119 -3.88 16.90 12.30
N SER G 120 -4.65 16.54 11.28
CA SER G 120 -4.46 17.13 9.95
C SER G 120 -4.82 18.60 9.95
N ASN G 121 -4.02 19.40 9.25
CA ASN G 121 -4.28 20.81 9.03
C ASN G 121 -4.43 21.16 7.56
N ASP G 122 -4.11 20.24 6.65
CA ASP G 122 -4.15 20.47 5.22
C ASP G 122 -4.89 19.33 4.54
N PHE G 123 -5.54 19.63 3.42
CA PHE G 123 -6.22 18.59 2.66
C PHE G 123 -5.27 17.55 2.08
N ILE G 124 -4.04 17.93 1.76
CA ILE G 124 -3.09 16.91 1.31
C ILE G 124 -2.77 15.95 2.46
N THR G 125 -2.53 16.48 3.67
CA THR G 125 -2.29 15.63 4.81
C THR G 125 -3.55 14.84 5.17
N LEU G 126 -4.72 15.48 5.07
CA LEU G 126 -5.97 14.78 5.35
C LEU G 126 -6.15 13.60 4.42
N PHE G 127 -5.97 13.80 3.11
CA PHE G 127 -6.14 12.72 2.15
C PHE G 127 -5.10 11.63 2.36
N VAL G 128 -3.85 12.01 2.63
CA VAL G 128 -2.81 11.00 2.81
C VAL G 128 -3.10 10.15 4.05
N ALA G 129 -3.53 10.80 5.14
CA ALA G 129 -3.90 10.06 6.34
C ALA G 129 -5.11 9.18 6.11
N ILE G 130 -6.10 9.68 5.36
CA ILE G 130 -7.27 8.87 5.03
C ILE G 130 -6.87 7.63 4.25
N GLU G 131 -5.99 7.80 3.26
CA GLU G 131 -5.54 6.66 2.46
C GLU G 131 -4.74 5.67 3.29
N LEU G 132 -3.89 6.18 4.18
CA LEU G 132 -3.13 5.30 5.07
C LEU G 132 -4.07 4.47 5.93
N GLN G 133 -5.03 5.13 6.59
CA GLN G 133 -5.98 4.41 7.43
C GLN G 133 -6.80 3.42 6.61
N SER G 134 -7.20 3.82 5.41
CA SER G 134 -8.06 2.97 4.59
C SER G 134 -7.33 1.72 4.12
N TYR G 135 -6.11 1.89 3.61
CA TYR G 135 -5.34 0.73 3.16
C TYR G 135 -5.02 -0.19 4.34
N SER G 136 -4.65 0.39 5.48
CA SER G 136 -4.38 -0.42 6.67
C SER G 136 -5.61 -1.18 7.11
N ILE G 137 -6.79 -0.54 7.06
CA ILE G 137 -7.98 -1.19 7.57
C ILE G 137 -8.47 -2.25 6.58
N TYR G 138 -8.24 -2.05 5.28
CA TYR G 138 -8.48 -3.10 4.31
C TYR G 138 -7.61 -4.32 4.59
N LEU G 139 -6.33 -4.08 4.87
CA LEU G 139 -5.44 -5.20 5.16
C LEU G 139 -5.80 -5.88 6.48
N ILE G 140 -6.27 -5.10 7.46
CA ILE G 140 -6.74 -5.69 8.72
C ILE G 140 -7.95 -6.58 8.48
N THR G 141 -8.92 -6.08 7.71
CA THR G 141 -10.10 -6.87 7.38
C THR G 141 -9.77 -8.13 6.58
N ALA G 142 -8.79 -8.05 5.67
CA ALA G 142 -8.48 -9.17 4.79
C ALA G 142 -7.45 -10.15 5.35
N ILE G 143 -6.77 -9.83 6.46
CA ILE G 143 -5.68 -10.67 6.93
C ILE G 143 -6.17 -12.03 7.40
N TYR G 144 -7.46 -12.17 7.69
CA TYR G 144 -8.07 -13.46 8.00
C TYR G 144 -8.92 -13.84 6.78
N ASN G 145 -8.31 -14.54 5.83
CA ASN G 145 -8.92 -14.82 4.54
C ASN G 145 -9.05 -16.31 4.30
N SER G 146 -9.48 -17.06 5.31
CA SER G 146 -9.75 -18.48 5.18
C SER G 146 -11.24 -18.78 5.08
N SER G 147 -12.08 -17.76 4.90
CA SER G 147 -13.51 -17.93 4.77
C SER G 147 -14.04 -17.01 3.68
N TYR G 148 -15.10 -17.46 3.01
CA TYR G 148 -15.75 -16.61 2.02
C TYR G 148 -16.62 -15.55 2.68
N LYS G 149 -17.12 -15.81 3.89
CA LYS G 149 -17.88 -14.79 4.61
C LYS G 149 -17.01 -13.58 4.90
N ALA G 150 -15.76 -13.81 5.31
CA ALA G 150 -14.84 -12.70 5.55
C ALA G 150 -14.33 -12.12 4.23
N SER G 151 -14.16 -12.96 3.22
CA SER G 151 -13.62 -12.49 1.94
C SER G 151 -14.57 -11.53 1.25
N LYS G 152 -15.87 -11.84 1.25
CA LYS G 152 -16.83 -10.94 0.61
C LYS G 152 -16.87 -9.60 1.34
N ALA G 153 -16.79 -9.63 2.68
CA ALA G 153 -16.77 -8.39 3.44
C ALA G 153 -15.52 -7.58 3.14
N SER G 154 -14.37 -8.25 3.03
CA SER G 154 -13.13 -7.55 2.70
C SER G 154 -13.22 -6.88 1.33
N MET G 155 -13.72 -7.61 0.33
CA MET G 155 -13.81 -7.06 -1.02
C MET G 155 -14.81 -5.90 -1.08
N LEU G 156 -15.96 -6.08 -0.45
CA LEU G 156 -16.96 -5.00 -0.41
C LEU G 156 -16.40 -3.77 0.27
N TYR G 157 -15.69 -3.96 1.38
CA TYR G 157 -15.18 -2.81 2.12
C TYR G 157 -14.10 -2.10 1.31
N PHE G 158 -13.24 -2.87 0.64
CA PHE G 158 -12.25 -2.26 -0.26
C PHE G 158 -12.91 -1.40 -1.32
N PHE G 159 -13.90 -1.96 -2.02
CA PHE G 159 -14.50 -1.22 -3.14
C PHE G 159 -15.29 0.00 -2.67
N MET G 160 -16.08 -0.16 -1.61
CA MET G 160 -16.88 0.95 -1.11
C MET G 160 -15.98 2.06 -0.57
N GLY G 161 -14.94 1.70 0.17
CA GLY G 161 -14.00 2.69 0.65
C GLY G 161 -13.21 3.35 -0.46
N GLY G 162 -12.93 2.62 -1.53
CA GLY G 162 -12.29 3.23 -2.69
C GLY G 162 -13.16 4.28 -3.34
N ILE G 163 -14.44 3.97 -3.53
CA ILE G 163 -15.38 4.97 -4.04
C ILE G 163 -15.43 6.18 -3.12
N LEU G 164 -15.51 5.93 -1.81
CA LEU G 164 -15.63 7.03 -0.85
C LEU G 164 -14.39 7.90 -0.85
N SER G 165 -13.20 7.29 -0.91
CA SER G 165 -11.96 8.05 -0.94
C SER G 165 -11.84 8.83 -2.24
N ILE G 166 -12.30 8.25 -3.35
CA ILE G 166 -12.31 8.98 -4.62
C ILE G 166 -13.22 10.20 -4.51
N LEU G 167 -14.39 10.05 -3.90
CA LEU G 167 -15.28 11.19 -3.72
C LEU G 167 -14.65 12.25 -2.84
N ILE G 168 -13.95 11.84 -1.78
CA ILE G 168 -13.27 12.79 -0.90
C ILE G 168 -12.20 13.55 -1.66
N ALA G 169 -11.40 12.84 -2.46
CA ALA G 169 -10.36 13.49 -3.24
C ALA G 169 -10.97 14.46 -4.26
N TYR G 170 -12.09 14.06 -4.87
CA TYR G 170 -12.77 14.92 -5.83
C TYR G 170 -13.25 16.21 -5.17
N SER G 171 -13.82 16.09 -3.97
CA SER G 171 -14.26 17.28 -3.24
C SER G 171 -13.08 18.18 -2.88
N ILE G 172 -11.97 17.58 -2.42
CA ILE G 172 -10.80 18.36 -2.05
C ILE G 172 -10.25 19.10 -3.27
N ASN G 173 -10.20 18.42 -4.41
CA ASN G 173 -9.68 19.05 -5.61
C ASN G 173 -10.62 20.13 -6.15
N THR G 174 -11.93 19.95 -5.97
CA THR G 174 -12.86 21.03 -6.31
C THR G 174 -12.63 22.24 -5.41
N TYR G 175 -12.40 22.01 -4.12
CA TYR G 175 -12.06 23.11 -3.22
C TYR G 175 -10.78 23.83 -3.68
N TYR G 176 -9.77 23.05 -4.08
CA TYR G 176 -8.53 23.64 -4.56
C TYR G 176 -8.76 24.45 -5.83
N SER G 177 -9.58 23.93 -6.74
CA SER G 177 -9.89 24.66 -7.96
C SER G 177 -10.60 25.97 -7.65
N VAL G 178 -11.46 25.96 -6.64
CA VAL G 178 -12.18 27.20 -6.28
C VAL G 178 -11.23 28.21 -5.66
N LEU G 179 -10.37 27.78 -4.72
CA LEU G 179 -9.60 28.73 -3.92
C LEU G 179 -8.10 28.72 -4.16
N ASN G 180 -7.57 27.78 -4.94
CA ASN G 180 -6.12 27.62 -5.12
C ASN G 180 -5.43 27.46 -3.77
N SER G 181 -6.02 26.64 -2.91
CA SER G 181 -5.48 26.40 -1.58
C SER G 181 -5.86 25.00 -1.13
N TYR G 182 -5.12 24.49 -0.14
CA TYR G 182 -5.34 23.15 0.40
C TYR G 182 -5.55 23.17 1.90
N THR G 183 -5.78 24.34 2.49
CA THR G 183 -5.91 24.47 3.93
C THR G 183 -7.17 25.25 4.28
N LEU G 184 -7.63 25.08 5.52
CA LEU G 184 -8.79 25.78 6.02
C LEU G 184 -8.47 27.18 6.53
N HIS G 185 -7.18 27.52 6.65
CA HIS G 185 -6.81 28.83 7.16
C HIS G 185 -7.22 29.95 6.22
N SER G 186 -7.47 29.62 4.94
CA SER G 186 -7.95 30.60 3.98
C SER G 186 -9.45 30.82 4.08
N LEU G 187 -10.16 30.06 4.92
CA LEU G 187 -11.59 30.22 5.11
C LEU G 187 -11.86 31.08 6.33
N ASP G 188 -12.58 32.19 6.13
CA ASP G 188 -12.99 33.09 7.20
C ASP G 188 -14.48 33.38 7.03
N SER G 189 -15.00 34.25 7.91
CA SER G 189 -16.40 34.64 7.81
C SER G 189 -16.69 35.36 6.49
N LEU G 190 -15.78 36.26 6.09
CA LEU G 190 -15.94 36.94 4.81
C LEU G 190 -15.87 35.95 3.65
N ILE G 191 -14.98 34.97 3.74
CA ILE G 191 -14.82 34.00 2.66
C ILE G 191 -16.09 33.18 2.50
N ILE G 192 -16.68 32.73 3.61
CA ILE G 192 -17.92 31.95 3.55
C ILE G 192 -19.07 32.81 3.06
N ASN G 193 -19.16 34.06 3.54
CA ASN G 193 -20.28 34.92 3.16
C ASN G 193 -20.23 35.30 1.69
N THR G 194 -19.04 35.63 1.17
CA THR G 194 -18.94 36.16 -0.18
C THR G 194 -19.13 35.06 -1.23
N LEU G 195 -18.52 33.90 -1.03
CA LEU G 195 -18.51 32.84 -2.02
C LEU G 195 -19.24 31.62 -1.50
N ASP G 196 -19.81 30.84 -2.42
CA ASP G 196 -20.61 29.66 -2.09
C ASP G 196 -19.74 28.42 -2.21
N LEU G 197 -18.94 28.17 -1.19
CA LEU G 197 -18.18 26.94 -1.05
C LEU G 197 -18.85 25.96 -0.10
N ASN G 198 -20.11 26.22 0.26
CA ASN G 198 -20.80 25.34 1.21
C ASN G 198 -20.97 23.93 0.64
N LEU G 199 -21.30 23.83 -0.65
CA LEU G 199 -21.56 22.52 -1.24
C LEU G 199 -20.31 21.65 -1.24
N ILE G 200 -19.14 22.27 -1.41
CA ILE G 200 -17.89 21.50 -1.37
C ILE G 200 -17.70 20.87 -0.01
N LEU G 201 -17.93 21.65 1.06
CA LEU G 201 -17.79 21.12 2.41
C LEU G 201 -18.86 20.10 2.72
N ILE G 202 -20.07 20.28 2.19
CA ILE G 202 -21.11 19.28 2.37
C ILE G 202 -20.71 17.96 1.72
N ALA G 203 -20.15 18.02 0.51
CA ALA G 203 -19.69 16.81 -0.16
C ALA G 203 -18.55 16.16 0.60
N LEU G 204 -17.61 16.96 1.12
CA LEU G 204 -16.51 16.41 1.91
C LEU G 204 -17.02 15.72 3.16
N SER G 205 -17.94 16.36 3.88
CA SER G 205 -18.52 15.75 5.07
C SER G 205 -19.31 14.50 4.72
N LEU G 206 -19.98 14.51 3.57
CA LEU G 206 -20.70 13.32 3.12
C LEU G 206 -19.74 12.16 2.91
N GLY G 207 -18.66 12.40 2.17
CA GLY G 207 -17.71 11.33 1.91
C GLY G 207 -17.04 10.83 3.17
N LEU G 208 -16.75 11.73 4.11
CA LEU G 208 -16.10 11.31 5.34
C LEU G 208 -17.06 10.54 6.24
N LEU G 209 -18.30 11.00 6.35
CA LEU G 209 -19.26 10.35 7.23
C LEU G 209 -19.72 9.02 6.68
N PHE G 210 -19.78 8.88 5.35
CA PHE G 210 -20.12 7.57 4.79
C PHE G 210 -19.04 6.54 5.05
N LYS G 211 -17.80 6.97 5.30
CA LYS G 211 -16.74 6.03 5.62
C LYS G 211 -16.99 5.33 6.94
N ILE G 212 -17.61 6.01 7.91
CA ILE G 212 -18.02 5.38 9.15
C ILE G 212 -19.42 4.81 9.07
N GLY G 213 -20.19 5.14 8.03
CA GLY G 213 -21.40 4.41 7.73
C GLY G 213 -22.69 4.97 8.25
N ILE G 214 -22.96 6.26 7.99
CA ILE G 214 -24.26 6.81 8.33
C ILE G 214 -25.27 6.45 7.23
N ALA G 215 -26.54 6.59 7.56
CA ALA G 215 -27.59 6.32 6.59
C ALA G 215 -27.53 7.36 5.46
N PRO G 216 -27.93 6.98 4.24
CA PRO G 216 -28.46 5.68 3.83
C PRO G 216 -27.40 4.72 3.29
N LEU G 217 -26.17 4.88 3.73
CA LEU G 217 -25.06 4.03 3.33
C LEU G 217 -24.54 3.21 4.50
N HIS G 218 -25.45 2.66 5.30
CA HIS G 218 -25.09 1.92 6.50
C HIS G 218 -24.98 0.42 6.29
N LYS G 219 -25.68 -0.12 5.28
CA LYS G 219 -25.84 -1.57 5.19
C LYS G 219 -24.51 -2.28 4.91
N TRP G 220 -23.64 -1.65 4.13
CA TRP G 220 -22.40 -2.31 3.74
C TRP G 220 -21.48 -2.50 4.94
N LEU G 221 -21.28 -1.43 5.73
CA LEU G 221 -20.47 -1.57 6.93
C LEU G 221 -21.11 -2.49 7.96
N ILE G 222 -22.43 -2.53 8.03
CA ILE G 222 -23.08 -3.46 8.96
C ILE G 222 -22.81 -4.90 8.54
N SER G 223 -22.88 -5.17 7.24
CA SER G 223 -22.53 -6.51 6.76
C SER G 223 -21.06 -6.83 7.05
N ILE G 224 -20.18 -5.85 6.87
CA ILE G 224 -18.76 -6.07 7.12
C ILE G 224 -18.52 -6.38 8.60
N TYR G 225 -19.14 -5.59 9.48
CA TYR G 225 -19.01 -5.84 10.91
C TYR G 225 -19.55 -7.22 11.28
N GLU G 226 -20.66 -7.61 10.65
CA GLU G 226 -21.23 -8.92 10.92
C GLU G 226 -20.28 -10.03 10.49
N ASN G 227 -19.57 -9.86 9.37
CA ASN G 227 -18.81 -10.96 8.78
C ASN G 227 -17.34 -11.00 9.19
N THR G 228 -16.77 -9.89 9.67
CA THR G 228 -15.38 -9.95 10.07
C THR G 228 -15.23 -10.67 11.41
N PRO G 229 -14.03 -11.15 11.74
CA PRO G 229 -13.80 -11.72 13.06
C PRO G 229 -14.06 -10.69 14.15
N ILE G 230 -14.58 -11.17 15.28
CA ILE G 230 -15.04 -10.27 16.33
C ILE G 230 -13.89 -9.49 16.95
N LEU G 231 -12.72 -10.13 17.10
CA LEU G 231 -11.54 -9.39 17.55
C LEU G 231 -11.05 -8.40 16.52
N ILE G 232 -11.44 -8.55 15.25
CA ILE G 232 -11.20 -7.53 14.25
C ILE G 232 -12.32 -6.50 14.25
N THR G 233 -13.56 -6.96 14.45
CA THR G 233 -14.71 -6.06 14.42
C THR G 233 -14.64 -5.04 15.55
N ILE G 234 -14.15 -5.45 16.73
CA ILE G 234 -14.08 -4.52 17.85
C ILE G 234 -13.16 -3.34 17.53
N TYR G 235 -12.18 -3.55 16.66
CA TYR G 235 -11.25 -2.50 16.30
C TYR G 235 -11.72 -1.71 15.08
N ILE G 236 -12.22 -2.39 14.05
CA ILE G 236 -12.56 -1.69 12.82
C ILE G 236 -13.81 -0.83 12.98
N SER G 237 -14.59 -1.05 14.03
CA SER G 237 -15.84 -0.32 14.24
C SER G 237 -15.70 0.83 15.23
N LEU G 238 -14.51 1.05 15.79
CA LEU G 238 -14.31 2.11 16.75
C LEU G 238 -13.30 3.16 16.29
N ILE G 239 -12.10 2.76 15.91
CA ILE G 239 -11.01 3.69 15.62
C ILE G 239 -11.29 4.54 14.39
N PRO G 240 -11.69 3.99 13.24
CA PRO G 240 -12.02 4.87 12.10
C PRO G 240 -13.13 5.86 12.41
N LYS G 241 -14.14 5.40 13.16
CA LYS G 241 -15.21 6.31 13.57
C LYS G 241 -14.68 7.44 14.43
N ILE G 242 -13.81 7.12 15.39
CA ILE G 242 -13.25 8.13 16.27
C ILE G 242 -12.44 9.15 15.46
N SER G 243 -11.61 8.66 14.55
CA SER G 243 -10.78 9.55 13.74
C SER G 243 -11.62 10.47 12.89
N ILE G 244 -12.59 9.91 12.16
CA ILE G 244 -13.42 10.72 11.26
C ILE G 244 -14.23 11.74 12.05
N LEU G 245 -14.85 11.30 13.14
CA LEU G 245 -15.71 12.20 13.91
C LEU G 245 -14.89 13.29 14.59
N SER G 246 -13.69 12.96 15.08
CA SER G 246 -12.84 13.98 15.68
C SER G 246 -12.39 15.00 14.64
N TYR G 247 -12.03 14.54 13.43
CA TYR G 247 -11.66 15.49 12.38
C TYR G 247 -12.85 16.37 12.02
N LEU G 248 -14.05 15.81 11.95
CA LEU G 248 -15.22 16.61 11.62
C LEU G 248 -15.54 17.62 12.72
N VAL G 249 -15.39 17.23 13.98
CA VAL G 249 -15.66 18.14 15.09
C VAL G 249 -14.66 19.29 15.10
N LEU G 250 -13.37 18.97 14.94
CA LEU G 250 -12.36 20.02 14.97
C LEU G 250 -12.41 20.90 13.72
N SER G 251 -12.82 20.33 12.59
CA SER G 251 -12.90 21.11 11.35
C SER G 251 -13.94 22.22 11.47
N ASN G 252 -15.11 21.88 12.04
CA ASN G 252 -16.19 22.84 12.28
C ASN G 252 -16.59 23.49 10.94
N ILE G 253 -17.14 22.67 10.06
CA ILE G 253 -17.51 23.09 8.72
C ILE G 253 -18.99 22.83 8.43
N SER G 254 -19.77 22.48 9.44
CA SER G 254 -21.17 22.09 9.26
C SER G 254 -22.06 22.77 10.29
N ILE G 255 -21.90 24.08 10.45
CA ILE G 255 -22.71 24.82 11.40
C ILE G 255 -24.14 24.91 10.89
N ASN G 256 -25.08 24.37 11.66
CA ASN G 256 -26.52 24.49 11.36
C ASN G 256 -26.84 24.00 9.96
N SER G 257 -26.20 22.89 9.56
CA SER G 257 -26.39 22.36 8.21
C SER G 257 -27.69 21.58 8.14
N LEU G 258 -28.53 21.96 7.16
CA LEU G 258 -29.79 21.23 6.96
C LEU G 258 -29.54 19.79 6.52
N VAL G 259 -28.61 19.59 5.59
CA VAL G 259 -28.31 18.24 5.10
C VAL G 259 -27.77 17.38 6.23
N ILE G 260 -26.84 17.92 7.02
CA ILE G 260 -26.26 17.17 8.13
C ILE G 260 -27.33 16.82 9.15
N SER G 261 -28.21 17.77 9.46
CA SER G 261 -29.27 17.51 10.43
C SER G 261 -30.24 16.42 9.93
N ILE G 262 -30.64 16.51 8.66
CA ILE G 262 -31.55 15.51 8.12
C ILE G 262 -30.90 14.14 8.12
N LEU G 263 -29.63 14.07 7.73
CA LEU G 263 -28.94 12.78 7.72
C LEU G 263 -28.75 12.24 9.13
N ALA G 264 -28.51 13.10 10.12
CA ALA G 264 -28.40 12.64 11.49
C ALA G 264 -29.73 12.08 11.98
N ILE G 265 -30.85 12.74 11.65
CA ILE G 265 -32.15 12.23 12.05
C ILE G 265 -32.41 10.89 11.38
N LEU G 266 -32.07 10.78 10.09
CA LEU G 266 -32.25 9.51 9.38
C LEU G 266 -31.40 8.41 10.00
N THR G 267 -30.15 8.74 10.36
CA THR G 267 -29.27 7.77 10.98
C THR G 267 -29.83 7.28 12.31
N LEU G 268 -30.33 8.22 13.13
CA LEU G 268 -30.92 7.83 14.41
C LEU G 268 -32.13 6.93 14.21
N LEU G 269 -33.03 7.30 13.29
CA LEU G 269 -34.22 6.50 13.06
C LEU G 269 -33.87 5.11 12.54
N VAL G 270 -32.96 5.04 11.57
CA VAL G 270 -32.59 3.75 11.00
C VAL G 270 -31.91 2.88 12.04
N GLY G 271 -30.98 3.44 12.82
CA GLY G 271 -30.31 2.67 13.84
C GLY G 271 -31.24 2.16 14.92
N SER G 272 -32.19 3.01 15.34
CA SER G 272 -33.10 2.61 16.40
C SER G 272 -34.08 1.54 15.90
N VAL G 273 -34.71 1.76 14.74
CA VAL G 273 -35.75 0.85 14.29
C VAL G 273 -35.14 -0.45 13.76
N GLY G 274 -34.06 -0.36 12.99
CA GLY G 274 -33.43 -1.54 12.44
C GLY G 274 -32.84 -2.44 13.49
N GLY G 275 -32.46 -1.88 14.64
CA GLY G 275 -32.02 -2.70 15.75
C GLY G 275 -33.10 -3.63 16.27
N LEU G 276 -34.36 -3.21 16.22
CA LEU G 276 -35.46 -4.04 16.64
C LEU G 276 -35.62 -5.28 15.76
N LEU G 277 -35.12 -5.25 14.53
CA LEU G 277 -35.29 -6.34 13.58
C LEU G 277 -34.06 -7.23 13.50
N GLN G 278 -33.26 -7.29 14.55
CA GLN G 278 -32.01 -8.04 14.55
C GLN G 278 -32.08 -9.21 15.52
N ILE G 279 -31.65 -10.38 15.05
CA ILE G 279 -31.48 -11.56 15.90
C ILE G 279 -30.02 -11.95 16.06
N LYS G 280 -29.11 -11.24 15.39
CA LYS G 280 -27.68 -11.50 15.51
C LYS G 280 -27.05 -10.46 16.43
N ILE G 281 -26.07 -10.90 17.22
CA ILE G 281 -25.40 -9.99 18.15
C ILE G 281 -24.61 -8.93 17.39
N LYS G 282 -23.86 -9.36 16.37
CA LYS G 282 -22.99 -8.43 15.64
C LYS G 282 -23.79 -7.35 14.93
N ARG G 283 -24.91 -7.73 14.29
CA ARG G 283 -25.74 -6.73 13.64
C ARG G 283 -26.39 -5.79 14.64
N LEU G 284 -26.80 -6.33 15.79
CA LEU G 284 -27.35 -5.48 16.84
C LEU G 284 -26.34 -4.45 17.31
N LEU G 285 -25.10 -4.87 17.53
CA LEU G 285 -24.07 -3.92 17.95
C LEU G 285 -23.72 -2.95 16.84
N ALA G 286 -23.80 -3.39 15.58
CA ALA G 286 -23.58 -2.48 14.46
C ALA G 286 -24.64 -1.37 14.44
N PHE G 287 -25.91 -1.73 14.64
CA PHE G 287 -26.95 -0.71 14.70
C PHE G 287 -26.82 0.15 15.96
N SER G 288 -26.31 -0.42 17.05
CA SER G 288 -26.02 0.38 18.23
C SER G 288 -24.96 1.43 17.94
N GLY G 289 -23.89 1.04 17.24
CA GLY G 289 -22.88 1.99 16.82
C GLY G 289 -23.43 3.02 15.87
N LEU G 290 -24.37 2.62 14.99
CA LEU G 290 -25.03 3.58 14.11
C LEU G 290 -25.81 4.61 14.90
N THR G 291 -26.55 4.17 15.92
CA THR G 291 -27.30 5.12 16.74
C THR G 291 -26.37 6.06 17.49
N ASN G 292 -25.29 5.54 18.04
CA ASN G 292 -24.32 6.40 18.72
C ASN G 292 -23.67 7.39 17.74
N ALA G 293 -23.40 6.93 16.52
CA ALA G 293 -22.85 7.82 15.50
C ALA G 293 -23.82 8.94 15.16
N GLY G 294 -25.12 8.61 15.10
CA GLY G 294 -26.12 9.66 14.90
C GLY G 294 -26.16 10.64 16.06
N TYR G 295 -26.04 10.13 17.28
CA TYR G 295 -25.99 11.03 18.45
C TYR G 295 -24.82 11.99 18.34
N MET G 296 -23.64 11.47 17.99
CA MET G 296 -22.46 12.33 17.88
C MET G 296 -22.55 13.27 16.68
N MET G 297 -23.20 12.83 15.61
CA MET G 297 -23.41 13.68 14.44
C MET G 297 -24.36 14.83 14.75
N LEU G 298 -25.28 14.63 15.69
CA LEU G 298 -26.11 15.74 16.15
C LEU G 298 -25.28 16.86 16.75
N LEU G 299 -24.08 16.55 17.24
CA LEU G 299 -23.20 17.56 17.81
C LEU G 299 -22.46 18.37 16.74
N LEU G 300 -22.52 17.97 15.48
CA LEU G 300 -21.84 18.68 14.42
C LEU G 300 -22.58 19.93 13.97
N LEU G 301 -23.79 20.17 14.48
CA LEU G 301 -24.62 21.28 14.05
C LEU G 301 -24.43 22.54 14.87
N LEU G 302 -23.50 22.54 15.83
CA LEU G 302 -23.38 23.67 16.73
C LEU G 302 -21.94 23.80 17.20
N ASN G 303 -21.59 25.00 17.66
CA ASN G 303 -20.25 25.32 18.11
C ASN G 303 -20.14 25.17 19.63
N ASN G 304 -18.90 25.22 20.12
CA ASN G 304 -18.59 25.03 21.54
C ASN G 304 -19.15 23.70 22.04
N ASN G 305 -18.93 22.65 21.24
CA ASN G 305 -19.40 21.30 21.55
C ASN G 305 -18.25 20.36 21.91
N GLU G 306 -17.09 20.91 22.24
CA GLU G 306 -15.92 20.06 22.49
C GLU G 306 -16.14 19.16 23.70
N PHE G 307 -16.65 19.70 24.80
CA PHE G 307 -16.80 18.92 26.02
C PHE G 307 -17.78 17.77 25.82
N SER G 308 -18.95 18.07 25.26
CA SER G 308 -19.97 17.03 25.08
C SER G 308 -19.45 15.92 24.17
N TYR G 309 -18.81 16.29 23.06
CA TYR G 309 -18.30 15.28 22.14
C TYR G 309 -17.21 14.45 22.80
N LEU G 310 -16.28 15.09 23.51
CA LEU G 310 -15.19 14.36 24.14
C LEU G 310 -15.72 13.38 25.18
N TYR G 311 -16.64 13.85 26.03
CA TYR G 311 -17.21 12.99 27.06
C TYR G 311 -17.96 11.82 26.43
N TYR G 312 -18.76 12.10 25.41
CA TYR G 312 -19.55 11.03 24.79
C TYR G 312 -18.65 10.02 24.07
N ILE G 313 -17.63 10.49 23.36
CA ILE G 313 -16.77 9.56 22.63
C ILE G 313 -15.97 8.71 23.60
N THR G 314 -15.51 9.29 24.72
CA THR G 314 -14.76 8.49 25.68
C THR G 314 -15.65 7.44 26.34
N GLN G 315 -16.84 7.84 26.78
CA GLN G 315 -17.74 6.88 27.42
C GLN G 315 -18.19 5.82 26.43
N TYR G 316 -18.43 6.20 25.17
CA TYR G 316 -18.85 5.23 24.17
C TYR G 316 -17.73 4.27 23.82
N SER G 317 -16.49 4.77 23.77
CA SER G 317 -15.36 3.88 23.53
C SER G 317 -15.24 2.86 24.66
N ILE G 318 -15.36 3.32 25.90
CA ILE G 318 -15.27 2.41 27.03
C ILE G 318 -16.40 1.38 26.99
N SER G 319 -17.63 1.83 26.72
CA SER G 319 -18.77 0.93 26.68
C SER G 319 -18.66 -0.06 25.53
N HIS G 320 -18.19 0.39 24.37
CA HIS G 320 -18.01 -0.48 23.21
C HIS G 320 -16.97 -1.56 23.50
N LEU G 321 -15.83 -1.17 24.06
CA LEU G 321 -14.83 -2.15 24.43
C LEU G 321 -15.39 -3.13 25.47
N ALA G 322 -16.14 -2.62 26.45
CA ALA G 322 -16.69 -3.48 27.48
C ALA G 322 -17.68 -4.47 26.92
N ILE G 323 -18.57 -4.03 26.01
CA ILE G 323 -19.60 -4.92 25.51
C ILE G 323 -18.99 -6.00 24.61
N PHE G 324 -18.05 -5.63 23.74
CA PHE G 324 -17.38 -6.68 22.96
C PHE G 324 -16.58 -7.63 23.84
N MET G 325 -15.94 -7.12 24.90
CA MET G 325 -15.19 -8.04 25.76
C MET G 325 -16.11 -8.94 26.57
N ILE G 326 -17.29 -8.44 26.94
CA ILE G 326 -18.29 -9.30 27.58
C ILE G 326 -18.73 -10.40 26.63
N ILE G 327 -18.99 -10.04 25.37
CA ILE G 327 -19.38 -11.04 24.38
C ILE G 327 -18.26 -12.06 24.19
N ILE G 328 -17.01 -11.61 24.24
CA ILE G 328 -15.87 -12.52 24.11
C ILE G 328 -15.81 -13.48 25.29
N PHE G 329 -15.99 -12.95 26.50
CA PHE G 329 -15.94 -13.81 27.69
C PHE G 329 -17.09 -14.81 27.70
N SER G 330 -18.25 -14.44 27.15
CA SER G 330 -19.39 -15.34 27.17
C SER G 330 -19.25 -16.52 26.24
N ILE G 331 -18.22 -16.54 25.38
CA ILE G 331 -18.02 -17.64 24.44
C ILE G 331 -17.81 -18.95 25.18
N TYR G 332 -17.21 -18.89 26.36
CA TYR G 332 -16.91 -20.10 27.12
C TYR G 332 -18.16 -20.84 27.56
N TYR G 333 -19.30 -20.16 27.61
CA TYR G 333 -20.50 -20.70 28.23
C TYR G 333 -21.56 -21.11 27.20
N ILE G 334 -21.12 -21.52 26.00
CA ILE G 334 -22.03 -22.02 24.98
C ILE G 334 -21.53 -23.38 24.51
N ASN G 335 -22.48 -24.21 24.09
CA ASN G 335 -22.19 -25.61 23.80
C ASN G 335 -21.59 -25.85 22.41
N TYR G 336 -21.62 -24.86 21.53
CA TYR G 336 -21.07 -25.06 20.19
C TYR G 336 -20.56 -23.73 19.66
N ILE G 337 -19.65 -23.82 18.69
CA ILE G 337 -18.99 -22.66 18.10
C ILE G 337 -19.39 -22.57 16.64
N ASN G 338 -19.92 -21.41 16.24
CA ASN G 338 -20.38 -21.20 14.88
C ASN G 338 -19.24 -21.29 13.87
N ASN G 339 -18.30 -20.36 13.97
CA ASN G 339 -17.18 -20.26 13.05
C ASN G 339 -15.89 -20.12 13.84
N GLN G 340 -14.76 -20.36 13.16
CA GLN G 340 -13.46 -20.10 13.76
C GLN G 340 -13.26 -18.61 14.00
N TYR G 341 -13.88 -17.76 13.18
CA TYR G 341 -13.71 -16.32 13.26
C TYR G 341 -14.79 -15.64 14.10
N ASN G 342 -16.05 -16.03 13.93
CA ASN G 342 -17.17 -15.52 14.71
C ASN G 342 -17.78 -16.68 15.47
N PRO G 343 -17.32 -16.96 16.69
CA PRO G 343 -17.82 -18.13 17.42
C PRO G 343 -19.24 -17.98 17.94
N ILE G 344 -19.74 -16.75 18.09
CA ILE G 344 -21.11 -16.51 18.51
C ILE G 344 -21.76 -15.59 17.49
N ILE G 345 -23.01 -15.88 17.16
CA ILE G 345 -23.70 -15.15 16.09
C ILE G 345 -25.02 -14.60 16.61
N TYR G 346 -25.87 -15.47 17.13
CA TYR G 346 -27.24 -15.11 17.48
C TYR G 346 -27.35 -14.78 18.97
N VAL G 347 -28.18 -13.77 19.27
CA VAL G 347 -28.44 -13.39 20.64
C VAL G 347 -29.02 -14.56 21.44
N ASN G 348 -29.73 -15.46 20.77
CA ASN G 348 -30.31 -16.62 21.43
C ASN G 348 -29.27 -17.54 22.04
N GLN G 349 -28.02 -17.48 21.59
CA GLN G 349 -26.97 -18.32 22.17
C GLN G 349 -26.52 -17.83 23.54
N LEU G 350 -26.82 -16.59 23.89
CA LEU G 350 -26.53 -16.06 25.22
C LEU G 350 -27.63 -16.36 26.21
N LYS G 351 -28.66 -17.10 25.79
CA LYS G 351 -29.80 -17.37 26.66
C LYS G 351 -29.39 -18.12 27.91
N GLY G 352 -29.83 -17.63 29.06
CA GLY G 352 -29.53 -18.26 30.32
C GLY G 352 -28.12 -18.06 30.81
N LEU G 353 -27.43 -17.02 30.35
CA LEU G 353 -26.05 -16.79 30.75
C LEU G 353 -25.92 -16.49 32.25
N ILE G 354 -27.02 -16.07 32.89
CA ILE G 354 -26.95 -15.75 34.32
C ILE G 354 -26.73 -16.99 35.17
N HIS G 355 -26.91 -18.17 34.61
CA HIS G 355 -26.68 -19.41 35.35
C HIS G 355 -25.26 -19.94 35.17
N ASP G 356 -24.44 -19.29 34.35
CA ASP G 356 -23.05 -19.68 34.15
C ASP G 356 -22.06 -18.69 34.73
N ASN G 357 -22.31 -17.39 34.59
CA ASN G 357 -21.49 -16.35 35.19
C ASN G 357 -22.40 -15.18 35.51
N ALA G 358 -22.89 -15.14 36.75
CA ALA G 358 -23.85 -14.11 37.13
C ALA G 358 -23.22 -12.72 37.11
N TYR G 359 -21.93 -12.61 37.44
CA TYR G 359 -21.30 -11.30 37.46
C TYR G 359 -20.95 -10.81 36.06
N LEU G 360 -20.71 -11.72 35.12
CA LEU G 360 -20.63 -11.32 33.71
C LEU G 360 -21.94 -10.71 33.25
N VAL G 361 -23.06 -11.31 33.65
CA VAL G 361 -24.36 -10.76 33.30
C VAL G 361 -24.59 -9.43 34.02
N LEU G 362 -24.08 -9.30 35.24
CA LEU G 362 -24.19 -8.01 35.93
C LEU G 362 -23.42 -6.92 35.20
N SER G 363 -22.20 -7.23 34.75
CA SER G 363 -21.41 -6.25 34.00
C SER G 363 -22.09 -5.91 32.68
N MET G 364 -22.63 -6.92 31.99
CA MET G 364 -23.38 -6.65 30.76
C MET G 364 -24.62 -5.79 31.04
N ALA G 365 -25.30 -6.03 32.15
CA ALA G 365 -26.45 -5.21 32.50
C ALA G 365 -26.03 -3.77 32.73
N ILE G 366 -24.91 -3.56 33.42
CA ILE G 366 -24.41 -2.20 33.63
C ILE G 366 -24.11 -1.52 32.29
N VAL G 367 -23.42 -2.22 31.39
CA VAL G 367 -23.04 -1.59 30.13
C VAL G 367 -24.27 -1.34 29.26
N VAL G 368 -25.25 -2.25 29.29
CA VAL G 368 -26.47 -2.06 28.51
C VAL G 368 -27.29 -0.90 29.06
N PHE G 369 -27.36 -0.76 30.39
CA PHE G 369 -28.05 0.38 30.97
C PHE G 369 -27.34 1.69 30.62
N SER G 370 -26.01 1.67 30.60
CA SER G 370 -25.28 2.87 30.18
C SER G 370 -25.56 3.18 28.71
N PHE G 371 -25.70 2.15 27.87
CA PHE G 371 -26.10 2.37 26.49
C PHE G 371 -27.49 3.01 26.42
N ILE G 372 -28.43 2.49 27.22
CA ILE G 372 -29.77 3.07 27.28
C ILE G 372 -29.72 4.47 27.85
N GLY G 373 -28.93 4.68 28.89
CA GLY G 373 -28.83 5.99 29.52
C GLY G 373 -29.45 6.04 30.91
N ILE G 374 -29.30 4.97 31.67
CA ILE G 374 -29.82 4.92 33.04
C ILE G 374 -28.81 5.56 33.97
N PRO G 375 -29.20 6.54 34.79
CA PRO G 375 -28.27 7.14 35.75
C PRO G 375 -27.88 6.15 36.81
N PRO G 376 -26.73 6.35 37.49
CA PRO G 376 -25.77 7.44 37.29
C PRO G 376 -24.60 7.04 36.40
N LEU G 377 -24.85 6.16 35.43
CA LEU G 377 -23.79 5.67 34.57
C LEU G 377 -23.36 6.75 33.58
N LEU G 378 -22.22 6.51 32.93
CA LEU G 378 -21.62 7.52 32.06
C LEU G 378 -22.47 7.79 30.82
N GLY G 379 -23.17 6.78 30.32
CA GLY G 379 -23.98 6.97 29.12
C GLY G 379 -25.07 7.99 29.32
N PHE G 380 -25.73 7.95 30.48
CA PHE G 380 -26.76 8.94 30.78
C PHE G 380 -26.19 10.34 30.78
N PHE G 381 -25.00 10.52 31.34
CA PHE G 381 -24.40 11.85 31.40
C PHE G 381 -23.96 12.33 30.03
N GLY G 382 -23.42 11.44 29.19
CA GLY G 382 -23.11 11.83 27.83
C GLY G 382 -24.34 12.25 27.04
N LYS G 383 -25.41 11.46 27.15
CA LYS G 383 -26.66 11.84 26.48
C LYS G 383 -27.22 13.14 27.04
N LEU G 384 -27.03 13.37 28.35
CA LEU G 384 -27.51 14.60 28.95
C LEU G 384 -26.72 15.81 28.44
N ASN G 385 -25.40 15.67 28.28
CA ASN G 385 -24.62 16.75 27.69
C ASN G 385 -25.06 17.02 26.25
N ILE G 386 -25.34 15.95 25.49
CA ILE G 386 -25.85 16.14 24.14
C ILE G 386 -27.16 16.90 24.15
N LEU G 387 -28.07 16.52 25.07
CA LEU G 387 -29.36 17.21 25.16
C LEU G 387 -29.19 18.67 25.54
N MET G 388 -28.32 18.96 26.51
CA MET G 388 -28.08 20.34 26.90
C MET G 388 -27.52 21.15 25.74
N SER G 389 -26.56 20.59 25.00
CA SER G 389 -26.00 21.30 23.87
C SER G 389 -27.05 21.57 22.80
N ILE G 390 -27.88 20.58 22.49
CA ILE G 390 -28.85 20.78 21.41
C ILE G 390 -29.97 21.73 21.84
N LEU G 391 -30.34 21.73 23.13
CA LEU G 391 -31.34 22.69 23.60
C LEU G 391 -30.77 24.10 23.77
N ASN G 392 -29.45 24.24 23.95
CA ASN G 392 -28.87 25.57 24.01
C ASN G 392 -28.93 26.27 22.66
N ASN G 393 -28.94 25.50 21.56
CA ASN G 393 -29.00 26.06 20.22
C ASN G 393 -30.40 26.01 19.62
N GLY G 394 -31.40 25.55 20.37
CA GLY G 394 -32.77 25.59 19.91
C GLY G 394 -33.19 24.54 18.92
N TYR G 395 -32.58 23.34 18.96
CA TYR G 395 -33.00 22.23 18.11
C TYR G 395 -33.98 21.37 18.91
N TYR G 396 -35.25 21.76 18.87
CA TYR G 396 -36.26 21.07 19.66
C TYR G 396 -36.72 19.77 18.98
N PHE G 397 -36.96 19.83 17.67
CA PHE G 397 -37.34 18.62 16.93
C PHE G 397 -36.22 17.59 16.99
N ILE G 398 -34.97 18.05 16.90
CA ILE G 398 -33.82 17.16 17.04
C ILE G 398 -33.82 16.51 18.42
N SER G 399 -34.16 17.28 19.46
CA SER G 399 -34.21 16.72 20.81
C SER G 399 -35.32 15.66 20.92
N ILE G 400 -36.48 15.93 20.33
CA ILE G 400 -37.56 14.94 20.37
C ILE G 400 -37.15 13.67 19.64
N VAL G 401 -36.50 13.82 18.48
CA VAL G 401 -36.02 12.66 17.74
C VAL G 401 -35.00 11.88 18.57
N LEU G 402 -34.10 12.60 19.26
CA LEU G 402 -33.10 11.94 20.10
C LEU G 402 -33.77 11.13 21.20
N ILE G 403 -34.75 11.73 21.89
CA ILE G 403 -35.42 11.03 22.99
C ILE G 403 -36.17 9.81 22.47
N VAL G 404 -36.88 9.97 21.35
CA VAL G 404 -37.62 8.85 20.78
C VAL G 404 -36.68 7.74 20.34
N ALA G 405 -35.55 8.10 19.74
CA ALA G 405 -34.56 7.11 19.31
C ALA G 405 -34.00 6.35 20.51
N SER G 406 -33.69 7.06 21.59
CA SER G 406 -33.20 6.39 22.79
C SER G 406 -34.25 5.45 23.36
N LEU G 407 -35.51 5.88 23.40
CA LEU G 407 -36.58 5.02 23.92
C LEU G 407 -36.74 3.77 23.06
N ILE G 408 -36.67 3.92 21.74
CA ILE G 408 -36.78 2.76 20.85
C ILE G 408 -35.59 1.83 21.03
N SER G 409 -34.38 2.40 21.12
CA SER G 409 -33.18 1.58 21.23
C SER G 409 -33.13 0.83 22.56
N ALA G 410 -33.76 1.38 23.60
CA ALA G 410 -33.83 0.69 24.88
C ALA G 410 -34.50 -0.66 24.74
N LEU G 411 -35.45 -0.80 23.80
CA LEU G 411 -36.14 -2.07 23.63
C LEU G 411 -35.19 -3.17 23.18
N TYR G 412 -34.42 -2.92 22.12
CA TYR G 412 -33.50 -3.97 21.67
C TYR G 412 -32.24 -4.04 22.52
N TYR G 413 -31.97 -3.05 23.36
CA TYR G 413 -30.92 -3.22 24.36
C TYR G 413 -31.38 -4.16 25.47
N LEU G 414 -32.60 -3.96 25.98
CA LEU G 414 -33.15 -4.86 26.98
C LEU G 414 -33.46 -6.24 26.42
N TYR G 415 -33.57 -6.36 25.10
CA TYR G 415 -33.65 -7.67 24.47
C TYR G 415 -32.48 -8.56 24.90
N LEU G 416 -31.27 -8.01 24.89
CA LEU G 416 -30.08 -8.77 25.29
C LEU G 416 -30.18 -9.26 26.72
N LEU G 417 -30.51 -8.35 27.65
CA LEU G 417 -30.59 -8.70 29.06
C LEU G 417 -31.69 -9.71 29.31
N ASN G 418 -32.85 -9.53 28.67
CA ASN G 418 -33.96 -10.44 28.85
C ASN G 418 -33.61 -11.85 28.36
N VAL G 419 -32.90 -11.93 27.22
CA VAL G 419 -32.47 -13.24 26.74
C VAL G 419 -31.47 -13.85 27.72
N SER G 420 -30.53 -13.04 28.23
CA SER G 420 -29.46 -13.57 29.06
C SER G 420 -29.90 -13.96 30.46
N ILE G 421 -30.99 -13.40 30.97
CA ILE G 421 -31.46 -13.74 32.31
C ILE G 421 -32.50 -14.87 32.27
N GLN G 422 -32.56 -15.60 31.16
CA GLN G 422 -33.49 -16.72 31.03
C GLN G 422 -32.92 -17.94 31.73
N ASP G 423 -33.53 -19.10 31.50
CA ASP G 423 -33.10 -20.37 32.10
C ASP G 423 -32.62 -21.28 31.00
N LYS G 424 -31.39 -21.77 31.11
CA LYS G 424 -30.85 -22.77 30.21
C LYS G 424 -30.63 -24.07 30.99
N ASN G 425 -31.45 -25.07 30.70
CA ASN G 425 -31.29 -26.36 31.37
C ASN G 425 -30.09 -27.13 30.84
N ASN G 426 -29.69 -26.85 29.59
CA ASN G 426 -28.52 -27.52 29.01
C ASN G 426 -27.25 -27.10 29.74
N ILE G 427 -26.65 -28.03 30.48
CA ILE G 427 -25.43 -27.76 31.24
C ILE G 427 -24.25 -27.72 30.27
N LEU G 428 -23.13 -27.17 30.71
CA LEU G 428 -21.99 -26.95 29.85
C LEU G 428 -21.21 -28.24 29.58
N ILE G 429 -20.52 -28.26 28.45
CA ILE G 429 -19.56 -29.29 28.12
C ILE G 429 -18.16 -28.93 28.63
N ASN G 430 -18.01 -27.75 29.25
CA ASN G 430 -16.74 -27.24 29.72
C ASN G 430 -16.91 -26.79 31.15
N SER G 431 -15.84 -26.91 31.95
CA SER G 431 -15.96 -26.53 33.35
C SER G 431 -14.58 -26.26 33.95
N ASN G 432 -14.53 -25.25 34.81
CA ASN G 432 -13.48 -24.98 35.78
C ASN G 432 -12.18 -24.47 35.18
N GLU G 433 -12.07 -24.34 33.86
CA GLU G 433 -10.91 -23.64 33.31
C GLU G 433 -10.98 -22.17 33.68
N THR G 434 -9.85 -21.63 34.14
CA THR G 434 -9.79 -20.28 34.65
C THR G 434 -9.57 -19.28 33.51
N VAL G 435 -10.36 -18.21 33.53
CA VAL G 435 -10.23 -17.16 32.54
C VAL G 435 -9.02 -16.29 32.85
N SER G 436 -8.49 -15.62 31.83
CA SER G 436 -7.30 -14.80 31.99
C SER G 436 -7.51 -13.74 33.06
N SER G 437 -6.50 -13.57 33.92
CA SER G 437 -6.61 -12.59 34.98
C SER G 437 -6.43 -11.17 34.45
N VAL G 438 -5.56 -10.99 33.46
CA VAL G 438 -5.30 -9.66 32.92
C VAL G 438 -6.52 -9.13 32.18
N LEU G 439 -7.10 -9.96 31.30
CA LEU G 439 -8.27 -9.52 30.54
C LEU G 439 -9.48 -9.33 31.45
N SER G 440 -9.64 -10.20 32.45
CA SER G 440 -10.72 -10.02 33.42
C SER G 440 -10.53 -8.72 34.19
N TYR G 441 -9.29 -8.41 34.58
CA TYR G 441 -9.02 -7.16 35.27
C TYR G 441 -9.33 -5.96 34.38
N ILE G 442 -8.98 -6.03 33.09
CA ILE G 442 -9.28 -4.93 32.19
C ILE G 442 -10.78 -4.75 32.01
N LEU G 443 -11.52 -5.85 31.85
CA LEU G 443 -12.96 -5.76 31.73
C LEU G 443 -13.59 -5.18 32.99
N SER G 444 -13.12 -5.62 34.16
CA SER G 444 -13.64 -5.10 35.41
C SER G 444 -13.31 -3.62 35.56
N SER G 445 -12.13 -3.21 35.12
CA SER G 445 -11.78 -1.79 35.16
C SER G 445 -12.70 -0.97 34.27
N LEU G 446 -13.01 -1.49 33.08
CA LEU G 446 -13.95 -0.81 32.20
C LEU G 446 -15.33 -0.70 32.85
N ILE G 447 -15.78 -1.78 33.48
CA ILE G 447 -17.09 -1.76 34.13
C ILE G 447 -17.11 -0.78 35.29
N ILE G 448 -16.05 -0.75 36.08
CA ILE G 448 -15.97 0.18 37.21
C ILE G 448 -15.90 1.62 36.71
N LEU G 449 -15.21 1.85 35.60
CA LEU G 449 -15.22 3.19 35.00
C LEU G 449 -16.63 3.59 34.61
N ILE G 450 -17.34 2.71 33.91
CA ILE G 450 -18.71 3.00 33.51
C ILE G 450 -19.59 3.28 34.73
N THR G 451 -19.38 2.51 35.80
CA THR G 451 -20.27 2.60 36.96
C THR G 451 -19.99 3.86 37.79
N PHE G 452 -18.72 4.19 38.02
CA PHE G 452 -18.36 5.24 38.96
C PHE G 452 -17.51 6.35 38.33
N GLY G 453 -17.63 6.60 37.03
CA GLY G 453 -16.96 7.76 36.47
C GLY G 453 -17.67 9.07 36.72
N PHE G 454 -18.94 9.01 37.15
CA PHE G 454 -19.70 10.21 37.47
C PHE G 454 -19.22 10.87 38.75
N ILE G 455 -18.35 10.22 39.52
CA ILE G 455 -17.76 10.86 40.69
C ILE G 455 -16.94 12.07 40.26
N TYR G 456 -16.18 11.93 39.18
CA TYR G 456 -15.23 12.94 38.74
C TYR G 456 -15.82 13.90 37.71
N ASN G 457 -17.15 14.06 37.67
CA ASN G 457 -17.77 14.93 36.68
C ASN G 457 -17.34 16.38 36.87
N SER G 458 -17.38 16.87 38.12
CA SER G 458 -16.99 18.25 38.38
C SER G 458 -15.51 18.47 38.10
N LEU G 459 -14.68 17.49 38.47
CA LEU G 459 -13.24 17.58 38.20
C LEU G 459 -12.97 17.67 36.70
N ILE G 460 -13.65 16.83 35.91
CA ILE G 460 -13.47 16.87 34.46
C ILE G 460 -13.98 18.18 33.89
N ILE G 461 -15.09 18.69 34.41
CA ILE G 461 -15.62 19.96 33.93
C ILE G 461 -14.64 21.09 34.20
N ASP G 462 -14.05 21.13 35.40
CA ASP G 462 -13.08 22.17 35.72
C ASP G 462 -11.84 22.05 34.84
N ILE G 463 -11.36 20.83 34.62
CA ILE G 463 -10.17 20.64 33.78
C ILE G 463 -10.46 21.10 32.35
N PHE G 464 -11.65 20.78 31.83
CA PHE G 464 -12.02 21.26 30.51
C PHE G 464 -12.10 22.78 30.47
N ASN G 465 -12.68 23.39 31.50
CA ASN G 465 -12.82 24.84 31.51
C ASN G 465 -11.48 25.55 31.57
N VAL G 466 -10.48 24.95 32.21
CA VAL G 466 -9.17 25.58 32.31
C VAL G 466 -8.26 25.23 31.13
N TYR G 467 -8.46 24.09 30.48
CA TYR G 467 -7.56 23.65 29.42
C TYR G 467 -8.13 23.84 28.02
N PHE G 468 -9.39 24.23 27.89
CA PHE G 468 -10.01 24.43 26.59
C PHE G 468 -10.51 25.85 26.36
N ASN G 469 -10.35 26.73 27.33
CA ASN G 469 -10.80 28.11 27.18
C ASN G 469 -9.63 29.08 27.32
N ASN H 2 -17.42 24.20 -11.33
CA ASN H 2 -17.84 23.83 -12.67
C ASN H 2 -17.89 22.31 -12.83
N THR H 3 -16.92 21.62 -12.23
CA THR H 3 -16.85 20.17 -12.29
C THR H 3 -18.09 19.55 -11.65
N PHE H 4 -18.52 20.13 -10.52
CA PHE H 4 -19.72 19.63 -9.86
C PHE H 4 -20.94 19.74 -10.77
N ILE H 5 -21.06 20.85 -11.50
CA ILE H 5 -22.19 21.07 -12.39
C ILE H 5 -22.22 20.00 -13.47
N ILE H 6 -21.07 19.78 -14.11
CA ILE H 6 -20.96 18.81 -15.19
C ILE H 6 -21.32 17.45 -14.64
N PHE H 7 -20.81 17.12 -13.46
CA PHE H 7 -21.11 15.84 -12.82
C PHE H 7 -22.62 15.68 -12.63
N ILE H 8 -23.26 16.68 -12.02
CA ILE H 8 -24.66 16.56 -11.63
C ILE H 8 -25.56 16.42 -12.84
N ILE H 9 -25.38 17.29 -13.84
CA ILE H 9 -26.22 17.16 -15.04
C ILE H 9 -25.88 15.93 -15.88
N LEU H 10 -24.63 15.46 -15.91
CA LEU H 10 -24.35 14.26 -16.68
C LEU H 10 -24.89 13.00 -16.01
N ILE H 11 -25.07 13.02 -14.68
CA ILE H 11 -25.57 11.81 -14.00
C ILE H 11 -26.88 11.29 -14.59
N PRO H 12 -27.94 12.10 -14.75
CA PRO H 12 -29.21 11.53 -15.24
C PRO H 12 -29.14 10.96 -16.64
N ILE H 13 -28.42 11.60 -17.56
CA ILE H 13 -28.47 11.20 -18.97
C ILE H 13 -27.84 9.83 -19.16
N VAL H 14 -26.54 9.72 -18.88
CA VAL H 14 -25.87 8.43 -19.00
C VAL H 14 -26.37 7.45 -17.97
N GLY H 15 -26.92 7.93 -16.85
CA GLY H 15 -27.56 7.02 -15.91
C GLY H 15 -28.76 6.31 -16.51
N PHE H 16 -29.63 7.07 -17.18
CA PHE H 16 -30.77 6.47 -17.88
C PHE H 16 -30.31 5.59 -19.03
N ALA H 17 -29.27 6.01 -19.74
CA ALA H 17 -28.76 5.18 -20.84
C ALA H 17 -28.27 3.83 -20.32
N LEU H 18 -27.47 3.84 -19.25
CA LEU H 18 -26.99 2.59 -18.66
C LEU H 18 -28.15 1.79 -18.08
N LEU H 19 -29.13 2.47 -17.49
CA LEU H 19 -30.30 1.79 -16.96
C LEU H 19 -31.03 1.02 -18.04
N ALA H 20 -31.25 1.67 -19.18
CA ALA H 20 -31.94 1.02 -20.29
C ALA H 20 -31.12 -0.13 -20.85
N VAL H 21 -29.82 0.09 -21.08
CA VAL H 21 -29.02 -0.96 -21.68
C VAL H 21 -28.81 -2.13 -20.72
N ASN H 22 -28.98 -1.91 -19.42
CA ASN H 22 -28.85 -3.00 -18.45
C ASN H 22 -30.18 -3.68 -18.13
N ILE H 23 -31.29 -3.03 -18.42
CA ILE H 23 -32.59 -3.72 -18.25
C ILE H 23 -32.73 -4.67 -19.45
N LEU H 24 -31.85 -4.51 -20.44
CA LEU H 24 -31.91 -5.34 -21.66
C LEU H 24 -31.53 -6.78 -21.34
N LEU H 25 -30.42 -6.99 -20.63
CA LEU H 25 -29.93 -8.36 -20.34
C LEU H 25 -30.90 -9.08 -19.40
N ALA H 26 -31.91 -8.36 -18.89
CA ALA H 26 -32.85 -8.96 -17.92
C ALA H 26 -33.07 -10.44 -18.23
N VAL H 27 -33.43 -10.75 -19.47
CA VAL H 27 -33.42 -12.17 -19.96
C VAL H 27 -32.44 -12.27 -21.13
N TYR H 28 -31.53 -13.24 -21.09
CA TYR H 28 -30.56 -13.43 -22.20
C TYR H 28 -29.65 -14.65 -21.94
N LYS H 29 -29.20 -15.31 -23.01
CA LYS H 29 -28.29 -16.44 -22.90
C LYS H 29 -28.32 -17.02 -21.50
N PRO H 30 -29.35 -17.79 -21.16
CA PRO H 30 -29.49 -18.30 -19.79
C PRO H 30 -28.48 -19.39 -19.46
N TYR H 31 -27.42 -19.47 -20.26
CA TYR H 31 -26.28 -20.37 -20.06
C TYR H 31 -26.75 -21.79 -19.76
N ASN H 32 -27.62 -22.27 -20.65
CA ASN H 32 -28.12 -23.64 -20.62
C ASN H 32 -27.10 -24.64 -21.13
N GLU H 33 -25.83 -24.23 -21.23
CA GLU H 33 -24.75 -25.10 -21.67
C GLU H 33 -24.65 -26.31 -20.76
N LYS H 34 -23.89 -27.32 -21.20
CA LYS H 34 -23.89 -28.62 -20.53
C LYS H 34 -23.11 -28.50 -19.22
N LEU H 35 -23.78 -27.90 -18.23
CA LEU H 35 -23.21 -27.72 -16.90
C LEU H 35 -23.66 -28.86 -16.01
N GLY H 36 -23.29 -30.08 -16.42
CA GLY H 36 -23.69 -31.24 -15.66
C GLY H 36 -22.52 -31.92 -14.97
N ALA H 37 -21.36 -31.91 -15.61
CA ALA H 37 -20.17 -32.53 -15.05
C ALA H 37 -19.49 -31.67 -13.99
N PHE H 38 -19.91 -30.42 -13.86
CA PHE H 38 -19.34 -29.52 -12.86
C PHE H 38 -20.22 -29.40 -11.62
N GLU H 39 -21.49 -29.78 -11.73
CA GLU H 39 -22.40 -29.84 -10.60
C GLU H 39 -22.36 -31.20 -9.92
N CYS H 40 -21.49 -32.09 -10.38
CA CYS H 40 -21.24 -33.39 -9.76
C CYS H 40 -19.87 -33.48 -9.11
N GLY H 41 -18.84 -33.01 -9.78
CA GLY H 41 -17.48 -33.17 -9.32
C GLY H 41 -16.61 -34.10 -10.16
N LEU H 42 -16.92 -34.27 -11.45
CA LEU H 42 -16.03 -34.98 -12.35
C LEU H 42 -15.05 -34.02 -13.00
N THR H 43 -13.89 -34.56 -13.38
CA THR H 43 -12.87 -33.79 -14.08
C THR H 43 -12.62 -34.40 -15.44
N SER H 44 -12.46 -33.55 -16.45
CA SER H 44 -11.94 -33.97 -17.75
C SER H 44 -10.84 -33.01 -18.15
N PHE H 45 -9.66 -33.20 -17.57
CA PHE H 45 -8.41 -32.65 -18.09
C PHE H 45 -7.28 -33.66 -18.13
N ASN H 46 -7.15 -34.49 -17.08
CA ASN H 46 -6.09 -35.48 -16.93
C ASN H 46 -4.70 -34.84 -16.90
N GLN H 47 -4.64 -33.52 -17.04
CA GLN H 47 -3.40 -32.78 -17.15
C GLN H 47 -3.73 -31.32 -16.82
N THR H 48 -2.83 -30.40 -17.16
CA THR H 48 -3.01 -28.96 -16.95
C THR H 48 -3.17 -28.63 -15.47
N ARG H 49 -2.48 -29.37 -14.60
CA ARG H 49 -2.49 -29.08 -13.18
C ARG H 49 -1.90 -27.70 -12.92
N LEU H 50 -0.61 -27.55 -13.23
CA LEU H 50 0.13 -26.30 -13.07
C LEU H 50 0.19 -25.85 -11.61
N ALA H 51 1.06 -24.88 -11.32
CA ALA H 51 1.20 -24.39 -9.96
C ALA H 51 1.74 -22.97 -10.00
N PHE H 52 1.56 -22.27 -8.88
CA PHE H 52 2.10 -20.92 -8.72
C PHE H 52 2.50 -20.76 -7.25
N ASN H 53 3.79 -20.80 -7.00
CA ASN H 53 4.28 -20.50 -5.66
C ASN H 53 3.91 -19.09 -5.29
N ALA H 54 3.61 -18.89 -4.00
CA ALA H 54 3.26 -17.55 -3.53
C ALA H 54 4.35 -16.54 -3.88
N ALA H 55 5.61 -16.99 -3.91
CA ALA H 55 6.71 -16.09 -4.23
C ALA H 55 6.62 -15.53 -5.64
N PHE H 56 6.06 -16.31 -6.58
CA PHE H 56 5.94 -15.84 -7.96
C PHE H 56 4.99 -14.65 -8.05
N ILE H 57 3.78 -14.82 -7.50
CA ILE H 57 2.80 -13.74 -7.51
C ILE H 57 3.28 -12.59 -6.64
N LEU H 58 4.07 -12.87 -5.60
CA LEU H 58 4.64 -11.78 -4.82
C LEU H 58 5.67 -10.99 -5.61
N VAL H 59 6.48 -11.66 -6.45
CA VAL H 59 7.37 -10.92 -7.33
C VAL H 59 6.57 -10.02 -8.25
N ALA H 60 5.51 -10.58 -8.85
CA ALA H 60 4.70 -9.78 -9.78
C ALA H 60 4.07 -8.59 -9.09
N ILE H 61 3.50 -8.79 -7.91
CA ILE H 61 2.80 -7.71 -7.21
C ILE H 61 3.80 -6.69 -6.67
N LEU H 62 4.88 -7.15 -6.03
CA LEU H 62 5.85 -6.27 -5.41
C LEU H 62 6.71 -5.55 -6.43
N PHE H 63 6.68 -5.92 -7.70
CA PHE H 63 7.28 -5.06 -8.72
C PHE H 63 6.68 -3.66 -8.66
N LEU H 64 5.40 -3.56 -8.31
CA LEU H 64 4.73 -2.26 -8.37
C LEU H 64 5.15 -1.34 -7.23
N PRO H 65 5.04 -1.72 -5.95
CA PRO H 65 5.49 -0.80 -4.89
C PRO H 65 6.97 -0.47 -4.96
N PHE H 66 7.81 -1.44 -5.32
CA PHE H 66 9.24 -1.15 -5.46
C PHE H 66 9.50 -0.19 -6.61
N ASP H 67 8.76 -0.34 -7.72
CA ASP H 67 8.91 0.60 -8.82
C ASP H 67 8.45 2.00 -8.41
N LEU H 68 7.39 2.08 -7.60
CA LEU H 68 6.97 3.37 -7.07
C LEU H 68 8.04 3.97 -6.17
N GLU H 69 8.66 3.12 -5.33
CA GLU H 69 9.74 3.59 -4.46
C GLU H 69 10.90 4.15 -5.27
N ILE H 70 11.26 3.46 -6.35
CA ILE H 70 12.36 3.92 -7.20
C ILE H 70 11.96 5.22 -7.90
N SER H 71 10.78 5.25 -8.50
CA SER H 71 10.34 6.43 -9.24
C SER H 71 10.10 7.63 -8.34
N THR H 72 9.94 7.42 -7.03
CA THR H 72 9.86 8.54 -6.10
C THR H 72 11.22 9.22 -5.93
N LEU H 73 12.31 8.53 -6.26
CA LEU H 73 13.64 9.13 -6.20
C LEU H 73 13.88 10.14 -7.31
N LEU H 74 13.13 10.07 -8.41
CA LEU H 74 13.35 11.00 -9.51
C LEU H 74 13.15 12.47 -9.11
N PRO H 75 12.12 12.85 -8.35
CA PRO H 75 12.05 14.26 -7.91
C PRO H 75 13.26 14.71 -7.10
N TYR H 76 13.89 13.80 -6.35
CA TYR H 76 15.04 14.19 -5.55
C TYR H 76 16.24 14.51 -6.43
N VAL H 77 16.52 13.66 -7.42
CA VAL H 77 17.71 13.86 -8.25
C VAL H 77 17.59 15.08 -9.15
N MET H 78 16.38 15.59 -9.38
CA MET H 78 16.18 16.81 -10.15
C MET H 78 16.34 18.07 -9.32
N SER H 79 16.34 17.97 -7.99
CA SER H 79 16.53 19.13 -7.12
C SER H 79 17.56 18.83 -6.04
N ILE H 80 18.54 17.99 -6.36
CA ILE H 80 19.50 17.52 -5.37
C ILE H 80 20.31 18.67 -4.80
N TYR H 81 20.73 19.61 -5.67
CA TYR H 81 21.56 20.72 -5.21
C TYR H 81 20.77 21.74 -4.41
N LEU H 82 19.51 21.98 -4.80
CA LEU H 82 18.72 23.01 -4.14
C LEU H 82 18.40 22.65 -2.70
N VAL H 83 18.26 21.37 -2.40
CA VAL H 83 17.81 20.92 -1.08
C VAL H 83 18.91 20.10 -0.41
N SER H 84 20.17 20.46 -0.68
CA SER H 84 21.31 19.58 -0.49
C SER H 84 21.32 18.79 0.81
N ASN H 85 21.44 19.46 1.95
CA ASN H 85 21.68 18.74 3.20
C ASN H 85 20.37 18.33 3.88
N TYR H 86 19.42 19.26 3.98
CA TYR H 86 18.11 18.93 4.52
C TYR H 86 17.44 17.84 3.69
N GLY H 87 17.40 18.03 2.36
CA GLY H 87 16.87 17.01 1.48
C GLY H 87 17.67 15.72 1.51
N PHE H 88 18.98 15.83 1.68
CA PHE H 88 19.81 14.62 1.78
C PHE H 88 19.41 13.80 3.00
N THR H 89 19.20 14.45 4.14
CA THR H 89 18.76 13.74 5.33
C THR H 89 17.36 13.16 5.16
N ILE H 90 16.46 13.92 4.53
CA ILE H 90 15.10 13.42 4.31
C ILE H 90 15.13 12.19 3.40
N VAL H 91 15.95 12.23 2.35
CA VAL H 91 16.06 11.07 1.45
C VAL H 91 16.69 9.89 2.19
N LEU H 92 17.66 10.15 3.07
CA LEU H 92 18.24 9.06 3.85
C LEU H 92 17.17 8.39 4.71
N LEU H 93 16.33 9.20 5.37
CA LEU H 93 15.27 8.64 6.19
C LEU H 93 14.25 7.88 5.34
N PHE H 94 13.90 8.44 4.18
CA PHE H 94 12.99 7.78 3.26
C PHE H 94 13.53 6.43 2.82
N LEU H 95 14.81 6.39 2.44
CA LEU H 95 15.43 5.16 2.00
C LEU H 95 15.53 4.15 3.14
N LEU H 96 15.84 4.61 4.35
CA LEU H 96 15.91 3.68 5.48
C LEU H 96 14.55 3.08 5.80
N ILE H 97 13.49 3.91 5.73
CA ILE H 97 12.14 3.38 5.96
C ILE H 97 11.80 2.34 4.91
N LEU H 98 12.13 2.61 3.64
CA LEU H 98 11.86 1.62 2.59
C LEU H 98 12.69 0.36 2.79
N ILE H 99 13.95 0.51 3.20
CA ILE H 99 14.79 -0.64 3.47
C ILE H 99 14.27 -1.45 4.66
N ILE H 100 13.52 -0.83 5.56
CA ILE H 100 12.86 -1.63 6.61
C ILE H 100 11.92 -2.66 5.97
N GLY H 101 11.09 -2.22 5.02
CA GLY H 101 10.22 -3.15 4.32
C GLY H 101 10.97 -4.13 3.45
N PHE H 102 12.07 -3.68 2.84
CA PHE H 102 12.89 -4.58 2.04
C PHE H 102 13.51 -5.68 2.92
N VAL H 103 13.95 -5.30 4.12
CA VAL H 103 14.45 -6.25 5.10
C VAL H 103 13.33 -7.21 5.51
N TYR H 104 12.11 -6.69 5.66
CA TYR H 104 10.99 -7.57 5.96
C TYR H 104 10.81 -8.63 4.87
N GLU H 105 10.80 -8.20 3.60
CA GLU H 105 10.58 -9.15 2.52
C GLU H 105 11.77 -10.09 2.32
N ILE H 106 12.96 -9.70 2.77
CA ILE H 106 14.11 -10.59 2.65
C ILE H 106 14.12 -11.62 3.77
N ASN H 107 13.91 -11.18 5.02
CA ASN H 107 13.93 -12.09 6.16
C ASN H 107 12.81 -13.11 6.07
N THR H 108 11.62 -12.68 5.66
CA THR H 108 10.48 -13.58 5.55
C THR H 108 10.71 -14.65 4.50
N ASN H 109 11.66 -14.43 3.58
CA ASN H 109 11.89 -15.33 2.45
C ASN H 109 10.61 -15.51 1.64
N ALA H 110 9.86 -14.43 1.50
CA ALA H 110 8.59 -14.42 0.80
C ALA H 110 8.75 -14.46 -0.71
N LEU H 111 9.95 -14.17 -1.22
CA LEU H 111 10.16 -14.00 -2.64
C LEU H 111 11.05 -15.08 -3.24
N LYS H 112 11.27 -16.19 -2.54
CA LYS H 112 12.10 -17.28 -3.03
C LYS H 112 11.21 -18.29 -3.76
N ILE H 113 11.42 -18.43 -5.06
CA ILE H 113 10.67 -19.36 -5.88
C ILE H 113 11.10 -20.78 -5.53
N ASN H 114 10.38 -21.78 -6.02
CA ASN H 114 10.54 -23.18 -5.66
C ASN H 114 12.00 -23.57 -5.46
N LYS H 115 12.27 -24.16 -4.30
CA LYS H 115 13.63 -24.57 -3.92
C LYS H 115 13.75 -26.08 -3.98
N MET I 2 -3.99 23.85 -39.04
CA MET I 2 -4.59 24.61 -37.95
C MET I 2 -5.91 24.00 -37.48
N TYR I 3 -6.69 23.46 -38.43
CA TYR I 3 -7.98 22.87 -38.09
C TYR I 3 -7.82 21.69 -37.16
N LEU I 4 -6.84 20.83 -37.42
CA LEU I 4 -6.61 19.67 -36.57
C LEU I 4 -6.01 20.07 -35.23
N THR I 5 -5.05 21.00 -35.25
CA THR I 5 -4.36 21.37 -34.02
C THR I 5 -5.24 22.20 -33.09
N TYR I 6 -6.30 22.82 -33.61
CA TYR I 6 -7.21 23.53 -32.73
C TYR I 6 -8.11 22.58 -31.97
N TYR I 7 -8.38 21.39 -32.51
CA TYR I 7 -9.30 20.44 -31.91
C TYR I 7 -8.62 19.14 -31.51
N PHE I 8 -7.29 19.12 -31.42
CA PHE I 8 -6.61 17.98 -30.80
C PHE I 8 -7.18 17.65 -29.42
N ILE I 9 -7.41 18.67 -28.59
CA ILE I 9 -7.90 18.43 -27.24
C ILE I 9 -9.28 17.78 -27.28
N GLU I 10 -10.17 18.30 -28.13
CA GLU I 10 -11.51 17.72 -28.25
C GLU I 10 -11.46 16.31 -28.82
N ILE I 11 -10.52 16.04 -29.74
CA ILE I 11 -10.37 14.70 -30.28
C ILE I 11 -9.95 13.74 -29.16
N THR I 12 -9.02 14.17 -28.32
CA THR I 12 -8.62 13.35 -27.18
C THR I 12 -9.81 13.11 -26.25
N ILE I 13 -10.62 14.14 -26.03
CA ILE I 13 -11.79 14.00 -25.15
C ILE I 13 -12.77 12.97 -25.72
N PHE I 14 -13.05 13.06 -27.03
CA PHE I 14 -13.98 12.13 -27.66
C PHE I 14 -13.44 10.71 -27.65
N LEU I 15 -12.13 10.55 -27.89
CA LEU I 15 -11.51 9.23 -27.82
C LEU I 15 -11.58 8.68 -26.39
N ALA I 16 -11.42 9.54 -25.39
CA ALA I 16 -11.55 9.11 -24.00
C ALA I 16 -12.98 8.63 -23.71
N ILE I 17 -13.97 9.35 -24.24
CA ILE I 17 -15.36 8.92 -24.07
C ILE I 17 -15.56 7.54 -24.68
N LEU I 18 -15.06 7.34 -25.90
CA LEU I 18 -15.21 6.05 -26.56
C LEU I 18 -14.53 4.94 -25.77
N CYS I 19 -13.31 5.21 -25.29
CA CYS I 19 -12.56 4.20 -24.55
C CYS I 19 -13.27 3.84 -23.24
N THR I 20 -13.79 4.84 -22.53
CA THR I 20 -14.47 4.54 -21.27
C THR I 20 -15.77 3.77 -21.50
N ILE I 21 -16.53 4.12 -22.55
CA ILE I 21 -17.73 3.36 -22.87
C ILE I 21 -17.37 1.92 -23.22
N PHE I 22 -16.31 1.73 -24.01
CA PHE I 22 -15.88 0.38 -24.36
C PHE I 22 -15.39 -0.38 -23.14
N ILE I 23 -14.84 0.33 -22.14
CA ILE I 23 -14.44 -0.32 -20.89
C ILE I 23 -15.67 -0.83 -20.15
N ILE I 24 -16.68 0.03 -19.98
CA ILE I 24 -17.82 -0.32 -19.15
C ILE I 24 -18.86 -1.09 -19.96
N SER I 25 -18.55 -1.41 -21.20
CA SER I 25 -19.48 -2.09 -22.10
C SER I 25 -18.80 -3.25 -22.82
N ALA I 26 -18.12 -4.11 -22.06
CA ALA I 26 -17.48 -5.29 -22.61
C ALA I 26 -17.75 -6.49 -21.69
N LYS I 27 -17.36 -7.66 -22.18
CA LYS I 27 -17.49 -8.90 -21.41
C LYS I 27 -16.14 -9.44 -20.96
N ASN I 28 -15.22 -9.64 -21.88
CA ASN I 28 -13.91 -10.16 -21.53
C ASN I 28 -13.15 -9.14 -20.69
N PRO I 29 -12.61 -9.52 -19.53
CA PRO I 29 -11.79 -8.56 -18.77
C PRO I 29 -10.60 -8.05 -19.55
N MET I 30 -10.07 -8.86 -20.47
CA MET I 30 -8.97 -8.43 -21.33
C MET I 30 -9.34 -7.18 -22.11
N VAL I 31 -10.55 -7.15 -22.66
CA VAL I 31 -10.99 -6.00 -23.45
C VAL I 31 -10.98 -4.75 -22.60
N SER I 32 -11.48 -4.85 -21.36
CA SER I 32 -11.49 -3.69 -20.48
C SER I 32 -10.07 -3.24 -20.13
N ILE I 33 -9.15 -4.20 -19.91
CA ILE I 33 -7.78 -3.83 -19.60
C ILE I 33 -7.13 -3.13 -20.79
N LEU I 34 -7.31 -3.68 -21.99
CA LEU I 34 -6.71 -3.06 -23.17
C LEU I 34 -7.30 -1.69 -23.44
N TYR I 35 -8.60 -1.52 -23.21
CA TYR I 35 -9.20 -0.22 -23.44
C TYR I 35 -8.82 0.80 -22.37
N MET I 36 -8.57 0.36 -21.13
CA MET I 36 -8.06 1.31 -20.15
C MET I 36 -6.59 1.64 -20.41
N ILE I 37 -5.85 0.72 -21.03
CA ILE I 37 -4.51 1.06 -21.50
C ILE I 37 -4.58 2.14 -22.57
N ALA I 38 -5.52 1.99 -23.51
CA ALA I 38 -5.73 3.01 -24.52
C ALA I 38 -6.16 4.33 -23.87
N LEU I 39 -7.01 4.25 -22.84
CA LEU I 39 -7.45 5.45 -22.13
C LEU I 39 -6.27 6.15 -21.44
N PHE I 40 -5.36 5.37 -20.87
CA PHE I 40 -4.16 5.95 -20.26
C PHE I 40 -3.29 6.62 -21.32
N VAL I 41 -3.18 6.00 -22.49
CA VAL I 41 -2.43 6.62 -23.59
C VAL I 41 -3.07 7.94 -24.00
N ILE I 42 -4.41 7.96 -24.08
CA ILE I 42 -5.12 9.18 -24.45
C ILE I 42 -4.93 10.25 -23.39
N ALA I 43 -4.95 9.86 -22.11
CA ALA I 43 -4.71 10.81 -21.04
C ALA I 43 -3.29 11.37 -21.10
N ALA I 44 -2.33 10.53 -21.46
CA ALA I 44 -0.96 11.01 -21.63
C ALA I 44 -0.88 12.03 -22.77
N MET I 45 -1.53 11.75 -23.89
CA MET I 45 -1.53 12.71 -24.99
C MET I 45 -2.21 14.01 -24.58
N TYR I 46 -3.32 13.91 -23.84
CA TYR I 46 -4.02 15.11 -23.39
C TYR I 46 -3.15 15.93 -22.45
N LEU I 47 -2.41 15.27 -21.55
CA LEU I 47 -1.51 15.98 -20.66
C LEU I 47 -0.38 16.64 -21.44
N TYR I 48 0.10 15.98 -22.49
CA TYR I 48 1.11 16.58 -23.34
C TYR I 48 0.58 17.83 -24.03
N LEU I 49 -0.68 17.79 -24.46
CA LEU I 49 -1.27 18.94 -25.15
C LEU I 49 -1.30 20.17 -24.25
N ILE I 50 -1.61 19.97 -22.96
CA ILE I 50 -1.64 21.10 -22.03
C ILE I 50 -0.23 21.64 -21.79
N GLY I 51 0.77 20.77 -21.76
CA GLY I 51 2.12 21.19 -21.42
C GLY I 51 2.65 20.46 -20.20
N LEU I 52 2.15 19.24 -19.98
CA LEU I 52 2.59 18.40 -18.87
C LEU I 52 3.18 17.09 -19.40
N GLY I 53 4.07 17.19 -20.40
CA GLY I 53 4.65 16.00 -20.98
C GLY I 53 5.36 15.12 -19.97
N ILE I 54 5.91 15.71 -18.92
CA ILE I 54 6.55 14.92 -17.88
C ILE I 54 5.52 14.08 -17.12
N PHE I 55 4.34 14.64 -16.89
CA PHE I 55 3.28 13.87 -16.25
C PHE I 55 2.76 12.78 -17.17
N SER I 56 2.71 13.04 -18.47
CA SER I 56 2.36 11.99 -19.43
C SER I 56 3.37 10.85 -19.41
N LEU I 57 4.66 11.20 -19.34
CA LEU I 57 5.70 10.17 -19.24
C LEU I 57 5.56 9.39 -17.95
N LEU I 58 5.27 10.06 -16.84
CA LEU I 58 5.06 9.37 -15.57
C LEU I 58 3.86 8.44 -15.64
N TYR I 59 2.78 8.88 -16.30
CA TYR I 59 1.62 8.02 -16.48
C TYR I 59 1.98 6.78 -17.29
N ILE I 60 2.61 6.98 -18.45
CA ILE I 60 2.96 5.85 -19.30
C ILE I 60 3.89 4.89 -18.56
N MET I 61 4.81 5.44 -17.76
CA MET I 61 5.66 4.59 -16.93
C MET I 61 4.83 3.80 -15.92
N ILE I 62 4.24 4.49 -14.94
CA ILE I 62 3.62 3.80 -13.81
C ILE I 62 2.35 3.08 -14.26
N TYR I 63 1.33 3.84 -14.66
CA TYR I 63 0.00 3.27 -14.82
C TYR I 63 -0.03 2.18 -15.87
N ILE I 64 0.88 2.22 -16.83
CA ILE I 64 0.90 1.22 -17.89
C ILE I 64 1.93 0.13 -17.62
N GLY I 65 3.21 0.49 -17.44
CA GLY I 65 4.22 -0.55 -17.33
C GLY I 65 4.23 -1.25 -15.99
N ALA I 66 3.52 -0.71 -14.99
CA ALA I 66 3.39 -1.40 -13.72
C ALA I 66 1.95 -1.78 -13.40
N ILE I 67 1.04 -0.81 -13.34
CA ILE I 67 -0.33 -1.11 -12.91
C ILE I 67 -1.05 -1.96 -13.95
N ALA I 68 -1.02 -1.53 -15.21
CA ALA I 68 -1.70 -2.27 -16.25
C ALA I 68 -1.03 -3.62 -16.49
N VAL I 69 0.29 -3.66 -16.39
CA VAL I 69 1.01 -4.93 -16.53
C VAL I 69 0.58 -5.91 -15.45
N LEU I 70 0.46 -5.43 -14.21
CA LEU I 70 0.03 -6.31 -13.13
C LEU I 70 -1.43 -6.74 -13.29
N PHE I 71 -2.28 -5.83 -13.77
CA PHE I 71 -3.67 -6.19 -14.06
C PHE I 71 -3.72 -7.33 -15.08
N LEU I 72 -3.01 -7.18 -16.20
CA LEU I 72 -3.01 -8.20 -17.24
C LEU I 72 -2.35 -9.49 -16.74
N PHE I 73 -1.31 -9.38 -15.92
CA PHE I 73 -0.67 -10.54 -15.33
C PHE I 73 -1.66 -11.33 -14.47
N ILE I 74 -2.40 -10.62 -13.61
CA ILE I 74 -3.34 -11.28 -12.72
C ILE I 74 -4.46 -11.93 -13.51
N ILE I 75 -4.94 -11.25 -14.56
CA ILE I 75 -5.99 -11.82 -15.39
C ILE I 75 -5.48 -13.04 -16.14
N THR I 76 -4.23 -12.99 -16.62
CA THR I 76 -3.66 -14.15 -17.30
C THR I 76 -3.52 -15.33 -16.35
N LEU I 77 -3.22 -15.07 -15.08
CA LEU I 77 -3.20 -16.15 -14.10
C LEU I 77 -4.56 -16.84 -14.01
N LEU I 78 -5.65 -16.09 -14.22
CA LEU I 78 -7.00 -16.61 -14.15
C LEU I 78 -7.38 -17.44 -15.37
N ASP I 79 -6.60 -17.42 -16.44
CA ASP I 79 -7.01 -18.02 -17.70
C ASP I 79 -6.29 -19.30 -18.06
N ILE I 80 -5.03 -19.48 -17.64
CA ILE I 80 -4.28 -20.65 -18.08
C ILE I 80 -4.91 -21.91 -17.53
N ASN I 81 -5.28 -21.91 -16.25
CA ASN I 81 -6.10 -22.95 -15.65
C ASN I 81 -7.51 -22.36 -15.62
N SER I 82 -8.31 -22.69 -16.62
CA SER I 82 -9.56 -22.00 -16.88
C SER I 82 -10.47 -21.98 -15.65
N THR I 83 -10.67 -20.80 -15.08
CA THR I 83 -11.56 -20.58 -13.93
C THR I 83 -12.47 -19.42 -14.31
N GLU I 84 -13.58 -19.74 -14.96
CA GLU I 84 -14.57 -18.72 -15.29
C GLU I 84 -15.13 -18.10 -14.02
N LEU I 85 -15.21 -16.78 -14.01
CA LEU I 85 -15.73 -16.07 -12.86
C LEU I 85 -17.25 -16.04 -12.91
N SER I 86 -17.88 -16.38 -11.80
CA SER I 86 -19.34 -16.39 -11.72
C SER I 86 -19.90 -14.98 -11.89
N VAL I 87 -20.94 -14.87 -12.70
CA VAL I 87 -21.55 -13.59 -13.04
C VAL I 87 -22.86 -13.49 -12.27
N LYS I 88 -22.86 -12.69 -11.21
CA LYS I 88 -24.06 -12.48 -10.41
C LYS I 88 -24.94 -11.41 -11.06
N SER I 89 -26.22 -11.42 -10.70
CA SER I 89 -27.20 -10.52 -11.30
C SER I 89 -27.22 -9.19 -10.54
N ASN I 90 -27.12 -8.10 -11.29
CA ASN I 90 -27.27 -6.77 -10.72
C ASN I 90 -28.72 -6.31 -10.64
N ILE I 91 -29.66 -7.09 -11.16
CA ILE I 91 -31.07 -6.73 -11.11
C ILE I 91 -31.52 -6.60 -9.66
N ARG I 92 -30.78 -7.23 -8.75
CA ARG I 92 -31.01 -7.04 -7.32
C ARG I 92 -30.84 -5.57 -6.92
N ASP I 93 -29.80 -4.92 -7.45
CA ASP I 93 -29.49 -3.54 -7.12
C ASP I 93 -30.15 -2.53 -8.06
N LEU I 94 -30.70 -2.98 -9.18
CA LEU I 94 -31.41 -2.05 -10.06
C LEU I 94 -32.51 -1.23 -9.38
N PRO I 95 -33.38 -1.79 -8.52
CA PRO I 95 -34.45 -0.95 -7.94
C PRO I 95 -33.93 0.27 -7.17
N LEU I 96 -32.83 0.10 -6.42
CA LEU I 96 -32.28 1.24 -5.70
C LEU I 96 -31.75 2.28 -6.66
N VAL I 97 -31.14 1.85 -7.76
CA VAL I 97 -30.68 2.79 -8.79
C VAL I 97 -31.87 3.54 -9.37
N LEU I 98 -32.97 2.82 -9.65
CA LEU I 98 -34.18 3.48 -10.12
C LEU I 98 -34.62 4.57 -9.17
N ILE I 99 -34.76 4.22 -7.89
CA ILE I 99 -35.28 5.18 -6.91
C ILE I 99 -34.35 6.39 -6.80
N SER I 100 -33.05 6.13 -6.66
CA SER I 100 -32.11 7.24 -6.47
C SER I 100 -32.05 8.13 -7.69
N LEU I 101 -32.08 7.55 -8.89
CA LEU I 101 -31.95 8.36 -10.09
C LEU I 101 -33.22 9.14 -10.39
N ILE I 102 -34.40 8.56 -10.09
CA ILE I 102 -35.63 9.34 -10.17
C ILE I 102 -35.61 10.49 -9.18
N VAL I 103 -35.10 10.24 -7.96
CA VAL I 103 -35.01 11.31 -6.98
C VAL I 103 -34.09 12.43 -7.48
N LEU I 104 -32.94 12.05 -8.07
CA LEU I 104 -32.01 13.04 -8.58
C LEU I 104 -32.62 13.84 -9.74
N THR I 105 -33.33 13.16 -10.64
CA THR I 105 -33.98 13.87 -11.74
C THR I 105 -35.04 14.83 -11.22
N ILE I 106 -35.82 14.40 -10.23
CA ILE I 106 -36.84 15.30 -9.66
C ILE I 106 -36.18 16.49 -8.99
N SER I 107 -35.04 16.26 -8.31
CA SER I 107 -34.31 17.34 -7.67
C SER I 107 -33.80 18.35 -8.70
N GLY I 108 -33.34 17.86 -9.85
CA GLY I 108 -32.98 18.76 -10.92
C GLY I 108 -34.18 19.37 -11.62
N LEU I 109 -35.36 18.80 -11.45
CA LEU I 109 -36.53 19.24 -12.20
C LEU I 109 -37.31 20.33 -11.49
N MET I 110 -37.48 20.25 -10.16
CA MET I 110 -38.34 21.27 -9.57
C MET I 110 -37.69 22.65 -9.57
N ILE I 111 -36.42 22.75 -9.94
CA ILE I 111 -35.76 24.05 -10.04
C ILE I 111 -36.52 24.94 -11.00
N TYR I 112 -36.80 24.43 -12.21
CA TYR I 112 -37.71 25.05 -13.17
C TYR I 112 -37.39 26.53 -13.42
N SER I 113 -38.13 27.41 -12.75
CA SER I 113 -37.93 28.86 -12.96
C SER I 113 -36.54 29.30 -12.54
N ASN I 114 -36.00 28.73 -11.45
CA ASN I 114 -34.67 29.11 -11.02
C ASN I 114 -33.59 28.64 -11.97
N ASP I 115 -33.91 27.73 -12.90
CA ASP I 115 -32.93 27.32 -13.91
C ASP I 115 -32.58 28.47 -14.84
N SER I 116 -33.49 29.44 -15.00
CA SER I 116 -33.23 30.57 -15.87
C SER I 116 -32.07 31.43 -15.36
N ILE I 117 -31.74 31.35 -14.08
CA ILE I 117 -30.63 32.11 -13.51
C ILE I 117 -29.51 31.21 -13.02
N LEU I 118 -29.60 29.90 -13.25
CA LEU I 118 -28.55 28.96 -12.91
C LEU I 118 -28.00 28.21 -14.13
N ILE I 119 -28.85 27.83 -15.08
CA ILE I 119 -28.37 27.16 -16.28
C ILE I 119 -27.51 28.09 -17.11
N ASN I 120 -27.77 29.41 -17.03
CA ASN I 120 -26.94 30.36 -17.76
C ASN I 120 -25.48 30.32 -17.29
N LYS I 121 -25.25 30.03 -16.01
CA LYS I 121 -23.87 29.89 -15.54
C LYS I 121 -23.14 28.83 -16.35
N LEU I 122 -23.75 27.65 -16.50
CA LEU I 122 -23.16 26.62 -17.34
C LEU I 122 -23.13 27.05 -18.80
N LEU I 123 -24.07 27.90 -19.22
CA LEU I 123 -24.10 28.34 -20.61
C LEU I 123 -22.84 29.14 -20.97
N GLU I 124 -22.50 30.15 -20.15
CA GLU I 124 -21.22 30.81 -20.39
C GLU I 124 -20.03 29.96 -19.97
N ALA I 125 -20.22 28.95 -19.13
CA ALA I 125 -19.12 28.03 -18.83
C ALA I 125 -18.72 27.24 -20.07
N PHE I 126 -19.70 26.82 -20.87
CA PHE I 126 -19.41 26.04 -22.08
C PHE I 126 -18.67 26.88 -23.12
N GLY I 127 -19.03 28.15 -23.25
CA GLY I 127 -18.47 29.00 -24.29
C GLY I 127 -16.96 29.08 -24.28
N ASN I 128 -16.40 29.75 -23.28
CA ASN I 128 -14.95 29.91 -23.12
C ASN I 128 -14.31 30.34 -24.44
N ASP I 129 -14.74 31.50 -24.93
CA ASP I 129 -14.34 32.01 -26.24
C ASP I 129 -13.29 33.10 -26.13
N TYR I 130 -12.36 32.94 -25.19
CA TYR I 130 -11.26 33.88 -25.01
C TYR I 130 -9.95 33.11 -24.99
N ASN I 131 -8.92 33.69 -25.62
CA ASN I 131 -7.60 33.08 -25.68
C ASN I 131 -6.70 33.69 -24.61
N THR I 132 -5.97 32.83 -23.90
CA THR I 132 -5.01 33.31 -22.92
C THR I 132 -3.84 34.01 -23.61
N ILE I 133 -3.43 35.15 -23.05
CA ILE I 133 -2.28 35.88 -23.55
C ILE I 133 -1.05 35.39 -22.81
N ILE I 134 -0.01 35.00 -23.55
CA ILE I 134 1.22 34.50 -22.96
C ILE I 134 2.28 35.59 -23.05
N THR I 135 2.71 36.07 -21.90
CA THR I 135 3.73 37.11 -21.81
C THR I 135 5.04 36.51 -21.32
N GLN I 136 6.14 37.14 -21.68
CA GLN I 136 7.47 36.66 -21.34
C GLN I 136 8.15 37.58 -20.35
N ASP I 137 8.96 36.99 -19.48
CA ASP I 137 9.74 37.75 -18.51
C ASP I 137 11.06 37.03 -18.29
N TRP I 138 11.98 37.72 -17.62
CA TRP I 138 13.35 37.24 -17.45
C TRP I 138 13.72 37.12 -15.97
N PHE I 139 12.73 36.92 -15.11
CA PHE I 139 12.97 36.80 -13.68
C PHE I 139 13.52 35.44 -13.28
N ASN I 140 13.55 34.48 -14.20
CA ASN I 140 14.04 33.13 -13.92
C ASN I 140 15.39 32.96 -14.61
N ILE I 141 16.41 32.59 -13.83
CA ILE I 141 17.74 32.35 -14.37
C ILE I 141 18.16 30.89 -14.26
N GLU I 142 17.65 30.15 -13.28
CA GLU I 142 18.01 28.76 -13.09
C GLU I 142 17.20 27.86 -14.02
N ASN I 143 17.85 26.79 -14.49
CA ASN I 143 17.20 25.81 -15.36
C ASN I 143 16.35 24.87 -14.50
N THR I 144 15.22 25.39 -14.06
CA THR I 144 14.31 24.69 -13.16
C THR I 144 13.10 24.20 -13.95
N THR I 145 12.84 22.90 -13.87
CA THR I 145 11.70 22.27 -14.53
C THR I 145 10.63 21.92 -13.50
N LEU I 146 9.57 21.26 -13.98
CA LEU I 146 8.49 20.87 -13.09
C LEU I 146 8.95 19.84 -12.07
N LEU I 147 9.73 18.85 -12.50
CA LEU I 147 10.19 17.81 -11.59
C LEU I 147 11.10 18.39 -10.51
N THR I 148 11.92 19.37 -10.87
CA THR I 148 12.77 20.02 -9.87
C THR I 148 11.94 20.70 -8.80
N THR I 149 10.87 21.39 -9.20
CA THR I 149 10.01 22.05 -8.22
C THR I 149 9.28 21.03 -7.37
N ILE I 150 8.83 19.92 -7.98
CA ILE I 150 8.23 18.83 -7.21
C ILE I 150 9.19 18.32 -6.15
N GLY I 151 10.43 18.05 -6.55
CA GLY I 151 11.41 17.57 -5.59
C GLY I 151 11.68 18.57 -4.49
N ASN I 152 11.81 19.85 -4.85
CA ASN I 152 12.05 20.88 -3.85
C ASN I 152 10.93 20.94 -2.82
N VAL I 153 9.68 21.01 -3.29
CA VAL I 153 8.57 21.14 -2.34
C VAL I 153 8.41 19.87 -1.50
N LEU I 154 8.51 18.69 -2.14
CA LEU I 154 8.31 17.43 -1.44
C LEU I 154 9.45 17.13 -0.47
N LEU I 155 10.64 17.68 -0.68
CA LEU I 155 11.76 17.40 0.21
C LEU I 155 11.97 18.48 1.27
N THR I 156 11.48 19.70 1.06
CA THR I 156 11.64 20.76 2.05
C THR I 156 10.32 21.20 2.65
N ASN I 157 9.36 21.63 1.82
CA ASN I 157 8.13 22.19 2.38
C ASN I 157 7.25 21.10 2.96
N ASN I 158 7.15 19.96 2.28
CA ASN I 158 6.27 18.87 2.67
C ASN I 158 7.06 17.58 2.81
N ALA I 159 8.18 17.64 3.52
CA ALA I 159 8.97 16.44 3.79
C ALA I 159 8.21 15.46 4.68
N PHE I 160 7.35 15.99 5.57
CA PHE I 160 6.52 15.11 6.38
C PHE I 160 5.60 14.27 5.52
N ILE I 161 5.03 14.86 4.47
CA ILE I 161 4.21 14.11 3.53
C ILE I 161 5.05 13.03 2.85
N LEU I 162 6.30 13.34 2.52
CA LEU I 162 7.17 12.33 1.91
C LEU I 162 7.41 11.16 2.85
N LEU I 163 7.63 11.44 4.14
CA LEU I 163 7.83 10.36 5.10
C LEU I 163 6.56 9.54 5.30
N VAL I 164 5.40 10.20 5.32
CA VAL I 164 4.16 9.46 5.49
C VAL I 164 3.87 8.60 4.26
N LEU I 165 4.20 9.09 3.06
CA LEU I 165 4.12 8.23 1.88
C LEU I 165 5.15 7.12 1.90
N ALA I 166 6.30 7.33 2.56
CA ALA I 166 7.22 6.23 2.78
C ALA I 166 6.56 5.15 3.62
N ILE I 167 5.84 5.55 4.66
CA ILE I 167 5.08 4.59 5.47
C ILE I 167 3.98 3.93 4.63
N VAL I 168 3.38 4.68 3.71
CA VAL I 168 2.35 4.10 2.83
C VAL I 168 2.95 3.04 1.92
N LEU I 169 4.11 3.32 1.33
CA LEU I 169 4.80 2.31 0.52
C LEU I 169 5.21 1.12 1.37
N LEU I 170 5.61 1.37 2.62
CA LEU I 170 5.89 0.29 3.56
C LEU I 170 4.65 -0.59 3.75
N LEU I 171 3.50 0.03 3.90
CA LEU I 171 2.25 -0.71 3.99
C LEU I 171 1.98 -1.52 2.73
N GLY I 172 2.23 -0.92 1.57
CA GLY I 172 2.04 -1.62 0.31
C GLY I 172 3.02 -2.75 0.09
N ILE I 173 4.15 -2.72 0.78
CA ILE I 173 5.06 -3.87 0.78
C ILE I 173 4.58 -4.95 1.73
N ILE I 174 4.18 -4.56 2.95
CA ILE I 174 3.87 -5.53 3.99
C ILE I 174 2.57 -6.26 3.69
N GLY I 175 1.53 -5.54 3.25
CA GLY I 175 0.20 -6.08 3.13
C GLY I 175 0.05 -7.26 2.20
N PRO I 176 0.50 -7.11 0.94
CA PRO I 176 0.48 -8.27 0.03
C PRO I 176 1.22 -9.48 0.59
N ILE I 177 2.35 -9.26 1.24
CA ILE I 177 3.07 -10.37 1.87
C ILE I 177 2.22 -10.99 2.97
N SER I 178 1.57 -10.15 3.78
CA SER I 178 0.78 -10.64 4.90
C SER I 178 -0.38 -11.50 4.44
N ILE I 179 -1.09 -11.06 3.39
CA ILE I 179 -2.31 -11.74 2.99
C ILE I 179 -2.11 -12.68 1.80
N THR I 180 -0.89 -12.84 1.32
CA THR I 180 -0.63 -13.72 0.18
C THR I 180 0.06 -15.02 0.55
N MET I 181 0.98 -15.02 1.50
CA MET I 181 1.71 -16.22 1.87
C MET I 181 1.23 -16.77 3.20
N LYS I 182 1.39 -18.07 3.38
CA LYS I 182 1.08 -18.74 4.63
C LYS I 182 2.39 -18.94 5.39
N HIS I 183 2.55 -18.18 6.48
CA HIS I 183 3.80 -18.23 7.24
C HIS I 183 3.94 -19.55 7.97
N LYS I 184 5.12 -20.16 7.84
CA LYS I 184 5.44 -21.44 8.48
C LYS I 184 4.41 -22.51 8.15
N ILE J 2 26.39 -28.30 8.06
CA ILE J 2 27.77 -28.11 8.46
C ILE J 2 27.95 -26.77 9.16
N ASN J 3 27.48 -25.71 8.52
CA ASN J 3 27.63 -24.37 9.05
C ASN J 3 26.33 -23.93 9.73
N ALA J 4 26.47 -23.35 10.93
CA ALA J 4 25.33 -22.87 11.70
C ALA J 4 25.60 -21.45 12.16
N ASN J 5 24.54 -20.65 12.21
CA ASN J 5 24.65 -19.25 12.60
C ASN J 5 25.05 -19.15 14.06
N PRO J 6 26.16 -18.46 14.39
CA PRO J 6 26.56 -18.32 15.80
C PRO J 6 25.78 -17.27 16.56
N GLY J 7 24.95 -16.48 15.89
CA GLY J 7 24.18 -15.44 16.56
C GLY J 7 24.94 -14.14 16.68
N PHE J 8 24.28 -13.04 16.28
CA PHE J 8 24.93 -11.73 16.35
C PHE J 8 25.21 -11.33 17.78
N TRP J 9 24.27 -11.57 18.68
CA TRP J 9 24.40 -11.07 20.05
C TRP J 9 25.41 -11.88 20.85
N ASN J 10 25.62 -13.15 20.49
CA ASN J 10 26.61 -13.95 21.19
C ASN J 10 28.00 -13.37 21.03
N GLY J 11 28.35 -12.96 19.81
CA GLY J 11 29.60 -12.28 19.55
C GLY J 11 29.50 -11.40 18.32
N PRO J 12 29.83 -10.12 18.46
CA PRO J 12 29.71 -9.19 17.32
C PRO J 12 30.72 -9.46 16.22
N PHE J 13 32.00 -9.61 16.58
CA PHE J 13 33.03 -9.78 15.57
C PHE J 13 32.99 -11.18 14.96
N ARG J 14 32.71 -12.20 15.79
CA ARG J 14 32.55 -13.55 15.26
C ARG J 14 31.39 -13.60 14.28
N TYR J 15 30.29 -12.93 14.60
CA TYR J 15 29.17 -12.88 13.67
C TYR J 15 29.50 -12.09 12.42
N LEU J 16 30.31 -11.03 12.56
CA LEU J 16 30.73 -10.27 11.39
C LEU J 16 31.54 -11.13 10.43
N ARG J 17 32.48 -11.91 10.97
CA ARG J 17 33.26 -12.82 10.13
C ARG J 17 32.37 -13.89 9.53
N TRP J 18 31.43 -14.43 10.32
CA TRP J 18 30.52 -15.45 9.80
C TRP J 18 29.68 -14.90 8.65
N SER J 19 29.22 -13.66 8.77
CA SER J 19 28.43 -13.06 7.69
C SER J 19 29.29 -12.79 6.47
N ALA J 20 30.52 -12.33 6.67
CA ALA J 20 31.40 -12.06 5.54
C ALA J 20 31.76 -13.34 4.79
N HIS J 21 31.85 -14.46 5.49
CA HIS J 21 32.29 -15.69 4.85
C HIS J 21 31.16 -16.57 4.36
N ASN J 22 30.00 -16.53 5.03
CA ASN J 22 28.89 -17.41 4.70
C ASN J 22 27.74 -16.75 3.95
N ARG J 23 27.51 -15.46 4.17
CA ARG J 23 26.45 -14.72 3.49
C ARG J 23 27.05 -13.46 2.87
N PRO J 24 27.77 -13.61 1.75
CA PRO J 24 28.47 -12.45 1.19
C PRO J 24 27.54 -11.34 0.72
N HIS J 25 26.46 -11.69 0.02
CA HIS J 25 25.59 -10.67 -0.57
C HIS J 25 24.98 -9.78 0.51
N LEU J 26 24.39 -10.38 1.54
CA LEU J 26 23.74 -9.59 2.59
C LEU J 26 24.76 -8.79 3.38
N PHE J 27 25.92 -9.39 3.69
CA PHE J 27 26.94 -8.70 4.45
C PHE J 27 27.43 -7.47 3.70
N PHE J 28 27.69 -7.61 2.40
CA PHE J 28 28.15 -6.46 1.62
C PHE J 28 27.03 -5.43 1.44
N ALA J 29 25.79 -5.88 1.25
CA ALA J 29 24.68 -4.94 1.16
C ALA J 29 24.62 -4.06 2.39
N PHE J 30 24.65 -4.69 3.58
CA PHE J 30 24.66 -3.90 4.81
C PHE J 30 25.92 -3.04 4.92
N ALA J 31 27.07 -3.57 4.51
CA ALA J 31 28.31 -2.81 4.65
C ALA J 31 28.23 -1.48 3.88
N ILE J 32 27.94 -1.56 2.59
CA ILE J 32 27.84 -0.33 1.80
C ILE J 32 26.65 0.52 2.24
N GLY J 33 25.55 -0.11 2.64
CA GLY J 33 24.39 0.67 3.06
C GLY J 33 24.64 1.49 4.30
N ILE J 34 25.26 0.88 5.32
CA ILE J 34 25.47 1.59 6.58
C ILE J 34 26.73 2.45 6.54
N ALA J 35 27.65 2.19 5.60
CA ALA J 35 28.82 3.04 5.48
C ALA J 35 28.43 4.47 5.14
N GLY J 36 27.46 4.64 4.25
CA GLY J 36 27.10 5.94 3.75
C GLY J 36 26.79 6.97 4.81
N PRO J 37 25.68 6.81 5.53
CA PRO J 37 25.34 7.77 6.59
C PRO J 37 26.39 7.88 7.68
N VAL J 38 26.99 6.75 8.08
CA VAL J 38 27.97 6.77 9.17
C VAL J 38 29.24 7.50 8.72
N ALA J 39 29.74 7.17 7.52
CA ALA J 39 30.92 7.87 7.02
C ALA J 39 30.63 9.34 6.80
N ALA J 40 29.42 9.67 6.36
CA ALA J 40 29.05 11.07 6.22
C ALA J 40 29.15 11.79 7.56
N LEU J 41 28.49 11.24 8.58
CA LEU J 41 28.48 11.89 9.89
C LEU J 41 29.88 12.02 10.47
N THR J 42 30.72 11.00 10.30
CA THR J 42 32.03 10.98 10.93
C THR J 42 33.15 11.54 10.04
N LEU J 43 32.85 11.96 8.81
CA LEU J 43 33.90 12.44 7.93
C LEU J 43 33.63 13.82 7.37
N THR J 44 32.36 14.23 7.26
CA THR J 44 32.06 15.55 6.71
C THR J 44 32.66 16.68 7.54
N PRO J 45 32.55 16.70 8.87
CA PRO J 45 33.28 17.74 9.63
C PRO J 45 34.77 17.67 9.44
N LEU J 46 35.34 16.46 9.36
CA LEU J 46 36.78 16.34 9.12
C LEU J 46 37.16 16.91 7.76
N ARG J 47 36.37 16.60 6.73
CA ARG J 47 36.65 17.15 5.40
C ARG J 47 36.55 18.67 5.41
N ARG J 48 35.52 19.20 6.08
CA ARG J 48 35.36 20.65 6.15
C ARG J 48 36.55 21.29 6.87
N LYS J 49 37.03 20.67 7.94
CA LYS J 49 38.11 21.26 8.71
C LYS J 49 39.45 21.19 7.98
N TYR J 50 39.72 20.08 7.29
CA TYR J 50 41.04 19.84 6.75
C TYR J 50 41.12 19.96 5.23
N LEU J 51 40.26 19.26 4.49
CA LEU J 51 40.43 19.17 3.05
C LEU J 51 40.11 20.49 2.35
N TYR J 52 38.86 20.95 2.44
CA TYR J 52 38.47 22.20 1.81
C TYR J 52 37.13 22.67 2.36
N PRO J 53 36.95 23.98 2.57
CA PRO J 53 35.66 24.48 3.04
C PRO J 53 34.60 24.39 1.95
N ASP J 54 33.35 24.39 2.39
CA ASP J 54 32.23 24.31 1.45
C ASP J 54 32.15 25.57 0.59
N HIS J 55 31.67 25.39 -0.63
CA HIS J 55 31.60 26.48 -1.59
C HIS J 55 30.53 27.50 -1.19
N SER J 56 30.71 28.72 -1.69
CA SER J 56 29.76 29.78 -1.41
C SER J 56 28.42 29.48 -2.09
N PRO J 57 27.30 29.85 -1.47
CA PRO J 57 26.00 29.57 -2.08
C PRO J 57 25.83 30.26 -3.42
N LEU J 58 25.22 29.55 -4.37
CA LEU J 58 24.96 30.11 -5.69
C LEU J 58 23.73 30.99 -5.65
N PRO J 59 23.66 32.00 -6.52
CA PRO J 59 22.47 32.84 -6.57
C PRO J 59 21.26 32.08 -7.10
N GLN J 60 20.09 32.45 -6.59
CA GLN J 60 18.82 31.91 -7.06
C GLN J 60 17.98 32.93 -7.80
N SER J 61 18.20 34.22 -7.55
CA SER J 61 17.55 35.32 -8.25
C SER J 61 18.49 36.50 -8.16
N TYR J 62 18.00 37.68 -8.54
CA TYR J 62 18.83 38.87 -8.45
C TYR J 62 19.04 39.23 -6.98
N PRO J 63 20.27 39.58 -6.58
CA PRO J 63 20.50 40.05 -5.21
C PRO J 63 20.01 41.48 -5.05
N LEU J 64 18.89 41.64 -4.34
CA LEU J 64 18.29 42.95 -4.14
C LEU J 64 19.00 43.69 -3.03
N PRO J 65 19.57 44.87 -3.29
CA PRO J 65 20.18 45.65 -2.19
C PRO J 65 19.14 46.07 -1.17
N GLN J 66 19.56 46.11 0.10
CA GLN J 66 18.69 46.52 1.20
C GLN J 66 19.02 47.97 1.55
N ARG J 67 18.46 48.88 0.76
CA ARG J 67 18.70 50.31 0.93
C ARG J 67 17.62 51.09 0.20
N ALA J 68 17.62 52.40 0.43
CA ALA J 68 16.69 53.29 -0.24
C ALA J 68 17.24 53.69 -1.61
N ARG J 69 16.37 54.30 -2.42
CA ARG J 69 16.75 54.72 -3.76
C ARG J 69 17.61 55.97 -3.69
N GLU J 70 18.85 55.88 -4.18
CA GLU J 70 19.73 57.03 -4.24
C GLU J 70 19.48 57.84 -5.51
N GLN J 71 19.82 59.12 -5.45
CA GLN J 71 19.65 60.02 -6.59
C GLN J 71 20.85 59.87 -7.52
N LEU J 72 20.59 59.49 -8.77
CA LEU J 72 21.63 59.30 -9.75
C LEU J 72 21.44 60.26 -10.92
N THR J 73 22.57 60.62 -11.55
CA THR J 73 22.57 61.54 -12.68
C THR J 73 23.30 60.90 -13.84
N GLY J 74 22.73 61.04 -15.04
CA GLY J 74 23.34 60.49 -16.24
C GLY J 74 22.34 59.72 -17.08
N PHE J 75 22.55 59.73 -18.39
CA PHE J 75 21.67 59.04 -19.34
C PHE J 75 20.22 59.48 -19.19
N ASP J 76 20.01 60.79 -19.03
CA ASP J 76 18.67 61.33 -18.89
C ASP J 76 18.06 61.56 -20.27
N ASP J 77 16.77 61.91 -20.27
CA ASP J 77 16.04 62.17 -21.50
C ASP J 77 16.52 63.46 -22.16
N ALA K 2 -10.71 16.89 49.55
CA ALA K 2 -9.45 16.68 50.25
C ALA K 2 -8.61 15.61 49.56
N LEU K 3 -7.29 15.73 49.67
CA LEU K 3 -6.39 14.74 49.07
C LEU K 3 -6.60 13.36 49.67
N PHE K 4 -6.74 13.29 51.01
CA PHE K 4 -6.93 12.00 51.67
C PHE K 4 -8.23 11.35 51.22
N THR K 5 -9.31 12.14 51.11
CA THR K 5 -10.58 11.59 50.65
C THR K 5 -10.49 11.09 49.21
N SER K 6 -9.79 11.83 48.34
CA SER K 6 -9.61 11.40 46.96
C SER K 6 -8.82 10.10 46.90
N LEU K 7 -7.75 9.99 47.69
CA LEU K 7 -6.98 8.75 47.72
C LEU K 7 -7.82 7.59 48.23
N VAL K 8 -8.63 7.83 49.25
CA VAL K 8 -9.49 6.77 49.78
C VAL K 8 -10.49 6.32 48.72
N GLY K 9 -11.10 7.27 48.01
CA GLY K 9 -12.03 6.90 46.96
C GLY K 9 -11.39 6.13 45.83
N ALA K 10 -10.19 6.56 45.41
CA ALA K 10 -9.49 5.84 44.35
C ALA K 10 -9.10 4.43 44.79
N SER K 11 -8.63 4.29 46.03
CA SER K 11 -8.28 2.97 46.54
C SER K 11 -9.52 2.08 46.63
N GLY K 12 -10.65 2.66 47.04
CA GLY K 12 -11.88 1.89 47.08
C GLY K 12 -12.34 1.45 45.70
N LEU K 13 -12.15 2.31 44.70
CA LEU K 13 -12.47 1.92 43.33
C LEU K 13 -11.55 0.79 42.86
N GLY K 14 -10.27 0.85 43.24
CA GLY K 14 -9.37 -0.26 42.92
C GLY K 14 -9.79 -1.56 43.60
N PHE K 15 -10.20 -1.48 44.86
CA PHE K 15 -10.69 -2.66 45.57
C PHE K 15 -11.95 -3.21 44.90
N ALA K 16 -12.85 -2.33 44.47
CA ALA K 16 -14.05 -2.76 43.78
C ALA K 16 -13.70 -3.44 42.45
N THR K 17 -12.73 -2.89 41.73
CA THR K 17 -12.28 -3.51 40.49
C THR K 17 -11.71 -4.90 40.74
N LYS K 18 -10.89 -5.04 41.79
CA LYS K 18 -10.33 -6.35 42.12
C LYS K 18 -11.42 -7.34 42.51
N PHE K 19 -12.39 -6.90 43.30
CA PHE K 19 -13.49 -7.76 43.70
C PHE K 19 -14.30 -8.19 42.48
N LEU K 20 -14.58 -7.27 41.57
CA LEU K 20 -15.34 -7.59 40.37
C LEU K 20 -14.57 -8.56 39.49
N SER K 21 -13.24 -8.38 39.38
CA SER K 21 -12.43 -9.33 38.61
C SER K 21 -12.47 -10.71 39.23
N ASN K 22 -12.39 -10.80 40.56
CA ASN K 22 -12.46 -12.09 41.23
C ASN K 22 -13.81 -12.76 40.99
N LYS K 23 -14.90 -11.99 41.07
CA LYS K 23 -16.22 -12.58 40.90
C LYS K 23 -16.49 -12.96 39.45
N ILE K 24 -15.93 -12.22 38.49
CA ILE K 24 -16.09 -12.56 37.08
C ILE K 24 -15.42 -13.90 36.79
N ARG K 25 -14.24 -14.12 37.33
CA ARG K 25 -13.50 -15.37 37.16
C ARG K 25 -14.10 -16.54 37.91
N LEU K 26 -15.27 -16.37 38.53
CA LEU K 26 -15.90 -17.41 39.35
C LEU K 26 -14.96 -17.86 40.46
N LYS K 27 -14.45 -16.90 41.21
CA LYS K 27 -13.51 -17.14 42.29
C LYS K 27 -13.98 -16.43 43.55
N PRO K 28 -13.59 -16.93 44.73
CA PRO K 28 -14.06 -16.30 45.98
C PRO K 28 -13.58 -14.87 46.10
N ALA K 29 -14.32 -14.09 46.90
CA ALA K 29 -13.99 -12.68 47.05
C ALA K 29 -12.60 -12.48 47.63
N GLY K 30 -12.24 -13.27 48.63
CA GLY K 30 -10.89 -13.23 49.18
C GLY K 30 -9.97 -14.21 48.51
N TYR K 31 -9.72 -14.01 47.21
CA TYR K 31 -8.92 -14.96 46.46
C TYR K 31 -7.43 -14.65 46.54
N TYR K 32 -7.03 -13.45 46.11
CA TYR K 32 -5.62 -13.04 46.09
C TYR K 32 -5.53 -11.67 46.74
N PRO K 33 -5.52 -11.60 48.08
CA PRO K 33 -5.53 -10.29 48.74
C PRO K 33 -4.35 -9.41 48.38
N LEU K 34 -3.20 -9.99 48.08
CA LEU K 34 -2.09 -9.19 47.58
C LEU K 34 -2.47 -8.49 46.28
N GLY K 35 -3.31 -9.13 45.46
CA GLY K 35 -3.87 -8.46 44.30
C GLY K 35 -4.77 -7.31 44.66
N TYR K 36 -5.52 -7.44 45.76
CA TYR K 36 -6.30 -6.31 46.26
C TYR K 36 -5.38 -5.14 46.60
N VAL K 37 -4.26 -5.44 47.26
CA VAL K 37 -3.31 -4.38 47.63
C VAL K 37 -2.74 -3.73 46.38
N PHE K 38 -2.34 -4.52 45.39
CA PHE K 38 -1.77 -3.97 44.16
C PHE K 38 -2.78 -3.09 43.44
N SER K 39 -4.02 -3.57 43.29
CA SER K 39 -5.05 -2.81 42.60
C SER K 39 -5.36 -1.51 43.33
N GLY K 40 -5.47 -1.57 44.66
CA GLY K 40 -5.72 -0.37 45.43
C GLY K 40 -4.60 0.64 45.30
N VAL K 41 -3.34 0.18 45.36
CA VAL K 41 -2.21 1.08 45.23
C VAL K 41 -2.21 1.75 43.86
N ALA K 42 -2.44 0.96 42.80
CA ALA K 42 -2.42 1.52 41.45
C ALA K 42 -3.52 2.55 41.25
N TRP K 43 -4.75 2.19 41.65
CA TRP K 43 -5.85 3.13 41.45
C TRP K 43 -5.71 4.36 42.34
N ALA K 44 -5.17 4.20 43.55
CA ALA K 44 -4.90 5.36 44.40
C ALA K 44 -3.85 6.26 43.78
N GLY K 45 -2.83 5.68 43.14
CA GLY K 45 -1.84 6.51 42.45
C GLY K 45 -2.46 7.28 41.30
N LEU K 46 -3.32 6.63 40.51
CA LEU K 46 -4.01 7.34 39.44
C LEU K 46 -4.89 8.45 39.99
N GLY K 47 -5.59 8.19 41.10
CA GLY K 47 -6.39 9.22 41.73
C GLY K 47 -5.54 10.39 42.23
N LEU K 48 -4.36 10.09 42.77
CA LEU K 48 -3.45 11.14 43.20
C LEU K 48 -3.00 11.99 42.03
N VAL K 49 -2.67 11.36 40.91
CA VAL K 49 -2.26 12.11 39.72
C VAL K 49 -3.39 13.01 39.25
N LEU K 50 -4.61 12.47 39.21
CA LEU K 50 -5.75 13.26 38.75
C LEU K 50 -6.04 14.42 39.72
N HIS K 51 -5.90 14.17 41.02
CA HIS K 51 -6.10 15.24 42.01
C HIS K 51 -5.04 16.33 41.86
N ASN K 52 -3.79 15.94 41.59
CA ASN K 52 -2.75 16.94 41.35
C ASN K 52 -3.07 17.76 40.10
N VAL K 53 -3.57 17.11 39.05
CA VAL K 53 -3.97 17.84 37.85
C VAL K 53 -5.09 18.81 38.18
N HIS K 54 -6.06 18.39 38.99
CA HIS K 54 -7.16 19.26 39.38
C HIS K 54 -6.66 20.46 40.19
N GLN K 55 -5.72 20.22 41.11
CA GLN K 55 -5.18 21.32 41.91
C GLN K 55 -4.43 22.31 41.03
N HIS K 56 -3.63 21.80 40.08
CA HIS K 56 -2.95 22.70 39.15
C HIS K 56 -3.95 23.47 38.30
N SER K 57 -5.05 22.82 37.90
CA SER K 57 -6.07 23.50 37.12
C SER K 57 -6.68 24.66 37.90
N LEU K 58 -6.99 24.43 39.17
CA LEU K 58 -7.54 25.50 40.00
C LEU K 58 -6.52 26.60 40.21
N GLU K 59 -5.24 26.24 40.39
CA GLU K 59 -4.20 27.25 40.54
C GLU K 59 -4.10 28.13 39.29
N VAL K 60 -4.15 27.50 38.11
CA VAL K 60 -4.09 28.26 36.86
C VAL K 60 -5.32 29.15 36.73
N LEU K 61 -6.49 28.63 37.12
CA LEU K 61 -7.70 29.45 37.05
C LEU K 61 -7.60 30.67 37.95
N GLU K 62 -7.05 30.49 39.15
CA GLU K 62 -6.96 31.61 40.09
C GLU K 62 -5.85 32.59 39.74
N LYS K 63 -4.78 32.13 39.11
CA LYS K 63 -3.62 32.99 38.87
C LYS K 63 -3.90 34.14 37.92
N LYS K 64 -4.86 33.99 37.00
CA LYS K 64 -5.15 35.05 36.03
C LYS K 64 -6.20 36.02 36.56
N LYS K 65 -5.97 36.55 37.76
CA LYS K 65 -6.89 37.50 38.38
C LYS K 65 -6.13 38.56 39.16
N THR L 2 4.14 24.02 4.07
CA THR L 2 3.15 24.11 2.99
C THR L 2 3.80 24.53 1.68
N ALA L 3 3.18 24.16 0.57
CA ALA L 3 3.66 24.49 -0.76
C ALA L 3 2.86 25.62 -1.41
N ALA L 4 2.00 26.29 -0.65
CA ALA L 4 1.20 27.38 -1.21
C ALA L 4 2.09 28.56 -1.59
N GLY L 5 1.73 29.22 -2.69
CA GLY L 5 2.47 30.37 -3.17
C GLY L 5 3.67 30.06 -4.03
N ILE L 6 3.85 28.82 -4.46
CA ILE L 6 4.97 28.41 -5.28
C ILE L 6 4.44 28.01 -6.65
N SER L 7 5.05 28.55 -7.71
CA SER L 7 4.59 28.33 -9.07
C SER L 7 5.11 26.97 -9.57
N LEU L 8 4.91 26.70 -10.86
CA LEU L 8 5.37 25.46 -11.46
C LEU L 8 6.84 25.48 -11.80
N THR L 9 7.51 26.62 -11.65
CA THR L 9 8.93 26.74 -11.91
C THR L 9 9.73 27.06 -10.66
N GLY L 10 9.14 26.89 -9.48
CA GLY L 10 9.81 27.19 -8.23
C GLY L 10 9.72 28.63 -7.78
N GLY L 11 9.08 29.49 -8.57
CA GLY L 11 8.94 30.90 -8.24
C GLY L 11 7.60 31.22 -7.63
N ARG L 12 7.20 32.48 -7.76
CA ARG L 12 5.95 32.98 -7.21
C ARG L 12 4.84 32.77 -8.23
N ASN L 13 3.71 32.24 -7.77
CA ASN L 13 2.64 31.83 -8.68
C ASN L 13 1.96 33.06 -9.28
N ARG L 14 0.97 32.80 -10.14
CA ARG L 14 0.30 33.86 -10.88
C ARG L 14 -0.40 34.85 -9.95
N CYS L 15 -1.07 34.34 -8.92
CA CYS L 15 -1.83 35.17 -7.99
C CYS L 15 -1.11 35.36 -6.67
N PHE L 16 0.23 35.49 -6.71
CA PHE L 16 0.98 35.71 -5.48
C PHE L 16 0.68 37.09 -4.89
N SER L 17 0.64 38.12 -5.74
CA SER L 17 0.46 39.48 -5.24
C SER L 17 -0.91 39.67 -4.60
N GLU L 18 -1.96 39.18 -5.25
CA GLU L 18 -3.31 39.33 -4.71
C GLU L 18 -3.46 38.59 -3.38
N TRP L 19 -2.94 37.37 -3.31
CA TRP L 19 -3.02 36.59 -2.08
C TRP L 19 -2.20 37.25 -0.97
N GLN L 20 -1.03 37.78 -1.32
CA GLN L 20 -0.20 38.47 -0.32
C GLN L 20 -0.91 39.71 0.22
N SER L 21 -1.53 40.49 -0.66
CA SER L 21 -2.25 41.67 -0.22
C SER L 21 -3.45 41.28 0.65
N PHE L 22 -4.17 40.22 0.26
CA PHE L 22 -5.31 39.79 1.04
C PHE L 22 -4.90 39.31 2.43
N MET L 23 -3.83 38.53 2.52
CA MET L 23 -3.42 38.04 3.82
C MET L 23 -2.84 39.16 4.68
N HIS L 24 -2.16 40.14 4.07
CA HIS L 24 -1.72 41.30 4.82
C HIS L 24 -2.91 42.08 5.37
N CYS L 25 -3.95 42.24 4.56
CA CYS L 25 -5.15 42.93 5.03
C CYS L 25 -5.81 42.17 6.19
N THR L 26 -5.90 40.84 6.06
CA THR L 26 -6.49 40.06 7.15
C THR L 26 -5.66 40.16 8.42
N ALA L 27 -4.33 40.12 8.30
CA ALA L 27 -3.46 40.23 9.47
C ALA L 27 -3.59 41.60 10.12
N LYS L 28 -3.67 42.66 9.33
CA LYS L 28 -3.75 44.01 9.90
C LYS L 28 -5.12 44.32 10.49
N THR L 29 -6.14 43.52 10.17
CA THR L 29 -7.49 43.71 10.68
C THR L 29 -7.85 42.57 11.64
N ASP L 30 -9.07 42.63 12.15
CA ASP L 30 -9.59 41.63 13.07
C ASP L 30 -10.85 40.99 12.47
N ALA L 31 -11.49 40.13 13.26
CA ALA L 31 -12.69 39.45 12.80
C ALA L 31 -13.83 40.44 12.55
N LYS L 32 -14.01 41.40 13.45
CA LYS L 32 -15.08 42.38 13.28
C LYS L 32 -14.82 43.26 12.07
N SER L 33 -13.56 43.67 11.86
CA SER L 33 -13.19 44.53 10.74
C SER L 33 -12.75 43.74 9.52
N ARG L 34 -12.98 42.42 9.51
CA ARG L 34 -12.60 41.61 8.36
C ARG L 34 -13.36 42.01 7.10
N ALA L 35 -14.57 42.57 7.26
CA ALA L 35 -15.36 42.96 6.11
C ALA L 35 -14.70 44.05 5.28
N GLN L 36 -13.76 44.80 5.86
CA GLN L 36 -13.06 45.85 5.12
C GLN L 36 -12.16 45.29 4.04
N CYS L 37 -11.73 44.03 4.17
CA CYS L 37 -10.80 43.41 3.22
C CYS L 37 -11.52 42.70 2.09
N LEU L 38 -12.78 43.02 1.83
CA LEU L 38 -13.51 42.42 0.72
C LEU L 38 -12.87 42.69 -0.64
N PRO L 39 -12.43 43.92 -0.97
CA PRO L 39 -11.82 44.12 -2.29
C PRO L 39 -10.59 43.26 -2.54
N ASN L 40 -9.79 42.99 -1.51
CA ASN L 40 -8.61 42.15 -1.70
C ASN L 40 -9.01 40.74 -2.10
N PHE L 41 -10.00 40.17 -1.42
CA PHE L 41 -10.47 38.83 -1.78
C PHE L 41 -11.13 38.83 -3.15
N GLU L 42 -11.85 39.89 -3.50
CA GLU L 42 -12.45 39.98 -4.82
C GLU L 42 -11.37 40.01 -5.90
N ASP L 43 -10.29 40.76 -5.67
CA ASP L 43 -9.19 40.79 -6.62
C ASP L 43 -8.48 39.44 -6.71
N TYR L 44 -8.34 38.74 -5.59
CA TYR L 44 -7.74 37.40 -5.62
C TYR L 44 -8.58 36.45 -6.45
N MET L 45 -9.91 36.48 -6.25
CA MET L 45 -10.79 35.62 -7.04
C MET L 45 -10.77 36.02 -8.51
N GLU L 46 -10.66 37.32 -8.80
CA GLU L 46 -10.53 37.77 -10.18
C GLU L 46 -9.25 37.23 -10.82
N CYS L 47 -8.14 37.27 -10.08
CA CYS L 47 -6.90 36.70 -10.59
C CYS L 47 -7.03 35.19 -10.78
N LEU L 48 -7.83 34.52 -9.95
CA LEU L 48 -8.01 33.09 -10.11
C LEU L 48 -8.83 32.76 -11.34
N HIS L 49 -9.95 33.45 -11.55
CA HIS L 49 -10.92 33.04 -12.56
C HIS L 49 -11.26 34.10 -13.61
N HIS L 50 -11.03 35.39 -13.34
CA HIS L 50 -11.27 36.45 -14.31
C HIS L 50 -12.72 36.48 -14.78
N THR L 51 -13.65 36.38 -13.83
CA THR L 51 -15.07 36.42 -14.17
C THR L 51 -15.48 37.81 -14.66
N LYS L 52 -15.09 38.86 -13.94
CA LYS L 52 -15.42 40.21 -14.36
C LYS L 52 -14.74 40.57 -15.67
N GLU L 53 -13.49 40.14 -15.85
CA GLU L 53 -12.80 40.35 -17.12
C GLU L 53 -13.54 39.65 -18.25
N LYS L 54 -14.00 38.42 -18.01
CA LYS L 54 -14.76 37.70 -19.03
C LYS L 54 -16.06 38.42 -19.37
N ALA L 55 -16.75 38.95 -18.37
CA ALA L 55 -17.99 39.68 -18.63
C ALA L 55 -17.73 40.95 -19.43
N ARG L 56 -16.67 41.68 -19.08
CA ARG L 56 -16.34 42.89 -19.83
C ARG L 56 -15.98 42.56 -21.27
N LEU L 57 -15.19 41.50 -21.48
CA LEU L 57 -14.85 41.10 -22.85
C LEU L 57 -16.09 40.66 -23.62
N ARG L 58 -17.02 39.99 -22.94
CA ARG L 58 -18.26 39.58 -23.60
C ARG L 58 -19.07 40.79 -24.03
N GLU L 59 -19.17 41.80 -23.17
CA GLU L 59 -19.88 43.03 -23.53
C GLU L 59 -19.20 43.72 -24.72
N ILE L 60 -17.86 43.79 -24.70
CA ILE L 60 -17.14 44.42 -25.79
C ILE L 60 -17.37 43.68 -27.10
N GLU L 61 -17.32 42.35 -27.05
CA GLU L 61 -17.53 41.55 -28.26
C GLU L 61 -18.96 41.70 -28.77
N SER L 62 -19.93 41.74 -27.86
CA SER L 62 -21.32 41.94 -28.27
C SER L 62 -21.51 43.30 -28.95
N VAL L 63 -20.86 44.34 -28.41
CA VAL L 63 -20.92 45.64 -29.04
C VAL L 63 -20.26 45.61 -30.42
N LEU L 64 -19.11 44.95 -30.52
CA LEU L 64 -18.38 44.90 -31.79
C LEU L 64 -19.16 44.15 -32.87
N LYS L 65 -19.77 43.03 -32.52
CA LYS L 65 -20.44 42.19 -33.52
C LYS L 65 -21.74 42.79 -34.03
N GLN L 66 -22.24 43.84 -33.39
CA GLN L 66 -23.47 44.51 -33.83
C GLN L 66 -23.19 45.83 -34.54
N LYS L 67 -22.00 45.98 -35.12
CA LYS L 67 -21.60 47.21 -35.79
C LYS L 67 -21.18 46.89 -37.22
N LYS L 68 -21.58 47.74 -38.16
CA LYS L 68 -21.24 47.59 -39.57
C LYS L 68 -20.21 48.60 -40.05
N GLU L 69 -20.11 49.76 -39.42
CA GLU L 69 -19.16 50.77 -39.86
C GLU L 69 -17.73 50.34 -39.54
N GLY L 70 -16.80 50.83 -40.35
CA GLY L 70 -15.41 50.49 -40.17
C GLY L 70 -14.80 51.16 -38.94
N LEU L 71 -13.62 50.65 -38.56
CA LEU L 71 -12.90 51.14 -37.40
C LEU L 71 -11.62 51.82 -37.86
N GLU L 72 -11.41 53.05 -37.40
CA GLU L 72 -10.21 53.82 -37.72
C GLU L 72 -9.30 53.81 -36.49
N ALA L 73 -8.53 52.73 -36.37
CA ALA L 73 -7.60 52.54 -35.25
C ALA L 73 -6.67 51.40 -35.61
N PRO L 74 -5.41 51.46 -35.18
CA PRO L 74 -4.46 50.38 -35.51
C PRO L 74 -4.91 49.05 -34.93
N PRO L 75 -5.24 48.08 -35.79
CA PRO L 75 -5.68 46.78 -35.28
C PRO L 75 -4.52 45.84 -35.00
N VAL L 76 -4.82 44.61 -34.61
CA VAL L 76 -3.81 43.61 -34.26
C VAL L 76 -3.65 42.67 -35.44
N LYS L 77 -2.40 42.49 -35.88
CA LYS L 77 -2.06 41.65 -37.01
C LYS L 77 -1.50 40.32 -36.53
N VAL L 78 -1.94 39.23 -37.12
CA VAL L 78 -1.49 37.88 -36.78
C VAL L 78 -0.53 37.41 -37.86
N ILE L 79 0.62 36.89 -37.44
CA ILE L 79 1.65 36.42 -38.36
C ILE L 79 2.03 34.99 -38.01
N PRO L 80 2.50 34.19 -38.98
CA PRO L 80 2.94 32.83 -38.66
C PRO L 80 4.23 32.85 -37.85
N VAL L 81 4.48 31.72 -37.18
CA VAL L 81 5.69 31.59 -36.36
C VAL L 81 6.94 31.68 -37.22
N LYS L 82 6.86 31.25 -38.48
CA LYS L 82 8.02 31.35 -39.37
C LYS L 82 8.27 32.79 -39.80
N ALA L 83 7.23 33.63 -39.78
CA ALA L 83 7.34 35.02 -40.22
C ALA L 83 7.60 35.98 -39.06
N ILE L 84 8.23 35.51 -37.99
CA ILE L 84 8.53 36.37 -36.84
C ILE L 84 9.76 37.21 -37.17
N GLY L 85 9.60 38.53 -37.17
CA GLY L 85 10.69 39.44 -37.44
C GLY L 85 11.00 39.67 -38.90
N LEU L 86 10.28 39.02 -39.82
CA LEU L 86 10.54 39.19 -41.23
C LEU L 86 10.12 40.58 -41.70
N VAL L 87 10.71 41.01 -42.82
CA VAL L 87 10.46 42.32 -43.42
C VAL L 87 10.74 43.43 -42.42
N ILE M 508 25.31 -56.82 -13.69
CA ILE M 508 26.17 -57.68 -12.88
C ILE M 508 25.40 -58.93 -12.48
N PRO M 509 26.12 -60.01 -12.18
CA PRO M 509 25.45 -61.23 -11.69
C PRO M 509 24.69 -60.96 -10.40
N TYR M 510 23.55 -61.64 -10.26
CA TYR M 510 22.68 -61.41 -9.11
C TYR M 510 23.37 -61.78 -7.80
N SER M 511 24.13 -62.88 -7.80
CA SER M 511 24.73 -63.36 -6.55
C SER M 511 25.73 -62.35 -5.99
N ALA M 512 26.54 -61.73 -6.86
CA ALA M 512 27.46 -60.70 -6.41
C ALA M 512 26.72 -59.49 -5.86
N GLU M 513 25.60 -59.13 -6.51
CA GLU M 513 24.84 -57.96 -6.10
C GLU M 513 24.32 -58.08 -4.67
N THR M 514 24.12 -59.30 -4.19
CA THR M 514 23.67 -59.50 -2.81
C THR M 514 24.70 -58.98 -1.82
N ALA M 515 25.96 -59.39 -1.99
CA ALA M 515 27.02 -58.95 -1.09
C ALA M 515 27.44 -57.52 -1.37
N ILE M 516 27.35 -57.09 -2.64
CA ILE M 516 27.73 -55.73 -2.99
C ILE M 516 26.81 -54.72 -2.30
N ALA M 517 25.50 -54.93 -2.41
CA ALA M 517 24.55 -54.02 -1.78
C ALA M 517 24.62 -54.12 -0.26
N GLN M 518 24.81 -55.32 0.27
CA GLN M 518 24.86 -55.50 1.71
C GLN M 518 26.02 -54.72 2.34
N ASN M 519 27.12 -54.58 1.59
CA ASN M 519 28.27 -53.85 2.11
C ASN M 519 28.03 -52.35 2.11
N VAL M 520 27.23 -51.85 1.17
CA VAL M 520 27.06 -50.41 1.01
C VAL M 520 26.26 -49.82 2.18
N LEU M 521 25.15 -50.45 2.54
CA LEU M 521 24.22 -49.87 3.51
C LEU M 521 24.58 -50.22 4.95
N GLN M 522 24.61 -51.52 5.28
CA GLN M 522 24.76 -51.92 6.67
C GLN M 522 26.16 -51.64 7.22
N ARG M 523 27.17 -51.53 6.35
CA ARG M 523 28.53 -51.36 6.79
C ARG M 523 29.05 -49.94 6.65
N HIS M 524 28.62 -49.21 5.62
CA HIS M 524 29.06 -47.84 5.41
C HIS M 524 27.97 -46.80 5.54
N SER M 525 26.72 -47.14 5.23
CA SER M 525 25.62 -46.20 5.18
C SER M 525 25.92 -45.02 4.26
N ASP M 526 26.56 -45.29 3.12
CA ASP M 526 26.87 -44.27 2.12
C ASP M 526 25.64 -44.12 1.23
N THR M 527 24.71 -43.27 1.68
CA THR M 527 23.44 -43.12 0.98
C THR M 527 23.63 -42.54 -0.42
N ALA M 528 24.54 -41.59 -0.57
CA ALA M 528 24.80 -41.00 -1.88
C ALA M 528 25.33 -42.05 -2.86
N ASN M 529 26.26 -42.90 -2.40
CA ASN M 529 26.77 -43.96 -3.25
C ASN M 529 25.70 -45.00 -3.55
N PHE M 530 24.80 -45.24 -2.60
CA PHE M 530 23.79 -46.27 -2.77
C PHE M 530 22.82 -45.94 -3.89
N TYR M 531 22.46 -44.67 -4.03
CA TYR M 531 21.53 -44.27 -5.08
C TYR M 531 22.15 -44.41 -6.47
N THR M 532 23.45 -44.15 -6.58
CA THR M 532 24.09 -44.18 -7.90
C THR M 532 24.23 -45.59 -8.44
N PHE M 533 24.39 -46.58 -7.56
CA PHE M 533 24.69 -47.94 -8.00
C PHE M 533 23.56 -48.52 -8.83
N MET M 534 22.31 -48.31 -8.41
CA MET M 534 21.19 -48.98 -9.06
C MET M 534 20.84 -48.34 -10.39
N ASN M 535 21.17 -47.06 -10.58
CA ASN M 535 20.93 -46.43 -11.87
C ASN M 535 21.85 -46.96 -12.94
N ARG M 536 22.86 -47.76 -12.57
CA ARG M 536 23.72 -48.41 -13.54
C ARG M 536 23.27 -49.84 -13.84
N GLN M 537 22.68 -50.53 -12.87
CA GLN M 537 22.26 -51.91 -13.06
C GLN M 537 20.92 -51.98 -13.78
N TYR M 538 19.89 -51.39 -13.19
CA TYR M 538 18.56 -51.35 -13.80
C TYR M 538 18.43 -50.15 -14.73
N GLY M 539 18.67 -48.95 -14.20
CA GLY M 539 18.88 -47.78 -15.03
C GLY M 539 17.68 -46.87 -15.19
N ASN M 540 17.65 -45.79 -14.41
CA ASN M 540 16.67 -44.71 -14.52
C ASN M 540 15.26 -45.26 -14.75
N THR M 541 14.78 -45.98 -13.74
CA THR M 541 13.53 -46.73 -13.82
C THR M 541 12.36 -45.87 -14.32
N ALA M 542 12.50 -44.55 -14.33
CA ALA M 542 11.54 -43.70 -15.01
C ALA M 542 11.49 -43.99 -16.50
N ASP M 543 12.51 -44.66 -17.05
CA ASP M 543 12.45 -45.15 -18.42
C ASP M 543 11.40 -46.23 -18.62
N LYS M 544 10.87 -46.79 -17.53
CA LYS M 544 9.76 -47.74 -17.53
C LYS M 544 10.10 -49.06 -18.22
N VAL M 545 11.36 -49.48 -18.22
CA VAL M 545 11.72 -50.71 -18.91
C VAL M 545 11.78 -51.89 -17.95
N THR M 546 12.06 -51.65 -16.67
CA THR M 546 12.21 -52.72 -15.70
C THR M 546 11.43 -52.41 -14.42
N LYS M 547 10.81 -53.44 -13.85
CA LYS M 547 10.16 -53.37 -12.56
C LYS M 547 10.50 -54.60 -11.72
N GLN M 548 11.80 -54.89 -11.61
CA GLN M 548 12.31 -56.13 -11.03
C GLN M 548 11.50 -56.60 -9.83
N ASP M 549 11.06 -57.86 -9.89
CA ASP M 549 10.20 -58.44 -8.87
C ASP M 549 11.02 -58.89 -7.67
N PRO M 550 10.69 -58.45 -6.46
CA PRO M 550 11.36 -59.01 -5.27
C PRO M 550 11.18 -60.51 -5.13
N GLN M 551 10.05 -61.06 -5.57
CA GLN M 551 9.83 -62.50 -5.44
C GLN M 551 10.86 -63.30 -6.24
N ILE M 552 11.33 -62.76 -7.36
CA ILE M 552 12.35 -63.45 -8.14
C ILE M 552 13.65 -63.57 -7.35
N ARG M 553 14.07 -62.49 -6.71
CA ARG M 553 15.29 -62.48 -5.89
C ARG M 553 15.16 -61.39 -4.84
N PRO M 554 14.74 -61.74 -3.61
CA PRO M 554 14.63 -60.76 -2.53
C PRO M 554 15.91 -60.61 -1.73
N HIS M 555 17.02 -60.32 -2.42
CA HIS M 555 18.32 -60.21 -1.78
C HIS M 555 18.78 -58.76 -1.67
N THR M 556 18.85 -58.03 -2.79
CA THR M 556 19.05 -56.59 -2.71
C THR M 556 17.80 -55.90 -2.18
N TYR M 557 16.64 -56.50 -2.41
CA TYR M 557 15.41 -55.99 -1.79
C TYR M 557 15.48 -56.06 -0.27
N GLN M 558 16.00 -57.16 0.27
CA GLN M 558 16.00 -57.36 1.71
C GLN M 558 16.93 -56.37 2.41
N VAL M 559 18.11 -56.11 1.85
CA VAL M 559 19.08 -55.24 2.52
C VAL M 559 18.54 -53.81 2.62
N ILE M 560 17.81 -53.36 1.59
CA ILE M 560 17.07 -52.11 1.72
C ILE M 560 15.97 -52.25 2.75
N HIS M 561 15.23 -53.36 2.67
CA HIS M 561 14.11 -53.59 3.58
C HIS M 561 14.56 -53.66 5.02
N ASP M 562 15.78 -54.15 5.26
CA ASP M 562 16.30 -54.25 6.63
C ASP M 562 16.70 -52.88 7.16
N TYR M 563 17.37 -52.06 6.34
CA TYR M 563 17.82 -50.76 6.80
C TYR M 563 16.66 -49.77 6.91
N ILE M 564 15.60 -49.96 6.12
CA ILE M 564 14.45 -49.07 6.20
C ILE M 564 13.79 -49.18 7.57
N TYR M 565 13.60 -50.41 8.05
CA TYR M 565 12.90 -50.67 9.30
C TYR M 565 13.83 -50.70 10.50
N SER M 566 14.99 -50.04 10.43
CA SER M 566 15.95 -50.03 11.52
C SER M 566 16.42 -48.64 11.93
N CYS M 567 16.09 -47.60 11.15
CA CYS M 567 16.56 -46.26 11.47
C CYS M 567 15.95 -45.76 12.78
N GLU M 568 16.75 -45.03 13.54
CA GLU M 568 16.32 -44.48 14.83
C GLU M 568 15.77 -43.07 14.63
N SER M 569 15.57 -42.35 15.74
CA SER M 569 15.01 -41.01 15.66
C SER M 569 15.93 -40.06 14.90
N GLU M 570 17.23 -40.13 15.17
CA GLU M 570 18.17 -39.28 14.46
C GLU M 570 18.21 -39.62 12.97
N ARG M 571 18.14 -40.90 12.62
CA ARG M 571 18.23 -41.37 11.25
C ARG M 571 16.85 -41.58 10.63
N ALA M 572 15.80 -41.06 11.27
CA ALA M 572 14.45 -41.24 10.76
C ALA M 572 14.29 -40.62 9.37
N ASP M 573 14.96 -39.49 9.11
CA ASP M 573 14.91 -38.90 7.78
C ASP M 573 15.49 -39.84 6.74
N LEU M 574 16.59 -40.52 7.07
CA LEU M 574 17.24 -41.41 6.11
C LEU M 574 16.32 -42.53 5.66
N ALA M 575 15.42 -42.99 6.54
CA ALA M 575 14.51 -44.06 6.17
C ALA M 575 13.52 -43.64 5.08
N TRP M 576 13.33 -42.34 4.89
CA TRP M 576 12.38 -41.87 3.89
C TRP M 576 12.93 -42.05 2.48
N GLU M 577 14.19 -41.70 2.26
CA GLU M 577 14.78 -41.88 0.93
C GLU M 577 14.84 -43.34 0.53
N MET M 578 15.26 -44.20 1.47
CA MET M 578 15.34 -45.63 1.17
C MET M 578 13.97 -46.23 0.88
N TYR M 579 12.92 -45.67 1.48
CA TYR M 579 11.58 -46.13 1.15
C TYR M 579 11.21 -45.79 -0.29
N GLY M 580 11.63 -44.61 -0.76
CA GLY M 580 11.30 -44.21 -2.12
C GLY M 580 11.92 -45.13 -3.17
N LEU M 581 13.20 -45.46 -3.00
CA LEU M 581 13.86 -46.35 -3.95
C LEU M 581 13.27 -47.75 -3.91
N LEU M 582 12.74 -48.17 -2.75
CA LEU M 582 12.17 -49.50 -2.65
C LEU M 582 10.93 -49.65 -3.51
N HIS M 583 10.19 -48.57 -3.75
CA HIS M 583 8.96 -48.62 -4.51
C HIS M 583 9.15 -48.27 -5.98
N LYS M 584 10.06 -47.35 -6.29
CA LYS M 584 10.34 -47.02 -7.69
C LYS M 584 10.94 -48.20 -8.42
N PHE M 585 11.85 -48.93 -7.76
CA PHE M 585 12.59 -49.99 -8.42
C PHE M 585 11.87 -51.33 -8.34
N TYR M 586 11.51 -51.77 -7.13
CA TYR M 586 10.87 -53.06 -6.91
C TYR M 586 9.39 -52.86 -6.64
N VAL M 587 8.57 -53.76 -7.19
CA VAL M 587 7.15 -53.77 -6.83
C VAL M 587 7.01 -54.23 -5.39
N VAL M 588 6.26 -53.49 -4.60
CA VAL M 588 6.15 -53.70 -3.16
C VAL M 588 4.80 -54.33 -2.86
N PRO M 589 4.75 -55.41 -2.08
CA PRO M 589 3.46 -56.01 -1.73
C PRO M 589 2.58 -55.04 -0.95
N PHE M 590 1.27 -55.15 -1.17
CA PHE M 590 0.33 -54.27 -0.48
C PHE M 590 0.35 -54.49 1.02
N ALA M 591 0.60 -55.72 1.47
CA ALA M 591 0.63 -56.00 2.90
C ALA M 591 1.77 -55.26 3.60
N ASP M 592 2.83 -54.93 2.85
CA ASP M 592 3.94 -54.18 3.42
C ASP M 592 3.56 -52.75 3.77
N TYR M 593 2.45 -52.25 3.22
CA TYR M 593 2.01 -50.90 3.54
C TYR M 593 1.69 -50.75 5.02
N TYR M 594 1.06 -51.78 5.61
CA TYR M 594 0.72 -51.74 7.02
C TYR M 594 1.96 -51.61 7.88
N LYS M 595 3.01 -52.39 7.57
CA LYS M 595 4.22 -52.33 8.37
C LYS M 595 4.90 -50.97 8.25
N ALA M 596 4.94 -50.41 7.04
CA ALA M 596 5.58 -49.10 6.85
C ALA M 596 4.81 -48.00 7.55
N ILE M 597 3.47 -48.03 7.45
CA ILE M 597 2.67 -47.02 8.13
C ILE M 597 2.81 -47.13 9.64
N LYS M 598 2.80 -48.36 10.16
CA LYS M 598 3.06 -48.55 11.58
C LYS M 598 4.49 -48.19 11.95
N PHE M 599 5.45 -48.43 11.04
CA PHE M 599 6.83 -48.04 11.31
C PHE M 599 6.98 -46.52 11.26
N PHE M 600 6.45 -45.88 10.23
CA PHE M 600 6.61 -44.44 10.06
C PHE M 600 5.54 -43.68 10.85
N ALA M 601 5.41 -44.06 12.13
CA ALA M 601 4.42 -43.46 13.01
C ALA M 601 4.55 -44.03 14.42
N GLN M 602 4.01 -45.21 14.64
CA GLN M 602 3.93 -45.83 15.95
C GLN M 602 5.26 -46.42 16.41
N ASP M 603 6.32 -46.32 15.61
CA ASP M 603 7.57 -46.99 15.95
C ASP M 603 8.62 -46.06 16.55
N VAL M 604 9.00 -44.98 15.88
CA VAL M 604 10.11 -44.20 16.46
C VAL M 604 9.69 -42.78 16.81
N LYS M 605 9.54 -41.90 15.82
CA LYS M 605 9.06 -40.56 16.16
C LYS M 605 8.19 -39.90 15.09
N ARG M 606 8.39 -40.27 13.83
CA ARG M 606 7.91 -39.45 12.72
C ARG M 606 6.55 -39.91 12.24
N GLN M 607 5.63 -38.94 12.09
CA GLN M 607 4.28 -39.21 11.65
C GLN M 607 3.94 -38.57 10.31
N ASP M 608 4.78 -37.64 9.82
CA ASP M 608 4.52 -37.06 8.50
C ASP M 608 4.56 -38.13 7.42
N TYR M 609 5.52 -39.04 7.50
CA TYR M 609 5.62 -40.12 6.52
C TYR M 609 4.45 -41.10 6.63
N ALA M 610 3.81 -41.20 7.79
CA ALA M 610 2.62 -42.05 7.90
C ALA M 610 1.51 -41.55 7.00
N LEU M 611 1.29 -40.25 6.95
CA LEU M 611 0.28 -39.69 6.08
C LEU M 611 0.68 -39.85 4.61
N LEU M 612 1.93 -39.50 4.29
CA LEU M 612 2.40 -39.62 2.91
C LEU M 612 2.40 -41.06 2.43
N THR M 613 2.72 -42.01 3.32
CA THR M 613 2.60 -43.42 2.95
C THR M 613 1.16 -43.78 2.63
N PHE M 614 0.22 -43.25 3.42
CA PHE M 614 -1.19 -43.42 3.09
C PHE M 614 -1.54 -42.71 1.79
N GLN M 615 -0.99 -41.50 1.59
CA GLN M 615 -1.21 -40.80 0.33
C GLN M 615 -0.60 -41.54 -0.85
N GLN M 616 0.48 -42.29 -0.62
CA GLN M 616 1.08 -43.07 -1.69
C GLN M 616 0.11 -44.14 -2.20
N ILE M 617 -0.60 -44.80 -1.29
CA ILE M 617 -1.59 -45.80 -1.70
C ILE M 617 -2.70 -45.15 -2.51
N ARG M 618 -3.08 -43.93 -2.16
CA ARG M 618 -4.16 -43.25 -2.85
C ARG M 618 -3.76 -42.88 -4.28
N LYS M 619 -2.57 -42.31 -4.44
CA LYS M 619 -2.15 -41.83 -5.75
C LYS M 619 -2.04 -42.97 -6.75
N ASN M 620 -1.47 -44.10 -6.34
CA ASN M 620 -1.32 -45.23 -7.24
C ASN M 620 -2.67 -45.82 -7.62
N HIS M 621 -3.60 -45.88 -6.66
CA HIS M 621 -4.91 -46.46 -6.96
C HIS M 621 -5.68 -45.61 -7.96
N ASP M 622 -5.62 -44.29 -7.82
CA ASP M 622 -6.35 -43.40 -8.74
C ASP M 622 -5.76 -43.46 -10.14
N LEU M 623 -4.45 -43.30 -10.26
CA LEU M 623 -3.81 -43.13 -11.55
C LEU M 623 -3.36 -44.46 -12.16
N HIS M 624 -2.48 -45.18 -11.47
CA HIS M 624 -1.89 -46.37 -12.05
C HIS M 624 -2.84 -47.56 -12.07
N GLY M 625 -3.67 -47.70 -11.04
CA GLY M 625 -4.55 -48.84 -10.92
C GLY M 625 -4.17 -49.84 -9.85
N GLN M 626 -3.26 -49.48 -8.94
CA GLN M 626 -2.88 -50.33 -7.83
C GLN M 626 -4.07 -50.52 -6.89
N PRO M 627 -4.09 -51.59 -6.10
CA PRO M 627 -5.26 -51.82 -5.24
C PRO M 627 -5.42 -50.73 -4.20
N ALA M 628 -6.68 -50.41 -3.91
CA ALA M 628 -7.02 -49.23 -3.13
C ALA M 628 -6.76 -49.45 -1.65
N ALA M 629 -6.64 -48.35 -0.92
CA ALA M 629 -6.47 -48.40 0.53
C ALA M 629 -7.76 -48.84 1.21
N THR M 630 -7.61 -49.50 2.35
CA THR M 630 -8.72 -49.96 3.15
C THR M 630 -8.95 -48.99 4.32
N SER M 631 -10.13 -49.07 4.94
CA SER M 631 -10.47 -48.22 6.06
C SER M 631 -9.66 -48.54 7.31
N GLU M 632 -8.89 -49.62 7.31
CA GLU M 632 -8.12 -49.98 8.49
C GLU M 632 -7.03 -48.95 8.79
N MET M 633 -6.41 -48.38 7.76
CA MET M 633 -5.34 -47.42 8.00
C MET M 633 -5.85 -46.13 8.63
N VAL M 634 -6.96 -45.58 8.10
CA VAL M 634 -7.45 -44.30 8.61
C VAL M 634 -7.91 -44.44 10.06
N ALA M 635 -8.47 -45.60 10.42
CA ALA M 635 -8.80 -45.84 11.82
C ALA M 635 -7.54 -45.91 12.67
N PHE M 636 -6.52 -46.63 12.20
CA PHE M 636 -5.26 -46.68 12.92
C PHE M 636 -4.57 -45.32 12.93
N LEU M 637 -4.57 -44.63 11.80
CA LEU M 637 -3.76 -43.42 11.68
C LEU M 637 -4.39 -42.24 12.41
N PHE M 638 -5.71 -42.24 12.59
CA PHE M 638 -6.33 -41.29 13.52
C PHE M 638 -5.82 -41.53 14.94
N HIS M 639 -5.76 -42.79 15.36
CA HIS M 639 -5.30 -43.12 16.71
C HIS M 639 -3.87 -42.63 16.94
N GLU M 640 -3.00 -42.81 15.94
CA GLU M 640 -1.63 -42.35 16.08
C GLU M 640 -1.56 -40.82 16.12
N PHE M 641 -2.46 -40.14 15.42
CA PHE M 641 -2.50 -38.68 15.46
C PHE M 641 -3.02 -38.15 16.80
N ALA M 642 -3.85 -38.92 17.49
CA ALA M 642 -4.41 -38.51 18.77
C ALA M 642 -3.44 -38.75 19.93
N LYS M 643 -2.18 -39.03 19.64
CA LYS M 643 -1.16 -39.24 20.64
C LYS M 643 -0.16 -38.10 20.73
N THR M 644 0.17 -37.47 19.60
CA THR M 644 1.03 -36.31 19.56
C THR M 644 0.27 -35.01 19.37
N LYS M 645 -1.07 -35.04 19.47
CA LYS M 645 -1.91 -33.87 19.30
C LYS M 645 -1.62 -33.16 17.98
N TYR M 646 -1.51 -33.95 16.92
CA TYR M 646 -1.12 -33.46 15.60
C TYR M 646 -2.36 -32.87 14.93
N LYS M 647 -2.53 -31.56 15.09
CA LYS M 647 -3.70 -30.88 14.53
C LYS M 647 -3.69 -30.84 13.02
N ARG M 648 -2.51 -30.79 12.39
CA ARG M 648 -2.45 -30.67 10.94
C ARG M 648 -2.88 -31.94 10.24
N GLY M 649 -2.44 -33.10 10.74
CA GLY M 649 -2.77 -34.36 10.09
C GLY M 649 -4.24 -34.70 10.16
N ILE M 650 -4.90 -34.35 11.27
CA ILE M 650 -6.31 -34.68 11.44
C ILE M 650 -7.15 -33.96 10.41
N LYS M 651 -6.89 -32.66 10.20
CA LYS M 651 -7.61 -31.91 9.17
C LYS M 651 -7.32 -32.44 7.79
N ARG M 652 -6.05 -32.76 7.51
CA ARG M 652 -5.66 -33.31 6.21
C ARG M 652 -6.35 -34.63 5.94
N LEU M 653 -6.36 -35.53 6.92
CA LEU M 653 -6.90 -36.87 6.68
C LEU M 653 -8.42 -36.86 6.59
N HIS M 654 -9.07 -35.97 7.35
CA HIS M 654 -10.52 -35.92 7.34
C HIS M 654 -11.06 -35.62 5.95
N GLU M 655 -10.52 -34.60 5.28
CA GLU M 655 -11.04 -34.23 3.98
C GLU M 655 -10.67 -35.26 2.92
N VAL M 656 -9.60 -36.03 3.14
CA VAL M 656 -9.33 -37.18 2.29
C VAL M 656 -10.42 -38.23 2.47
N VAL M 657 -10.88 -38.43 3.71
CA VAL M 657 -11.95 -39.38 3.97
C VAL M 657 -13.27 -38.88 3.40
N ALA M 658 -13.52 -37.57 3.49
CA ALA M 658 -14.80 -37.01 3.09
C ALA M 658 -15.06 -37.10 1.59
N LEU M 659 -14.02 -37.36 0.78
CA LEU M 659 -14.14 -37.47 -0.67
C LEU M 659 -13.47 -38.73 -1.16
N GLU M 660 -13.77 -39.86 -0.52
CA GLU M 660 -13.17 -41.14 -0.87
C GLU M 660 -14.19 -42.00 -1.60
N THR M 661 -13.79 -42.53 -2.76
CA THR M 661 -14.65 -43.38 -3.57
C THR M 661 -14.23 -44.85 -3.53
N SER M 662 -13.36 -45.21 -2.59
CA SER M 662 -12.92 -46.59 -2.43
C SER M 662 -13.34 -47.19 -1.09
N PHE M 663 -13.02 -46.52 0.01
CA PHE M 663 -13.45 -46.95 1.34
C PHE M 663 -14.44 -45.97 1.92
N ASP M 664 -15.13 -46.41 2.97
CA ASP M 664 -16.20 -45.65 3.58
C ASP M 664 -15.98 -45.52 5.08
N VAL M 665 -16.85 -44.73 5.72
CA VAL M 665 -16.80 -44.53 7.16
C VAL M 665 -17.64 -45.61 7.83
N ASN M 666 -17.13 -46.13 8.94
CA ASN M 666 -17.82 -47.18 9.70
C ASN M 666 -17.65 -46.88 11.18
N ARG M 667 -17.93 -47.88 12.01
CA ARG M 667 -17.80 -47.71 13.46
C ARG M 667 -16.37 -47.37 13.86
N ASP M 668 -15.40 -48.08 13.29
CA ASP M 668 -14.02 -47.97 13.77
C ASP M 668 -13.41 -46.61 13.40
N VAL M 669 -13.72 -46.09 12.22
CA VAL M 669 -13.16 -44.81 11.80
C VAL M 669 -13.69 -43.69 12.69
N LEU M 670 -15.00 -43.69 12.97
CA LEU M 670 -15.58 -42.62 13.77
C LEU M 670 -15.03 -42.61 15.19
N ASN M 671 -14.80 -43.80 15.77
CA ASN M 671 -14.29 -43.86 17.13
C ASN M 671 -12.92 -43.20 17.24
N GLU M 672 -12.00 -43.56 16.36
CA GLU M 672 -10.67 -42.97 16.39
C GLU M 672 -10.67 -41.54 15.88
N MET M 673 -11.59 -41.21 14.96
CA MET M 673 -11.74 -39.81 14.55
C MET M 673 -12.25 -38.96 15.71
N MET M 674 -13.17 -39.49 16.50
CA MET M 674 -13.63 -38.78 17.70
C MET M 674 -12.48 -38.60 18.69
N ALA M 675 -11.66 -39.64 18.88
CA ALA M 675 -10.53 -39.53 19.78
C ALA M 675 -9.50 -38.54 19.27
N ALA M 676 -9.37 -38.42 17.95
CA ALA M 676 -8.44 -37.45 17.38
C ALA M 676 -8.86 -36.03 17.70
N TYR M 677 -10.17 -35.77 17.75
CA TYR M 677 -10.69 -34.45 18.01
C TYR M 677 -10.69 -34.08 19.49
N VAL M 678 -10.74 -35.07 20.40
CA VAL M 678 -10.61 -34.78 21.81
C VAL M 678 -9.20 -34.29 22.13
N SER M 679 -8.20 -34.85 21.45
CA SER M 679 -6.82 -34.43 21.68
C SER M 679 -6.62 -32.97 21.32
N VAL M 680 -7.24 -32.52 20.23
CA VAL M 680 -7.11 -31.13 19.79
C VAL M 680 -8.21 -30.24 20.33
N GLU M 681 -9.09 -30.78 21.19
CA GLU M 681 -10.12 -30.01 21.88
C GLU M 681 -11.04 -29.28 20.91
N ASP M 682 -11.79 -30.04 20.11
CA ASP M 682 -12.73 -29.45 19.15
C ASP M 682 -14.14 -29.83 19.63
N LEU M 683 -14.79 -28.89 20.31
CA LEU M 683 -16.09 -29.17 20.91
C LEU M 683 -17.15 -29.45 19.85
N ASN M 684 -16.97 -28.94 18.64
CA ASN M 684 -17.95 -29.15 17.58
C ASN M 684 -17.77 -30.50 16.93
N ARG M 685 -16.56 -30.79 16.46
CA ARG M 685 -16.28 -32.06 15.79
C ARG M 685 -16.51 -33.25 16.70
N VAL M 686 -16.22 -33.11 17.99
CA VAL M 686 -16.45 -34.20 18.94
C VAL M 686 -17.94 -34.52 19.02
N GLN M 687 -18.77 -33.48 19.16
CA GLN M 687 -20.21 -33.69 19.16
C GLN M 687 -20.71 -34.13 17.80
N ASP M 688 -20.06 -33.71 16.71
CA ASP M 688 -20.46 -34.14 15.38
C ASP M 688 -20.26 -35.64 15.20
N CYS M 689 -19.09 -36.15 15.61
CA CYS M 689 -18.83 -37.58 15.50
C CYS M 689 -19.70 -38.39 16.44
N TRP M 690 -20.09 -37.81 17.57
CA TRP M 690 -20.98 -38.52 18.49
C TRP M 690 -22.39 -38.64 17.92
N ALA M 691 -22.84 -37.64 17.17
CA ALA M 691 -24.15 -37.73 16.54
C ALA M 691 -24.20 -38.85 15.51
N GLN M 692 -23.12 -39.02 14.74
CA GLN M 692 -23.09 -40.04 13.71
C GLN M 692 -23.01 -41.44 14.31
N LEU M 693 -22.22 -41.62 15.36
CA LEU M 693 -22.18 -42.90 16.05
C LEU M 693 -23.53 -43.21 16.70
N GLN M 694 -24.14 -42.19 17.33
CA GLN M 694 -25.40 -42.40 18.05
C GLN M 694 -26.53 -42.85 17.14
N GLN M 695 -26.63 -42.27 15.95
CA GLN M 695 -27.73 -42.50 15.03
C GLN M 695 -27.63 -43.84 14.32
N LEU M 696 -26.71 -44.71 14.75
CA LEU M 696 -26.49 -46.03 14.20
C LEU M 696 -27.04 -47.09 15.13
N PRO M 697 -27.47 -48.23 14.61
CA PRO M 697 -27.97 -49.29 15.49
C PRO M 697 -26.89 -49.75 16.44
N PRO M 698 -27.26 -50.14 17.66
CA PRO M 698 -26.25 -50.65 18.61
C PRO M 698 -25.56 -51.93 18.15
N SER M 699 -26.15 -52.66 17.19
CA SER M 699 -25.48 -53.82 16.62
C SER M 699 -24.08 -53.47 16.16
N ILE M 700 -23.98 -52.54 15.21
CA ILE M 700 -22.70 -51.92 14.83
C ILE M 700 -22.80 -50.43 15.11
N GLY M 701 -22.06 -49.97 16.10
CA GLY M 701 -22.20 -48.60 16.54
C GLY M 701 -21.48 -48.28 17.84
N ALA M 702 -22.19 -47.67 18.79
CA ALA M 702 -21.59 -47.29 20.07
C ALA M 702 -21.08 -48.50 20.82
N ASN M 703 -19.76 -48.60 20.98
CA ASN M 703 -19.11 -49.69 21.70
C ASN M 703 -18.35 -49.13 22.89
N ASN M 704 -17.61 -50.00 23.57
CA ASN M 704 -16.84 -49.57 24.74
C ASN M 704 -15.75 -48.59 24.35
N ARG M 705 -15.19 -48.73 23.14
CA ARG M 705 -14.23 -47.75 22.66
C ARG M 705 -14.88 -46.38 22.50
N SER M 706 -16.14 -46.36 22.06
CA SER M 706 -16.88 -45.09 21.98
C SER M 706 -17.04 -44.47 23.35
N VAL M 707 -17.41 -45.27 24.35
CA VAL M 707 -17.55 -44.77 25.71
C VAL M 707 -16.19 -44.35 26.26
N ASP M 708 -15.14 -45.08 25.90
CA ASP M 708 -13.80 -44.76 26.40
C ASP M 708 -13.36 -43.37 25.96
N VAL M 709 -13.62 -43.02 24.70
CA VAL M 709 -13.31 -41.67 24.23
C VAL M 709 -14.26 -40.67 24.85
N LEU M 710 -15.54 -41.00 24.91
CA LEU M 710 -16.54 -40.04 25.36
C LEU M 710 -16.33 -39.66 26.81
N LEU M 711 -15.99 -40.64 27.66
CA LEU M 711 -15.66 -40.34 29.05
C LEU M 711 -14.40 -39.48 29.15
N SER M 712 -13.39 -39.78 28.32
CA SER M 712 -12.14 -39.04 28.39
C SER M 712 -12.31 -37.58 27.97
N TYR M 713 -13.35 -37.29 27.18
CA TYR M 713 -13.60 -35.91 26.78
C TYR M 713 -14.38 -35.16 27.85
N PHE M 714 -15.14 -35.87 28.69
CA PHE M 714 -15.81 -35.30 29.85
C PHE M 714 -14.99 -35.46 31.11
N LYS M 715 -13.66 -35.43 31.01
CA LYS M 715 -12.80 -35.73 32.14
C LYS M 715 -12.99 -34.75 33.29
N ASP M 716 -13.36 -33.50 32.99
CA ASP M 716 -13.51 -32.48 34.03
C ASP M 716 -14.95 -32.00 34.16
N ASN M 717 -15.91 -32.74 33.63
CA ASN M 717 -17.33 -32.43 33.75
C ASN M 717 -17.98 -33.65 34.40
N ILE M 718 -18.26 -33.54 35.70
CA ILE M 718 -18.82 -34.68 36.43
C ILE M 718 -20.24 -34.98 35.97
N HIS M 719 -20.98 -33.98 35.49
CA HIS M 719 -22.36 -34.19 35.10
C HIS M 719 -22.45 -35.04 33.84
N TYR M 720 -21.68 -34.68 32.80
CA TYR M 720 -21.71 -35.44 31.56
C TYR M 720 -20.94 -36.74 31.64
N THR M 721 -20.00 -36.87 32.58
CA THR M 721 -19.40 -38.18 32.84
C THR M 721 -20.42 -39.16 33.39
N GLU M 722 -21.25 -38.70 34.33
CA GLU M 722 -22.26 -39.59 34.91
C GLU M 722 -23.30 -40.01 33.88
N ARG M 723 -23.86 -39.05 33.14
CA ARG M 723 -24.87 -39.38 32.14
C ARG M 723 -24.29 -40.26 31.03
N THR M 724 -22.98 -40.17 30.80
CA THR M 724 -22.33 -41.12 29.91
C THR M 724 -22.34 -42.52 30.50
N TRP M 725 -22.13 -42.63 31.81
CA TRP M 725 -22.10 -43.94 32.46
C TRP M 725 -23.45 -44.65 32.35
N GLN M 726 -24.55 -43.91 32.57
CA GLN M 726 -25.86 -44.50 32.33
C GLN M 726 -26.14 -44.75 30.86
N GLY M 727 -25.36 -44.12 29.97
CA GLY M 727 -25.50 -44.40 28.56
C GLY M 727 -25.10 -45.82 28.18
N ILE M 728 -24.11 -46.37 28.89
CA ILE M 728 -23.62 -47.71 28.54
C ILE M 728 -24.72 -48.76 28.62
N PRO M 729 -25.52 -48.86 29.70
CA PRO M 729 -26.61 -49.85 29.69
C PRO M 729 -27.63 -49.63 28.59
N GLU M 730 -27.86 -48.37 28.18
CA GLU M 730 -28.88 -48.12 27.17
C GLU M 730 -28.48 -48.65 25.81
N PHE M 731 -27.20 -48.49 25.44
CA PHE M 731 -26.72 -49.01 24.17
C PHE M 731 -26.59 -50.53 24.17
N GLY M 732 -26.74 -51.18 25.32
CA GLY M 732 -26.57 -52.61 25.41
C GLY M 732 -25.12 -53.01 25.50
N LEU M 733 -24.44 -52.51 26.54
CA LEU M 733 -23.01 -52.76 26.72
C LEU M 733 -22.73 -53.00 28.19
N LEU M 734 -21.61 -53.68 28.45
CA LEU M 734 -21.11 -53.89 29.80
C LEU M 734 -19.75 -53.23 29.92
N PRO M 735 -19.54 -52.38 30.93
CA PRO M 735 -18.27 -51.66 31.03
C PRO M 735 -17.08 -52.61 31.19
N THR M 736 -15.95 -52.19 30.65
CA THR M 736 -14.72 -52.98 30.68
C THR M 736 -13.75 -52.40 31.70
N LEU M 737 -12.61 -53.06 31.85
CA LEU M 737 -11.59 -52.58 32.79
C LEU M 737 -11.03 -51.24 32.35
N GLU M 738 -10.75 -51.09 31.04
CA GLU M 738 -10.32 -49.80 30.53
C GLU M 738 -11.44 -48.78 30.59
N ASN M 739 -12.70 -49.24 30.57
CA ASN M 739 -13.83 -48.34 30.71
C ASN M 739 -13.98 -47.84 32.14
N TYR M 740 -13.81 -48.74 33.11
CA TYR M 740 -13.93 -48.35 34.52
C TYR M 740 -12.84 -47.38 34.93
N GLU M 741 -11.62 -47.55 34.41
CA GLU M 741 -10.50 -46.76 34.89
C GLU M 741 -10.72 -45.27 34.67
N GLN M 742 -11.15 -44.88 33.46
CA GLN M 742 -11.39 -43.48 33.18
C GLN M 742 -12.54 -42.93 34.02
N TYR M 743 -13.56 -43.75 34.28
CA TYR M 743 -14.64 -43.32 35.16
C TYR M 743 -14.12 -43.08 36.57
N LEU M 744 -13.22 -43.95 37.06
CA LEU M 744 -12.60 -43.72 38.36
C LEU M 744 -11.74 -42.47 38.35
N ILE M 745 -11.01 -42.22 37.26
CA ILE M 745 -10.20 -40.99 37.17
C ILE M 745 -11.10 -39.77 37.22
N ASN M 746 -12.18 -39.78 36.43
CA ASN M 746 -13.04 -38.62 36.32
C ASN M 746 -13.72 -38.30 37.66
N ASN M 747 -14.14 -39.32 38.39
CA ASN M 747 -14.69 -39.08 39.72
C ASN M 747 -13.63 -38.53 40.66
N CYS M 748 -12.40 -39.04 40.57
CA CYS M 748 -11.35 -38.59 41.47
C CYS M 748 -10.91 -37.17 41.17
N ARG M 749 -10.72 -36.84 39.89
CA ARG M 749 -10.17 -35.54 39.55
C ARG M 749 -11.14 -34.38 39.82
N THR M 750 -12.40 -34.67 40.09
CA THR M 750 -13.38 -33.63 40.41
C THR M 750 -13.73 -33.62 41.89
N GLY M 751 -12.87 -34.15 42.74
CA GLY M 751 -13.04 -34.08 44.18
C GLY M 751 -13.89 -35.16 44.80
N ASN M 752 -14.48 -36.05 43.99
CA ASN M 752 -15.33 -37.12 44.52
C ASN M 752 -14.46 -38.31 44.91
N TYR M 753 -13.59 -38.07 45.90
CA TYR M 753 -12.70 -39.14 46.37
C TYR M 753 -13.49 -40.27 47.01
N ARG M 754 -14.50 -39.94 47.82
CA ARG M 754 -15.22 -40.95 48.58
C ARG M 754 -16.06 -41.84 47.68
N ARG M 755 -16.74 -41.24 46.69
CA ARG M 755 -17.56 -42.03 45.78
C ARG M 755 -16.73 -43.00 44.95
N ALA M 756 -15.47 -42.64 44.68
CA ALA M 756 -14.60 -43.53 43.90
C ALA M 756 -14.35 -44.84 44.63
N LEU M 757 -14.16 -44.79 45.94
CA LEU M 757 -13.88 -46.02 46.69
C LEU M 757 -15.05 -46.99 46.62
N GLU M 758 -16.28 -46.49 46.77
CA GLU M 758 -17.43 -47.38 46.70
C GLU M 758 -17.58 -48.00 45.32
N ILE M 759 -17.20 -47.27 44.28
CA ILE M 759 -17.23 -47.85 42.93
C ILE M 759 -16.22 -48.99 42.82
N THR M 760 -15.02 -48.78 43.34
CA THR M 760 -13.99 -49.82 43.29
C THR M 760 -14.33 -50.99 44.20
N LYS M 761 -14.88 -50.71 45.39
CA LYS M 761 -15.21 -51.78 46.32
C LYS M 761 -16.33 -52.66 45.79
N ASN M 762 -17.33 -52.07 45.13
CA ASN M 762 -18.51 -52.78 44.69
C ASN M 762 -18.50 -53.12 43.19
N MET M 763 -17.40 -52.86 42.49
CA MET M 763 -17.35 -53.20 41.07
C MET M 763 -17.27 -54.71 40.86
N GLU M 764 -16.54 -55.41 41.73
CA GLU M 764 -16.40 -56.85 41.57
C GLU M 764 -17.71 -57.57 41.89
N ILE M 765 -18.51 -56.99 42.79
CA ILE M 765 -19.83 -57.56 43.06
C ILE M 765 -20.77 -57.32 41.88
N ASP M 766 -20.78 -56.10 41.34
CA ASP M 766 -21.77 -55.74 40.34
C ASP M 766 -21.49 -56.40 39.00
N SER M 767 -20.23 -56.38 38.55
CA SER M 767 -19.89 -56.84 37.21
C SER M 767 -19.06 -58.12 37.20
N GLY M 768 -18.38 -58.46 38.29
CA GLY M 768 -17.48 -59.59 38.30
C GLY M 768 -16.11 -59.31 37.73
N LEU M 769 -15.82 -58.08 37.34
CA LEU M 769 -14.52 -57.68 36.81
C LEU M 769 -13.64 -57.28 38.00
N LYS M 770 -12.70 -58.16 38.35
CA LYS M 770 -11.83 -57.89 39.49
C LYS M 770 -10.96 -56.67 39.21
N PRO M 771 -10.82 -55.76 40.17
CA PRO M 771 -9.97 -54.59 39.96
C PRO M 771 -8.52 -55.01 39.70
N THR M 772 -7.86 -54.28 38.81
CA THR M 772 -6.50 -54.56 38.42
C THR M 772 -5.56 -53.53 39.05
N ALA M 773 -4.26 -53.69 38.78
CA ALA M 773 -3.27 -52.75 39.29
C ALA M 773 -3.43 -51.38 38.65
N LYS M 774 -3.75 -51.35 37.36
CA LYS M 774 -3.95 -50.09 36.65
C LYS M 774 -5.24 -49.39 37.10
N ILE M 775 -6.11 -50.09 37.81
CA ILE M 775 -7.31 -49.48 38.38
C ILE M 775 -7.01 -48.89 39.76
N ILE M 776 -6.41 -49.70 40.62
CA ILE M 776 -6.19 -49.28 42.01
C ILE M 776 -5.14 -48.18 42.08
N ALA M 777 -4.05 -48.32 41.33
CA ALA M 777 -3.03 -47.28 41.32
C ALA M 777 -3.59 -45.99 40.74
N ALA M 778 -4.54 -46.07 39.83
CA ALA M 778 -5.18 -44.88 39.29
C ALA M 778 -5.96 -44.13 40.37
N VAL M 779 -6.69 -44.86 41.21
CA VAL M 779 -7.47 -44.24 42.27
C VAL M 779 -6.55 -43.56 43.28
N TYR M 780 -5.46 -44.22 43.66
CA TYR M 780 -4.50 -43.63 44.58
C TYR M 780 -3.86 -42.39 43.97
N ASN M 781 -3.54 -42.44 42.68
CA ASN M 781 -2.81 -41.35 42.04
C ASN M 781 -3.65 -40.08 41.97
N TYR M 782 -4.94 -40.20 41.71
CA TYR M 782 -5.80 -39.06 41.48
C TYR M 782 -6.60 -38.64 42.71
N THR M 783 -6.26 -39.17 43.89
CA THR M 783 -6.87 -38.73 45.13
C THR M 783 -5.94 -37.69 45.76
N PHE M 784 -6.42 -36.45 45.88
CA PHE M 784 -5.58 -35.32 46.27
C PHE M 784 -5.89 -34.82 47.67
N THR M 785 -6.22 -35.72 48.59
CA THR M 785 -6.35 -35.40 50.00
C THR M 785 -5.54 -36.41 50.80
N GLU M 786 -4.70 -35.92 51.71
CA GLU M 786 -3.77 -36.81 52.40
C GLU M 786 -4.50 -37.85 53.26
N GLN M 787 -5.66 -37.51 53.80
CA GLN M 787 -6.47 -38.51 54.50
C GLN M 787 -7.28 -39.38 53.55
N ARG M 788 -7.89 -38.77 52.52
CA ARG M 788 -8.61 -39.56 51.54
C ARG M 788 -7.67 -40.51 50.80
N LYS M 789 -6.41 -40.09 50.61
CA LYS M 789 -5.41 -40.99 50.05
C LYS M 789 -5.15 -42.17 50.98
N LEU M 790 -5.32 -41.98 52.29
CA LEU M 790 -5.12 -43.07 53.23
C LEU M 790 -6.25 -44.08 53.17
N GLU M 791 -7.49 -43.61 53.09
CA GLU M 791 -8.63 -44.53 53.05
C GLU M 791 -8.61 -45.37 51.79
N VAL M 792 -8.00 -44.88 50.71
CA VAL M 792 -7.78 -45.71 49.53
C VAL M 792 -6.91 -46.90 49.88
N GLU M 793 -5.84 -46.67 50.63
CA GLU M 793 -4.99 -47.78 51.08
C GLU M 793 -5.42 -48.25 52.48
N GLN M 794 -6.69 -48.61 52.60
CA GLN M 794 -7.21 -49.28 53.78
C GLN M 794 -7.80 -50.64 53.43
N TRP M 795 -8.62 -50.71 52.38
CA TRP M 795 -9.10 -51.99 51.88
C TRP M 795 -8.00 -52.73 51.14
N ALA M 796 -7.06 -52.01 50.54
CA ALA M 796 -6.05 -52.64 49.69
C ALA M 796 -5.17 -53.60 50.48
N GLU M 797 -4.82 -53.23 51.72
CA GLU M 797 -3.97 -54.11 52.52
C GLU M 797 -4.69 -55.40 52.87
N LYS M 798 -6.01 -55.36 53.00
CA LYS M 798 -6.79 -56.49 53.48
C LYS M 798 -7.74 -57.07 52.42
N ALA M 799 -7.71 -56.55 51.20
CA ALA M 799 -8.54 -57.13 50.14
C ALA M 799 -7.71 -57.48 48.91
N HIS M 800 -6.68 -56.68 48.62
CA HIS M 800 -5.75 -56.94 47.53
C HIS M 800 -4.32 -56.87 48.08
N PRO M 801 -3.95 -57.78 48.98
CA PRO M 801 -2.62 -57.66 49.61
C PRO M 801 -1.47 -57.94 48.66
N GLU M 802 -1.56 -59.02 47.88
CA GLU M 802 -0.45 -59.42 47.02
C GLU M 802 -0.21 -58.40 45.91
N MET M 803 -1.29 -57.90 45.30
CA MET M 803 -1.14 -57.10 44.08
C MET M 803 -0.82 -55.64 44.38
N TRP M 804 -0.98 -55.19 45.63
CA TRP M 804 -0.44 -53.88 45.98
C TRP M 804 1.08 -53.90 46.05
N LEU M 805 1.64 -54.93 46.70
CA LEU M 805 3.04 -54.89 47.11
C LEU M 805 3.98 -54.71 45.92
N GLU M 806 3.52 -55.07 44.73
CA GLU M 806 4.30 -54.87 43.50
C GLU M 806 4.15 -53.48 42.92
N LEU M 807 3.36 -52.60 43.56
CA LEU M 807 3.28 -51.20 43.16
C LEU M 807 4.18 -50.29 43.98
N LYS M 808 4.60 -50.73 45.16
CA LYS M 808 5.49 -49.91 45.98
C LYS M 808 6.88 -49.78 45.38
N GLU M 809 7.44 -50.86 44.82
CA GLU M 809 8.76 -50.81 44.23
C GLU M 809 8.74 -50.37 42.77
N GLY M 810 7.58 -50.37 42.12
CA GLY M 810 7.48 -49.92 40.75
C GLY M 810 7.35 -48.41 40.60
N ASP M 811 7.27 -47.68 41.70
CA ASP M 811 7.12 -46.22 41.71
C ASP M 811 5.85 -45.76 41.01
N LYS M 812 4.84 -46.63 40.94
CA LYS M 812 3.58 -46.24 40.30
C LYS M 812 2.81 -45.24 41.14
N LEU M 813 2.80 -45.42 42.46
CA LEU M 813 2.08 -44.50 43.34
C LEU M 813 2.78 -43.15 43.38
N LYS M 814 1.99 -42.08 43.29
CA LYS M 814 2.50 -40.73 43.31
C LYS M 814 1.68 -39.91 44.30
N SER M 815 2.38 -39.11 45.12
CA SER M 815 1.78 -38.45 46.27
C SER M 815 1.55 -36.95 46.02
N LEU M 816 1.15 -36.59 44.80
CA LEU M 816 0.80 -35.21 44.52
C LEU M 816 -0.54 -34.87 45.15
N CYS M 817 -0.63 -33.70 45.77
CA CYS M 817 -1.83 -33.27 46.47
C CYS M 817 -1.99 -31.76 46.28
N LEU M 818 -2.88 -31.16 47.09
CA LEU M 818 -3.23 -29.75 47.06
C LEU M 818 -2.45 -28.98 48.14
N PRO M 819 -2.17 -27.69 47.90
CA PRO M 819 -1.37 -26.93 48.86
C PRO M 819 -2.10 -26.71 50.18
N ALA M 820 -1.35 -26.20 51.15
CA ALA M 820 -1.87 -26.05 52.51
C ALA M 820 -2.74 -24.80 52.64
N ASN M 821 -2.16 -23.62 52.43
CA ASN M 821 -2.91 -22.37 52.47
C ASN M 821 -3.48 -22.06 51.08
N SER M 822 -4.19 -23.05 50.55
CA SER M 822 -4.76 -22.98 49.21
C SER M 822 -6.26 -22.74 49.22
N ASP M 823 -6.85 -22.51 50.39
CA ASP M 823 -8.27 -22.19 50.47
C ASP M 823 -8.59 -20.81 49.90
N ASN M 824 -7.57 -20.02 49.57
CA ASN M 824 -7.80 -18.74 48.90
C ASN M 824 -8.46 -18.96 47.54
N ASP M 825 -7.99 -19.96 46.81
CA ASP M 825 -8.53 -20.27 45.49
C ASP M 825 -9.72 -21.21 45.60
N ASN M 826 -10.36 -21.45 44.46
CA ASN M 826 -11.39 -22.47 44.38
C ASN M 826 -10.79 -23.86 44.56
N VAL M 827 -11.52 -24.72 45.27
CA VAL M 827 -11.11 -26.12 45.35
C VAL M 827 -11.20 -26.76 43.97
N GLU M 828 -12.23 -26.41 43.20
CA GLU M 828 -12.38 -26.96 41.85
C GLU M 828 -11.25 -26.50 40.94
N SER M 829 -10.73 -25.29 41.15
CA SER M 829 -9.59 -24.82 40.36
C SER M 829 -8.32 -25.58 40.73
N LEU M 830 -8.16 -25.94 42.00
CA LEU M 830 -7.02 -26.75 42.41
C LEU M 830 -7.06 -28.12 41.76
N LEU M 831 -8.24 -28.74 41.70
CA LEU M 831 -8.36 -30.07 41.13
C LEU M 831 -8.01 -30.08 39.66
N LYS M 832 -8.23 -28.96 38.95
CA LYS M 832 -7.80 -28.88 37.57
C LYS M 832 -6.28 -28.84 37.46
N GLN M 833 -5.62 -28.04 38.31
CA GLN M 833 -4.16 -27.96 38.26
C GLN M 833 -3.52 -29.24 38.75
N ALA M 834 -4.09 -29.86 39.78
CA ALA M 834 -3.54 -31.12 40.29
C ALA M 834 -3.67 -32.24 39.26
N SER M 835 -4.83 -32.33 38.60
CA SER M 835 -5.03 -33.39 37.62
C SER M 835 -4.24 -33.14 36.34
N ALA M 836 -4.09 -31.86 35.96
CA ALA M 836 -3.31 -31.54 34.77
C ALA M 836 -1.85 -31.94 34.95
N ASP M 837 -1.29 -31.68 36.14
CA ASP M 837 0.07 -32.13 36.42
C ASP M 837 0.14 -33.65 36.46
N MET M 838 -0.91 -34.30 36.96
CA MET M 838 -0.88 -35.75 37.07
C MET M 838 -1.01 -36.42 35.70
N ASP M 839 -1.69 -35.78 34.76
CA ASP M 839 -1.80 -36.33 33.41
C ASP M 839 -0.44 -36.44 32.75
N GLU M 840 0.40 -35.42 32.92
CA GLU M 840 1.74 -35.46 32.35
C GLU M 840 2.57 -36.58 32.97
N GLU M 841 2.44 -36.77 34.29
CA GLU M 841 3.24 -37.78 34.97
C GLU M 841 2.88 -39.19 34.50
N MET M 842 1.63 -39.41 34.09
CA MET M 842 1.22 -40.71 33.58
C MET M 842 1.36 -40.82 32.06
N SER M 843 1.88 -39.80 31.39
CA SER M 843 2.07 -39.85 29.95
C SER M 843 3.40 -40.45 29.55
N GLY M 844 4.22 -40.87 30.51
CA GLY M 844 5.52 -41.45 30.22
C GLY M 844 6.60 -41.03 31.19
N ARG N 13 -41.18 -11.99 18.40
CA ARG N 13 -41.82 -10.70 18.24
C ARG N 13 -42.08 -10.41 16.76
N LEU N 14 -41.35 -9.44 16.22
CA LEU N 14 -41.40 -9.11 14.80
C LEU N 14 -40.04 -9.24 14.15
N ARG N 15 -39.09 -9.85 14.85
CA ARG N 15 -37.76 -10.13 14.35
C ARG N 15 -37.81 -11.21 13.29
N PRO N 16 -36.76 -11.38 12.49
CA PRO N 16 -36.74 -12.48 11.53
C PRO N 16 -36.94 -13.81 12.23
N THR N 17 -37.74 -14.67 11.62
CA THR N 17 -38.09 -15.93 12.25
C THR N 17 -36.86 -16.81 12.44
N GLU N 18 -36.78 -17.46 13.58
CA GLU N 18 -35.72 -18.41 13.88
C GLU N 18 -36.33 -19.80 13.99
N THR N 19 -35.65 -20.78 13.39
CA THR N 19 -36.18 -22.14 13.35
C THR N 19 -35.01 -23.12 13.39
N THR N 20 -35.33 -24.35 13.79
CA THR N 20 -34.33 -25.39 13.93
C THR N 20 -34.30 -26.36 12.76
N GLU N 21 -35.06 -26.09 11.70
CA GLU N 21 -35.08 -26.98 10.55
C GLU N 21 -35.47 -26.18 9.30
N GLN N 22 -35.16 -26.76 8.15
CA GLN N 22 -35.60 -26.21 6.87
C GLN N 22 -35.56 -27.34 5.85
N VAL N 23 -36.73 -27.78 5.38
CA VAL N 23 -36.78 -28.88 4.43
C VAL N 23 -36.26 -28.39 3.08
N LEU N 24 -35.33 -29.14 2.50
CA LEU N 24 -34.75 -28.76 1.21
C LEU N 24 -35.38 -29.54 0.08
N VAL N 25 -35.30 -30.87 0.15
CA VAL N 25 -35.98 -31.77 -0.77
C VAL N 25 -37.03 -32.48 0.07
N ASN N 26 -38.30 -32.09 -0.08
CA ASN N 26 -39.34 -32.63 0.80
C ASN N 26 -39.84 -33.97 0.31
N PHE N 27 -40.15 -34.07 -0.98
CA PHE N 27 -40.84 -35.24 -1.54
C PHE N 27 -42.15 -35.42 -0.75
N THR N 28 -42.66 -36.64 -0.68
CA THR N 28 -43.84 -36.99 0.12
C THR N 28 -45.07 -36.14 -0.24
N LYS N 29 -45.04 -35.44 -1.36
CA LYS N 29 -46.11 -34.55 -1.76
C LYS N 29 -46.52 -34.82 -3.19
N PRO N 30 -47.78 -34.54 -3.54
CA PRO N 30 -48.20 -34.70 -4.94
C PRO N 30 -47.29 -34.01 -5.94
N ASN N 31 -46.83 -32.79 -5.64
CA ASN N 31 -46.00 -32.06 -6.59
C ASN N 31 -44.54 -32.50 -6.50
N SER N 32 -43.92 -32.25 -5.35
CA SER N 32 -42.56 -32.70 -5.02
C SER N 32 -41.57 -32.64 -6.17
N LEU N 33 -41.79 -33.47 -7.20
CA LEU N 33 -40.84 -33.60 -8.30
C LEU N 33 -40.64 -32.30 -9.07
N GLU N 34 -41.59 -31.36 -8.97
CA GLU N 34 -41.41 -30.06 -9.60
C GLU N 34 -40.31 -29.25 -8.94
N THR N 35 -39.93 -29.60 -7.71
CA THR N 35 -38.91 -28.86 -6.98
C THR N 35 -37.49 -29.21 -7.41
N VAL N 36 -37.29 -30.33 -8.08
CA VAL N 36 -35.97 -30.83 -8.42
C VAL N 36 -35.89 -31.16 -9.90
N LEU N 37 -34.68 -31.11 -10.44
CA LEU N 37 -34.36 -31.54 -11.80
C LEU N 37 -33.30 -32.63 -11.74
N THR N 38 -32.97 -33.18 -12.91
CA THR N 38 -31.96 -34.23 -13.01
C THR N 38 -31.01 -33.91 -14.16
N LYS N 39 -29.80 -34.46 -14.05
CA LYS N 39 -28.78 -34.29 -15.10
C LYS N 39 -27.93 -35.56 -15.13
N CYS N 40 -27.98 -36.28 -16.25
CA CYS N 40 -27.09 -37.40 -16.51
C CYS N 40 -26.01 -36.96 -17.48
N ASP N 41 -25.20 -37.92 -17.93
CA ASP N 41 -24.16 -37.61 -18.91
C ASP N 41 -24.69 -37.57 -20.33
N GLU N 42 -26.01 -37.70 -20.52
CA GLU N 42 -26.60 -37.46 -21.83
C GLU N 42 -26.43 -36.02 -22.27
N GLU N 43 -26.14 -35.11 -21.33
CA GLU N 43 -25.68 -33.78 -21.70
C GLU N 43 -24.36 -33.84 -22.45
N LEU N 44 -23.46 -34.72 -22.01
CA LEU N 44 -22.31 -35.10 -22.80
C LEU N 44 -22.75 -36.18 -23.80
N GLY N 45 -21.79 -36.84 -24.45
CA GLY N 45 -22.15 -37.90 -25.37
C GLY N 45 -22.29 -39.25 -24.68
N GLY N 46 -22.36 -39.24 -23.36
CA GLY N 46 -22.37 -40.48 -22.60
C GLY N 46 -23.69 -41.24 -22.73
N TYR N 47 -23.69 -42.45 -22.17
CA TYR N 47 -24.83 -43.34 -22.25
C TYR N 47 -25.49 -43.60 -20.90
N SER N 48 -25.04 -42.94 -19.83
CA SER N 48 -25.69 -43.07 -18.55
C SER N 48 -27.07 -42.44 -18.60
N THR N 49 -28.02 -43.04 -17.88
CA THR N 49 -29.39 -42.58 -17.86
C THR N 49 -29.81 -42.24 -16.44
N VAL N 50 -30.62 -41.19 -16.31
CA VAL N 50 -31.14 -40.76 -15.02
C VAL N 50 -32.65 -40.57 -15.17
N ASN N 51 -33.38 -40.93 -14.12
CA ASN N 51 -34.83 -40.74 -14.10
C ASN N 51 -35.30 -40.77 -12.65
N LEU N 52 -36.18 -39.82 -12.30
CA LEU N 52 -36.63 -39.62 -10.94
C LEU N 52 -38.10 -40.02 -10.85
N ALA N 53 -38.41 -40.97 -9.98
CA ALA N 53 -39.76 -41.48 -9.81
C ALA N 53 -40.34 -40.96 -8.49
N LEU N 54 -41.58 -41.37 -8.23
CA LEU N 54 -42.29 -40.96 -7.02
C LEU N 54 -43.14 -42.14 -6.56
N GLU N 55 -42.76 -42.75 -5.45
CA GLU N 55 -43.46 -43.91 -4.91
C GLU N 55 -44.25 -43.52 -3.68
N ARG N 56 -45.54 -43.86 -3.66
CA ARG N 56 -46.43 -43.55 -2.55
C ARG N 56 -47.17 -44.81 -2.13
N PRO N 57 -46.47 -45.76 -1.50
CA PRO N 57 -47.14 -47.01 -1.11
C PRO N 57 -47.84 -46.89 0.24
N THR N 58 -48.44 -47.99 0.68
CA THR N 58 -49.08 -48.03 1.99
C THR N 58 -48.03 -48.37 3.06
N THR N 59 -48.50 -48.61 4.28
CA THR N 59 -47.69 -48.97 5.45
C THR N 59 -46.36 -48.23 5.50
N GLY N 60 -46.37 -46.95 5.17
CA GLY N 60 -45.16 -46.16 5.18
C GLY N 60 -45.36 -44.81 4.56
N LYS N 61 -44.33 -43.98 4.68
CA LYS N 61 -44.32 -42.62 4.18
C LYS N 61 -43.82 -42.60 2.73
N PRO N 62 -44.49 -41.86 1.84
CA PRO N 62 -44.10 -41.88 0.42
C PRO N 62 -42.74 -41.23 0.20
N TYR N 63 -41.97 -41.82 -0.70
CA TYR N 63 -40.59 -41.41 -0.93
C TYR N 63 -40.33 -41.22 -2.42
N GLY N 64 -39.21 -40.57 -2.72
CA GLY N 64 -38.72 -40.44 -4.07
C GLY N 64 -37.77 -41.57 -4.43
N ARG N 65 -37.62 -41.79 -5.73
CA ARG N 65 -36.77 -42.86 -6.24
C ARG N 65 -35.82 -42.30 -7.28
N PHE N 66 -34.52 -42.58 -7.10
CA PHE N 66 -33.47 -42.02 -7.94
C PHE N 66 -32.61 -43.18 -8.45
N PHE N 67 -32.93 -43.68 -9.64
CA PHE N 67 -32.30 -44.87 -10.20
C PHE N 67 -31.79 -44.59 -11.60
N GLY N 68 -31.14 -45.58 -12.18
CA GLY N 68 -30.61 -45.45 -13.53
C GLY N 68 -29.40 -46.35 -13.72
N ASN N 69 -28.75 -46.17 -14.86
CA ASN N 69 -27.55 -46.90 -15.23
C ASN N 69 -26.39 -45.93 -15.42
N LEU N 70 -25.19 -46.38 -15.05
CA LEU N 70 -24.02 -45.50 -15.07
C LEU N 70 -22.92 -46.04 -15.97
N SER N 71 -23.26 -46.44 -17.19
CA SER N 71 -22.26 -46.93 -18.13
C SER N 71 -21.17 -45.89 -18.33
N LEU N 72 -19.92 -46.29 -18.09
CA LEU N 72 -18.78 -45.40 -18.14
C LEU N 72 -18.12 -45.31 -19.51
N ASP N 73 -18.69 -45.98 -20.52
CA ASP N 73 -18.08 -45.99 -21.85
C ASP N 73 -17.99 -44.56 -22.39
N LEU N 74 -16.83 -44.25 -22.97
CA LEU N 74 -16.60 -42.91 -23.47
C LEU N 74 -17.50 -42.61 -24.67
N PRO N 75 -17.80 -41.34 -24.90
CA PRO N 75 -18.69 -40.98 -26.02
C PRO N 75 -18.00 -41.04 -27.36
N LYS N 76 -18.01 -42.19 -28.02
CA LYS N 76 -17.38 -42.28 -29.34
C LYS N 76 -18.26 -41.56 -30.36
N ASP N 77 -18.46 -40.26 -30.11
CA ASP N 77 -19.05 -39.34 -31.07
C ASP N 77 -18.36 -37.99 -31.02
N ASN N 78 -17.33 -37.84 -30.18
CA ASN N 78 -16.57 -36.62 -30.02
C ASN N 78 -15.27 -37.01 -29.32
N LYS N 79 -14.35 -36.05 -29.16
CA LYS N 79 -13.01 -36.38 -28.70
C LYS N 79 -12.49 -35.55 -27.54
N MET N 80 -12.93 -34.28 -27.38
CA MET N 80 -12.31 -33.42 -26.38
C MET N 80 -12.59 -33.86 -24.95
N VAL N 81 -13.55 -34.78 -24.74
CA VAL N 81 -13.80 -35.27 -23.39
C VAL N 81 -12.72 -36.30 -23.01
N THR N 82 -12.57 -36.52 -21.71
CA THR N 82 -11.63 -37.52 -21.21
C THR N 82 -12.26 -38.52 -20.25
N ARG N 83 -13.20 -38.12 -19.41
CA ARG N 83 -13.82 -39.05 -18.46
C ARG N 83 -15.29 -38.67 -18.29
N SER N 84 -16.17 -39.66 -18.38
CA SER N 84 -17.61 -39.43 -18.31
C SER N 84 -18.26 -40.40 -17.33
N GLY N 85 -19.60 -40.44 -17.31
CA GLY N 85 -20.30 -41.36 -16.45
C GLY N 85 -20.80 -40.78 -15.14
N PHE N 86 -21.62 -39.74 -15.20
CA PHE N 86 -22.26 -39.17 -14.02
C PHE N 86 -23.78 -39.18 -14.17
N ALA N 87 -24.45 -39.03 -13.03
CA ALA N 87 -25.92 -38.92 -12.98
C ALA N 87 -26.28 -38.31 -11.64
N MET N 88 -27.00 -37.19 -11.66
CA MET N 88 -27.25 -36.43 -10.45
C MET N 88 -28.64 -35.81 -10.50
N PHE N 89 -29.11 -35.36 -9.34
CA PHE N 89 -30.27 -34.51 -9.23
C PHE N 89 -29.99 -33.41 -8.22
N ARG N 90 -30.66 -32.27 -8.40
CA ARG N 90 -30.44 -31.13 -7.53
C ARG N 90 -31.74 -30.34 -7.41
N THR N 91 -31.79 -29.48 -6.39
CA THR N 91 -32.89 -28.55 -6.27
C THR N 91 -32.85 -27.54 -7.40
N LEU N 92 -34.03 -27.06 -7.81
CA LEU N 92 -34.10 -26.04 -8.85
C LEU N 92 -33.28 -24.83 -8.44
N ASP N 93 -32.59 -24.22 -9.41
CA ASP N 93 -31.81 -23.04 -9.12
C ASP N 93 -32.68 -21.94 -8.50
N GLN N 94 -32.13 -21.26 -7.52
CA GLN N 94 -32.92 -20.38 -6.68
C GLN N 94 -33.39 -19.18 -7.52
N PRO N 95 -34.68 -18.93 -7.64
CA PRO N 95 -35.14 -17.79 -8.46
C PRO N 95 -34.93 -16.46 -7.77
N SER N 96 -34.02 -15.66 -8.31
CA SER N 96 -33.73 -14.31 -7.81
C SER N 96 -34.00 -13.35 -8.97
N SER N 97 -35.21 -12.79 -8.99
CA SER N 97 -35.61 -11.97 -10.14
C SER N 97 -35.37 -10.47 -9.90
N MET N 98 -36.10 -9.87 -8.96
CA MET N 98 -35.90 -8.45 -8.70
C MET N 98 -35.96 -8.07 -7.23
N PHE N 99 -36.68 -8.84 -6.41
CA PHE N 99 -36.97 -8.37 -5.05
C PHE N 99 -36.82 -9.42 -3.97
N LYS N 100 -36.86 -10.71 -4.26
CA LYS N 100 -36.89 -11.73 -3.23
C LYS N 100 -35.50 -11.86 -2.59
N THR N 101 -35.36 -12.87 -1.73
CA THR N 101 -34.16 -13.03 -0.91
C THR N 101 -32.90 -13.08 -1.76
N ASN N 102 -32.77 -14.16 -2.55
CA ASN N 102 -31.71 -14.47 -3.51
C ASN N 102 -31.27 -15.91 -3.37
N ALA N 103 -31.18 -16.41 -2.13
CA ALA N 103 -30.64 -17.73 -1.87
C ALA N 103 -31.11 -18.18 -0.49
N TRP N 104 -30.54 -19.28 -0.02
CA TRP N 104 -30.87 -19.85 1.28
C TRP N 104 -29.92 -19.32 2.35
N ASN N 105 -30.41 -19.31 3.59
CA ASN N 105 -29.62 -18.92 4.75
C ASN N 105 -29.44 -20.16 5.63
N TRP N 106 -28.19 -20.57 5.82
CA TRP N 106 -27.86 -21.77 6.60
C TRP N 106 -26.99 -21.41 7.79
N GLU N 107 -27.14 -20.20 8.31
CA GLU N 107 -26.24 -19.70 9.34
C GLU N 107 -26.63 -20.18 10.74
N GLN N 108 -27.75 -20.90 10.88
CA GLN N 108 -28.17 -21.41 12.19
C GLN N 108 -28.48 -22.90 12.15
N TYR N 109 -27.84 -23.66 11.26
CA TYR N 109 -28.16 -25.08 11.13
C TYR N 109 -27.00 -25.99 11.52
N ARG N 110 -25.83 -25.84 10.90
CA ARG N 110 -24.64 -26.64 11.14
C ARG N 110 -24.79 -28.12 10.78
N HIS N 111 -25.95 -28.55 10.30
CA HIS N 111 -26.15 -29.93 9.90
C HIS N 111 -27.11 -29.97 8.73
N LEU N 112 -27.11 -31.11 8.03
CA LEU N 112 -28.17 -31.42 7.09
C LEU N 112 -28.48 -32.91 7.21
N GLU N 113 -29.72 -33.23 7.55
CA GLU N 113 -30.17 -34.60 7.77
C GLU N 113 -31.01 -35.05 6.59
N LEU N 114 -30.77 -36.26 6.12
CA LEU N 114 -31.55 -36.82 5.03
C LEU N 114 -31.79 -38.30 5.28
N ARG N 115 -33.00 -38.75 4.98
CA ARG N 115 -33.49 -40.07 5.34
C ARG N 115 -33.60 -40.88 4.06
N VAL N 116 -32.94 -42.04 4.00
CA VAL N 116 -32.73 -42.71 2.73
C VAL N 116 -32.40 -44.17 2.97
N ARG N 117 -32.84 -45.04 2.05
CA ARG N 117 -32.33 -46.40 1.94
C ARG N 117 -31.24 -46.36 0.88
N GLY N 118 -30.12 -47.00 1.14
CA GLY N 118 -29.00 -46.98 0.23
C GLY N 118 -28.71 -48.32 -0.42
N ASP N 119 -27.61 -48.35 -1.16
CA ASP N 119 -27.10 -49.57 -1.77
C ASP N 119 -25.58 -49.44 -1.88
N ARG N 120 -24.97 -50.31 -2.67
CA ARG N 120 -23.51 -50.41 -2.74
C ARG N 120 -22.87 -49.20 -3.43
N ARG N 121 -23.69 -48.36 -4.04
CA ARG N 121 -23.18 -47.21 -4.79
C ARG N 121 -22.70 -46.13 -3.83
N LYS N 122 -21.78 -45.30 -4.32
CA LYS N 122 -21.15 -44.26 -3.52
C LYS N 122 -21.64 -42.89 -3.99
N TYR N 123 -22.65 -42.37 -3.31
CA TYR N 123 -23.24 -41.10 -3.68
C TYR N 123 -22.55 -39.94 -2.97
N PHE N 124 -22.66 -38.75 -3.56
CA PHE N 124 -22.08 -37.53 -3.03
C PHE N 124 -23.20 -36.52 -2.79
N VAL N 125 -23.14 -35.83 -1.66
CA VAL N 125 -24.04 -34.72 -1.40
C VAL N 125 -23.39 -33.46 -1.94
N ASN N 126 -24.02 -32.86 -2.96
CA ASN N 126 -23.45 -31.73 -3.67
C ASN N 126 -24.19 -30.45 -3.28
N VAL N 127 -23.44 -29.44 -2.87
CA VAL N 127 -23.98 -28.16 -2.45
C VAL N 127 -23.38 -27.07 -3.33
N GLN N 128 -24.23 -26.19 -3.85
CA GLN N 128 -23.80 -25.03 -4.61
C GLN N 128 -24.11 -23.78 -3.81
N SER N 129 -23.10 -22.96 -3.59
CA SER N 129 -23.23 -21.75 -2.77
C SER N 129 -22.46 -20.62 -3.43
N ALA N 130 -22.59 -19.43 -2.84
CA ALA N 130 -21.93 -18.26 -3.39
C ALA N 130 -20.42 -18.44 -3.34
N THR N 131 -19.76 -18.10 -4.45
CA THR N 131 -18.33 -18.31 -4.59
C THR N 131 -17.82 -17.41 -5.69
N PRO N 132 -16.63 -16.82 -5.55
CA PRO N 132 -16.09 -16.00 -6.64
C PRO N 132 -16.01 -16.73 -7.97
N LEU N 133 -15.62 -18.01 -7.96
CA LEU N 133 -15.52 -18.79 -9.18
C LEU N 133 -16.91 -19.30 -9.56
N ALA N 134 -17.02 -19.99 -10.69
CA ALA N 134 -18.30 -20.42 -11.22
C ALA N 134 -18.63 -21.86 -10.92
N SER N 135 -17.70 -22.78 -11.13
CA SER N 135 -17.96 -24.21 -11.00
C SER N 135 -17.52 -24.78 -9.66
N ASP N 136 -17.32 -23.93 -8.65
CA ASP N 136 -16.97 -24.45 -7.32
C ASP N 136 -18.15 -25.20 -6.71
N LEU N 137 -17.83 -26.31 -6.05
CA LEU N 137 -18.82 -27.18 -5.45
C LEU N 137 -18.35 -27.61 -4.07
N TYR N 138 -19.26 -27.57 -3.10
CA TYR N 138 -19.01 -28.12 -1.77
C TYR N 138 -19.69 -29.49 -1.71
N GLN N 139 -18.90 -30.55 -1.66
CA GLN N 139 -19.43 -31.90 -1.73
C GLN N 139 -18.84 -32.77 -0.64
N HIS N 140 -19.70 -33.53 0.03
CA HIS N 140 -19.31 -34.50 1.04
C HIS N 140 -20.00 -35.82 0.74
N ARG N 141 -19.27 -36.92 0.85
CA ARG N 141 -19.82 -38.21 0.48
C ARG N 141 -20.95 -38.62 1.41
N LEU N 142 -22.00 -39.19 0.83
CA LEU N 142 -23.15 -39.68 1.58
C LEU N 142 -22.84 -41.09 2.07
N PHE N 143 -22.41 -41.19 3.33
CA PHE N 143 -21.99 -42.46 3.91
C PHE N 143 -23.22 -43.29 4.24
N ILE N 144 -23.54 -44.24 3.37
CA ILE N 144 -24.65 -45.16 3.60
C ILE N 144 -24.13 -46.30 4.48
N GLN N 145 -24.51 -46.28 5.76
CA GLN N 145 -24.03 -47.30 6.68
C GLN N 145 -24.84 -48.58 6.55
N THR N 146 -26.16 -48.47 6.60
CA THR N 146 -27.04 -49.64 6.53
C THR N 146 -27.68 -49.72 5.16
N PRO N 147 -27.28 -50.66 4.30
CA PRO N 147 -27.89 -50.76 2.98
C PRO N 147 -29.25 -51.44 3.06
N GLY N 148 -30.20 -50.91 2.29
CA GLY N 148 -31.52 -51.47 2.20
C GLY N 148 -32.50 -50.99 3.25
N GLU N 149 -32.01 -50.35 4.31
CA GLU N 149 -32.86 -49.83 5.37
C GLU N 149 -32.68 -48.32 5.47
N TRP N 150 -33.72 -47.64 5.93
CA TRP N 150 -33.67 -46.18 6.05
C TRP N 150 -32.70 -45.77 7.14
N GLU N 151 -31.93 -44.72 6.85
CA GLU N 151 -31.00 -44.16 7.82
C GLU N 151 -31.00 -42.65 7.70
N THR N 152 -31.03 -41.95 8.84
CA THR N 152 -31.04 -40.49 8.87
C THR N 152 -29.60 -40.01 8.99
N VAL N 153 -28.85 -40.15 7.90
CA VAL N 153 -27.44 -39.78 7.91
C VAL N 153 -27.31 -38.26 8.01
N VAL N 154 -26.58 -37.79 9.01
CA VAL N 154 -26.38 -36.37 9.23
C VAL N 154 -24.96 -35.99 8.81
N ILE N 155 -24.85 -34.90 8.05
CA ILE N 155 -23.57 -34.40 7.57
C ILE N 155 -23.39 -33.00 8.12
N PRO N 156 -22.35 -32.72 8.90
CA PRO N 156 -22.13 -31.36 9.39
C PRO N 156 -21.85 -30.41 8.24
N ILE N 157 -22.42 -29.20 8.33
CA ILE N 157 -22.29 -28.23 7.25
C ILE N 157 -20.83 -27.82 7.07
N ASP N 158 -20.14 -27.53 8.16
CA ASP N 158 -18.75 -27.11 8.07
C ASP N 158 -17.80 -28.31 8.01
N ASP N 159 -18.13 -29.27 7.15
CA ASP N 159 -17.23 -30.35 6.78
C ASP N 159 -17.24 -30.64 5.28
N PHE N 160 -18.06 -29.94 4.50
CA PHE N 160 -18.02 -30.08 3.06
C PHE N 160 -16.70 -29.53 2.53
N ILE N 161 -16.19 -30.17 1.48
CA ILE N 161 -14.88 -29.85 0.93
C ILE N 161 -15.09 -29.15 -0.41
N LEU N 162 -14.48 -27.99 -0.56
CA LEU N 162 -14.61 -27.21 -1.78
C LEU N 162 -13.91 -27.92 -2.95
N THR N 163 -14.63 -28.10 -4.05
CA THR N 163 -14.07 -28.68 -5.26
C THR N 163 -14.48 -27.83 -6.45
N ASN N 164 -13.52 -27.52 -7.31
CA ASN N 164 -13.77 -26.95 -8.63
C ASN N 164 -13.28 -27.95 -9.67
N LYS N 165 -14.13 -28.25 -10.65
CA LYS N 165 -13.86 -29.19 -11.72
C LYS N 165 -13.66 -30.61 -11.20
N GLY N 166 -13.94 -30.87 -9.93
CA GLY N 166 -13.67 -32.17 -9.35
C GLY N 166 -12.33 -32.30 -8.67
N VAL N 167 -11.65 -31.19 -8.38
CA VAL N 167 -10.33 -31.19 -7.77
C VAL N 167 -10.43 -30.50 -6.42
N VAL N 168 -9.92 -31.16 -5.37
CA VAL N 168 -9.86 -30.53 -4.06
C VAL N 168 -8.98 -29.29 -4.14
N GLN N 169 -9.38 -28.24 -3.41
CA GLN N 169 -8.72 -26.96 -3.54
C GLN N 169 -8.44 -26.31 -2.19
N GLU N 170 -8.04 -25.03 -2.20
CA GLU N 170 -7.82 -24.29 -0.97
C GLU N 170 -9.10 -24.28 -0.14
N GLN N 171 -9.07 -24.91 1.02
CA GLN N 171 -10.26 -25.14 1.82
C GLN N 171 -10.67 -23.84 2.52
N MET N 172 -11.47 -23.06 1.82
CA MET N 172 -12.09 -21.89 2.42
C MET N 172 -13.53 -22.23 2.81
N ALA N 173 -13.98 -21.64 3.90
CA ALA N 173 -15.27 -22.03 4.48
C ALA N 173 -16.41 -21.69 3.53
N MET N 174 -17.48 -22.48 3.63
CA MET N 174 -18.69 -22.23 2.85
C MET N 174 -19.34 -20.92 3.28
N ASP N 175 -19.96 -20.25 2.31
CA ASP N 175 -20.74 -19.04 2.58
C ASP N 175 -22.17 -19.44 2.89
N THR N 176 -22.38 -19.82 4.16
CA THR N 176 -23.68 -20.34 4.58
C THR N 176 -24.79 -19.31 4.46
N ALA N 177 -24.46 -18.02 4.43
CA ALA N 177 -25.48 -17.00 4.27
C ALA N 177 -26.06 -16.98 2.86
N ASN N 178 -25.37 -17.56 1.88
CA ASN N 178 -25.82 -17.56 0.50
C ASN N 178 -25.57 -18.95 -0.09
N VAL N 179 -26.60 -19.80 -0.02
CA VAL N 179 -26.55 -21.16 -0.57
C VAL N 179 -27.65 -21.29 -1.61
N TYR N 180 -27.31 -21.88 -2.75
CA TYR N 180 -28.22 -21.91 -3.89
C TYR N 180 -28.97 -23.23 -3.99
N THR N 181 -28.26 -24.35 -4.13
CA THR N 181 -28.90 -25.64 -4.38
C THR N 181 -28.21 -26.73 -3.56
N VAL N 182 -28.95 -27.81 -3.33
CA VAL N 182 -28.43 -29.00 -2.69
C VAL N 182 -28.88 -30.21 -3.51
N GLY N 183 -27.99 -31.19 -3.64
CA GLY N 183 -28.31 -32.34 -4.46
C GLY N 183 -27.44 -33.53 -4.17
N ILE N 184 -27.82 -34.66 -4.76
CA ILE N 184 -27.10 -35.92 -4.63
C ILE N 184 -26.72 -36.39 -6.03
N GLY N 185 -25.47 -36.80 -6.19
CA GLY N 185 -24.96 -37.19 -7.49
C GLY N 185 -24.03 -38.38 -7.41
N LEU N 186 -23.82 -39.00 -8.56
CA LEU N 186 -22.92 -40.14 -8.71
C LEU N 186 -21.72 -39.72 -9.55
N ILE N 187 -20.53 -39.83 -8.97
CA ILE N 187 -19.29 -39.64 -9.71
C ILE N 187 -18.45 -40.90 -9.53
N ASP N 188 -19.10 -41.99 -9.12
CA ASP N 188 -18.40 -43.23 -8.87
C ASP N 188 -17.90 -43.82 -10.18
N ARG N 189 -16.65 -44.24 -10.21
CA ARG N 189 -16.02 -44.80 -11.40
C ARG N 189 -16.23 -46.33 -11.42
N GLN N 190 -17.49 -46.73 -11.57
CA GLN N 190 -17.84 -48.14 -11.66
C GLN N 190 -19.12 -48.27 -12.48
N TYR N 191 -19.19 -49.35 -13.26
CA TYR N 191 -20.38 -49.65 -14.07
C TYR N 191 -21.50 -50.15 -13.18
N GLY N 192 -22.69 -50.28 -13.78
CA GLY N 192 -23.79 -50.98 -13.14
C GLY N 192 -24.97 -50.11 -12.78
N PRO N 193 -26.12 -50.74 -12.58
CA PRO N 193 -27.32 -50.00 -12.15
C PRO N 193 -27.14 -49.41 -10.77
N TYR N 194 -27.89 -48.34 -10.50
CA TYR N 194 -27.84 -47.66 -9.21
C TYR N 194 -29.26 -47.34 -8.77
N ASN N 195 -29.43 -47.15 -7.46
CA ASN N 195 -30.73 -46.81 -6.91
C ASN N 195 -30.53 -46.10 -5.57
N LEU N 196 -31.44 -45.19 -5.26
CA LEU N 196 -31.37 -44.42 -4.01
C LEU N 196 -32.75 -43.83 -3.76
N ASP N 197 -33.38 -44.22 -2.65
CA ASP N 197 -34.74 -43.80 -2.33
C ASP N 197 -34.68 -42.80 -1.18
N ILE N 198 -34.93 -41.53 -1.50
CA ILE N 198 -34.90 -40.43 -0.54
C ILE N 198 -36.34 -40.02 -0.24
N GLU N 199 -36.62 -39.63 1.01
CA GLU N 199 -37.94 -39.13 1.32
C GLU N 199 -37.92 -37.78 2.05
N TYR N 200 -36.76 -37.28 2.47
CA TYR N 200 -36.63 -35.86 2.76
C TYR N 200 -35.15 -35.51 2.83
N ILE N 201 -34.87 -34.21 2.67
CA ILE N 201 -33.56 -33.64 2.93
C ILE N 201 -33.78 -32.30 3.61
N LYS N 202 -33.25 -32.14 4.83
CA LYS N 202 -33.43 -30.91 5.58
C LYS N 202 -32.16 -30.57 6.34
N ALA N 203 -32.00 -29.29 6.64
CA ALA N 203 -30.90 -28.81 7.46
C ALA N 203 -31.39 -28.61 8.89
N VAL N 204 -30.72 -29.26 9.84
CA VAL N 204 -31.19 -29.35 11.23
C VAL N 204 -30.22 -28.62 12.13
N ALA N 205 -30.74 -27.82 13.05
CA ALA N 205 -29.92 -27.08 14.00
C ALA N 205 -29.22 -28.04 14.97
N HIS N 206 -28.34 -27.47 15.78
CA HIS N 206 -27.52 -28.24 16.69
C HIS N 206 -28.38 -29.04 17.67
N PRO N 207 -28.19 -30.35 17.75
CA PRO N 207 -28.91 -31.14 18.75
C PRO N 207 -28.16 -31.17 20.07
N PRO N 208 -28.86 -31.11 21.19
CA PRO N 208 -28.19 -31.26 22.49
C PRO N 208 -27.68 -32.69 22.65
N LEU N 209 -26.69 -32.83 23.54
CA LEU N 209 -26.08 -34.13 23.76
C LEU N 209 -27.10 -35.14 24.26
N GLU N 210 -27.08 -36.33 23.67
CA GLU N 210 -27.97 -37.42 24.04
C GLU N 210 -27.13 -38.66 24.28
N PHE N 211 -27.68 -39.59 25.07
CA PHE N 211 -26.97 -40.81 25.42
C PHE N 211 -27.88 -42.01 25.31
N LYS N 212 -28.74 -42.01 24.30
CA LYS N 212 -29.60 -43.12 23.93
C LYS N 212 -29.40 -43.39 22.44
N PRO N 213 -29.59 -44.63 21.98
CA PRO N 213 -29.38 -44.92 20.55
C PRO N 213 -30.25 -44.05 19.67
N LYS N 214 -31.56 -44.16 19.85
CA LYS N 214 -32.56 -43.34 19.16
C LYS N 214 -33.93 -43.76 19.67
N LYS N 215 -34.96 -43.02 19.28
CA LYS N 215 -36.34 -43.44 19.50
C LYS N 215 -36.83 -44.37 18.39
N GLU N 216 -36.32 -44.24 17.18
CA GLU N 216 -36.69 -45.09 16.07
C GLU N 216 -36.04 -46.47 16.13
N TYR N 217 -34.94 -46.61 16.87
CA TYR N 217 -34.30 -47.91 17.05
C TYR N 217 -33.99 -48.09 18.53
N GLU N 218 -34.29 -49.28 19.05
CA GLU N 218 -34.24 -49.51 20.49
C GLU N 218 -33.80 -50.95 20.73
N VAL N 219 -33.29 -51.20 21.94
CA VAL N 219 -32.84 -52.52 22.35
C VAL N 219 -33.47 -52.85 23.70
N GLU N 220 -33.58 -54.16 23.96
CA GLU N 220 -34.25 -54.63 25.16
C GLU N 220 -33.59 -54.09 26.42
N LYS N 221 -34.39 -53.60 27.34
CA LYS N 221 -33.90 -53.05 28.61
C LYS N 221 -35.01 -53.14 29.64
N GLU N 222 -34.73 -52.62 30.84
CA GLU N 222 -35.71 -52.67 31.92
C GLU N 222 -36.81 -51.64 31.76
N THR N 223 -36.60 -50.62 30.91
CA THR N 223 -37.58 -49.55 30.69
C THR N 223 -37.93 -48.84 32.00
N ILE N 224 -36.91 -48.19 32.55
CA ILE N 224 -37.07 -47.49 33.83
C ILE N 224 -38.10 -46.39 33.72
N LEU N 225 -38.15 -45.70 32.58
CA LEU N 225 -39.11 -44.61 32.39
C LEU N 225 -40.54 -45.15 32.49
N LEU N 226 -41.41 -44.36 33.14
CA LEU N 226 -42.79 -44.76 33.33
C LEU N 226 -43.53 -44.77 31.99
N THR N 227 -44.29 -45.83 31.75
CA THR N 227 -45.05 -45.93 30.51
C THR N 227 -46.19 -44.91 30.52
N PRO N 228 -46.53 -44.31 29.37
CA PRO N 228 -47.63 -43.35 29.30
C PRO N 228 -49.01 -44.03 29.36
#